data_7YGW
# 
_entry.id   7YGW 
# 
_audit_conform.dict_name       mmcif_pdbx.dic 
_audit_conform.dict_version    5.392 
_audit_conform.dict_location   http://mmcif.pdb.org/dictionaries/ascii/mmcif_pdbx.dic 
# 
loop_
_database_2.database_id 
_database_2.database_code 
_database_2.pdbx_database_accession 
_database_2.pdbx_DOI 
PDB   7YGW         pdb_00007ygw 10.2210/pdb7ygw/pdb 
WWPDB D_1300030867 ?            ?                   
# 
loop_
_pdbx_audit_revision_history.ordinal 
_pdbx_audit_revision_history.data_content_type 
_pdbx_audit_revision_history.major_revision 
_pdbx_audit_revision_history.minor_revision 
_pdbx_audit_revision_history.revision_date 
1 'Structure model' 1 0 2023-03-15 
2 'Structure model' 1 1 2024-05-29 
# 
_pdbx_audit_revision_details.ordinal             1 
_pdbx_audit_revision_details.revision_ordinal    1 
_pdbx_audit_revision_details.data_content_type   'Structure model' 
_pdbx_audit_revision_details.provider            repository 
_pdbx_audit_revision_details.type                'Initial release' 
_pdbx_audit_revision_details.description         ? 
_pdbx_audit_revision_details.details             ? 
# 
_pdbx_audit_revision_group.ordinal             1 
_pdbx_audit_revision_group.revision_ordinal    2 
_pdbx_audit_revision_group.data_content_type   'Structure model' 
_pdbx_audit_revision_group.group               'Data collection' 
# 
loop_
_pdbx_audit_revision_category.ordinal 
_pdbx_audit_revision_category.revision_ordinal 
_pdbx_audit_revision_category.data_content_type 
_pdbx_audit_revision_category.category 
1 2 'Structure model' chem_comp_atom 
2 2 'Structure model' chem_comp_bond 
# 
_pdbx_database_status.status_code                     REL 
_pdbx_database_status.status_code_sf                  REL 
_pdbx_database_status.status_code_mr                  ? 
_pdbx_database_status.entry_id                        7YGW 
_pdbx_database_status.recvd_initial_deposition_date   2022-07-12 
_pdbx_database_status.SG_entry                        N 
_pdbx_database_status.deposit_site                    PDBJ 
_pdbx_database_status.process_site                    PDBJ 
_pdbx_database_status.status_code_cs                  ? 
_pdbx_database_status.status_code_nmr_data            ? 
_pdbx_database_status.methods_development_category    ? 
_pdbx_database_status.pdb_format_compatible           Y 
# 
_pdbx_contact_author.id                 2 
_pdbx_contact_author.email              eom@gist.ac.kr 
_pdbx_contact_author.name_first         'Soo Hyun' 
_pdbx_contact_author.name_last          Eom 
_pdbx_contact_author.name_mi            ? 
_pdbx_contact_author.role               'principal investigator/group leader' 
_pdbx_contact_author.identifier_ORCID   0000-0002-1272-5805 
# 
loop_
_audit_author.name 
_audit_author.pdbx_ordinal 
_audit_author.identifier_ORCID 
'Mun, S.A.'  1 ? 
'Park, J.'   2 ? 
'Kang, J.Y.' 3 ? 
'Park, T.'   4 ? 
'Jin, M.'    5 ? 
'Yang, J.'   6 ? 
'Eom, S.H.'  7 ? 
# 
_citation.abstract                  ? 
_citation.abstract_id_CAS           ? 
_citation.book_id_ISBN              ? 
_citation.book_publisher            ? 
_citation.book_publisher_city       ? 
_citation.book_title                ? 
_citation.coordinate_linkage        ? 
_citation.country                   UK 
_citation.database_id_Medline       ? 
_citation.details                   ? 
_citation.id                        primary 
_citation.journal_abbrev            Iucrj 
_citation.journal_id_ASTM           ? 
_citation.journal_id_CSD            ? 
_citation.journal_id_ISSN           2052-2525 
_citation.journal_full              ? 
_citation.journal_issue             ? 
_citation.journal_volume            10 
_citation.language                  ? 
_citation.page_first                233 
_citation.page_last                 245 
_citation.title                     'Structural and biochemical insights into Zn 2+ -bound EF-hand proteins, EFhd1 and EFhd2.' 
_citation.year                      2023 
_citation.database_id_CSD           ? 
_citation.pdbx_database_id_DOI      10.1107/S2052252523001501 
_citation.pdbx_database_id_PubMed   36862489 
_citation.pdbx_database_id_patent   ? 
_citation.unpublished_flag          ? 
# 
loop_
_citation_author.citation_id 
_citation_author.name 
_citation_author.ordinal 
_citation_author.identifier_ORCID 
primary 'Mun, S.A.'  1 0000-0002-2614-2221 
primary 'Park, J.'   2 0000-0003-2564-5422 
primary 'Kang, J.Y.' 3 ?                   
primary 'Park, T.'   4 0000-0002-7779-9282 
primary 'Jin, M.'    5 0000-0003-0076-4345 
primary 'Yang, J.'   6 ?                   
primary 'Eom, S.H.'  7 0000-0002-1272-5805 
# 
loop_
_entity.id 
_entity.type 
_entity.src_method 
_entity.pdbx_description 
_entity.formula_weight 
_entity.pdbx_number_of_molecules 
_entity.pdbx_ec 
_entity.pdbx_mutation 
_entity.pdbx_fragment 
_entity.details 
1 polymer     man 'EF-hand domain-containing protein D1' 14592.832 1  ? ? ? 
'[GAMGS + EFhd1(69-193)](GAMGS: the cleaved site after GST-TEV tag cleavage)' 
2 non-polymer syn 'ZINC ION'                             65.409    4  ? ? ? ? 
3 non-polymer syn GLYCEROL                               92.094    1  ? ? ? ? 
4 water       nat water                                  18.015    32 ? ? ? ? 
# 
_entity_name_com.entity_id   1 
_entity_name_com.name        'EF-hand domain-containing protein 1,Mitocalcin,Swiprosin-2' 
# 
_entity_poly.entity_id                      1 
_entity_poly.type                           'polypeptide(L)' 
_entity_poly.nstd_linkage                   no 
_entity_poly.nstd_monomer                   no 
_entity_poly.pdbx_seq_one_letter_code       
;GAMGSGTARPGRSKVFNPYTEFPEFSRRLLKDLEKMFKTYDAGRDGFIDLMELKLMMEKLGAPQTHLGLKSMIKEVDEDF
DGKLSFREFLLIFHKAAAGELQEDSGLLALAKFSEIDVALEGVRGAKNFF
;
_entity_poly.pdbx_seq_one_letter_code_can   
;GAMGSGTARPGRSKVFNPYTEFPEFSRRLLKDLEKMFKTYDAGRDGFIDLMELKLMMEKLGAPQTHLGLKSMIKEVDEDF
DGKLSFREFLLIFHKAAAGELQEDSGLLALAKFSEIDVALEGVRGAKNFF
;
_entity_poly.pdbx_strand_id                 A 
_entity_poly.pdbx_target_identifier         ? 
# 
loop_
_pdbx_entity_nonpoly.entity_id 
_pdbx_entity_nonpoly.name 
_pdbx_entity_nonpoly.comp_id 
2 'ZINC ION' ZN  
3 GLYCEROL   GOL 
4 water      HOH 
# 
loop_
_entity_poly_seq.entity_id 
_entity_poly_seq.num 
_entity_poly_seq.mon_id 
_entity_poly_seq.hetero 
1 1   GLY n 
1 2   ALA n 
1 3   MET n 
1 4   GLY n 
1 5   SER n 
1 6   GLY n 
1 7   THR n 
1 8   ALA n 
1 9   ARG n 
1 10  PRO n 
1 11  GLY n 
1 12  ARG n 
1 13  SER n 
1 14  LYS n 
1 15  VAL n 
1 16  PHE n 
1 17  ASN n 
1 18  PRO n 
1 19  TYR n 
1 20  THR n 
1 21  GLU n 
1 22  PHE n 
1 23  PRO n 
1 24  GLU n 
1 25  PHE n 
1 26  SER n 
1 27  ARG n 
1 28  ARG n 
1 29  LEU n 
1 30  LEU n 
1 31  LYS n 
1 32  ASP n 
1 33  LEU n 
1 34  GLU n 
1 35  LYS n 
1 36  MET n 
1 37  PHE n 
1 38  LYS n 
1 39  THR n 
1 40  TYR n 
1 41  ASP n 
1 42  ALA n 
1 43  GLY n 
1 44  ARG n 
1 45  ASP n 
1 46  GLY n 
1 47  PHE n 
1 48  ILE n 
1 49  ASP n 
1 50  LEU n 
1 51  MET n 
1 52  GLU n 
1 53  LEU n 
1 54  LYS n 
1 55  LEU n 
1 56  MET n 
1 57  MET n 
1 58  GLU n 
1 59  LYS n 
1 60  LEU n 
1 61  GLY n 
1 62  ALA n 
1 63  PRO n 
1 64  GLN n 
1 65  THR n 
1 66  HIS n 
1 67  LEU n 
1 68  GLY n 
1 69  LEU n 
1 70  LYS n 
1 71  SER n 
1 72  MET n 
1 73  ILE n 
1 74  LYS n 
1 75  GLU n 
1 76  VAL n 
1 77  ASP n 
1 78  GLU n 
1 79  ASP n 
1 80  PHE n 
1 81  ASP n 
1 82  GLY n 
1 83  LYS n 
1 84  LEU n 
1 85  SER n 
1 86  PHE n 
1 87  ARG n 
1 88  GLU n 
1 89  PHE n 
1 90  LEU n 
1 91  LEU n 
1 92  ILE n 
1 93  PHE n 
1 94  HIS n 
1 95  LYS n 
1 96  ALA n 
1 97  ALA n 
1 98  ALA n 
1 99  GLY n 
1 100 GLU n 
1 101 LEU n 
1 102 GLN n 
1 103 GLU n 
1 104 ASP n 
1 105 SER n 
1 106 GLY n 
1 107 LEU n 
1 108 LEU n 
1 109 ALA n 
1 110 LEU n 
1 111 ALA n 
1 112 LYS n 
1 113 PHE n 
1 114 SER n 
1 115 GLU n 
1 116 ILE n 
1 117 ASP n 
1 118 VAL n 
1 119 ALA n 
1 120 LEU n 
1 121 GLU n 
1 122 GLY n 
1 123 VAL n 
1 124 ARG n 
1 125 GLY n 
1 126 ALA n 
1 127 LYS n 
1 128 ASN n 
1 129 PHE n 
1 130 PHE n 
# 
_entity_src_gen.entity_id                          1 
_entity_src_gen.pdbx_src_id                        1 
_entity_src_gen.pdbx_alt_source_flag               sample 
_entity_src_gen.pdbx_seq_type                      'Biological sequence' 
_entity_src_gen.pdbx_beg_seq_num                   1 
_entity_src_gen.pdbx_end_seq_num                   130 
_entity_src_gen.gene_src_common_name               'house mouse' 
_entity_src_gen.gene_src_genus                     ? 
_entity_src_gen.pdbx_gene_src_gene                 'Efhd1, Sws2' 
_entity_src_gen.gene_src_species                   ? 
_entity_src_gen.gene_src_strain                    ? 
_entity_src_gen.gene_src_tissue                    ? 
_entity_src_gen.gene_src_tissue_fraction           ? 
_entity_src_gen.gene_src_details                   ? 
_entity_src_gen.pdbx_gene_src_fragment             ? 
_entity_src_gen.pdbx_gene_src_scientific_name      'Mus musculus' 
_entity_src_gen.pdbx_gene_src_ncbi_taxonomy_id     10090 
_entity_src_gen.pdbx_gene_src_variant              ? 
_entity_src_gen.pdbx_gene_src_cell_line            ? 
_entity_src_gen.pdbx_gene_src_atcc                 ? 
_entity_src_gen.pdbx_gene_src_organ                ? 
_entity_src_gen.pdbx_gene_src_organelle            ? 
_entity_src_gen.pdbx_gene_src_cell                 ? 
_entity_src_gen.pdbx_gene_src_cellular_location    ? 
_entity_src_gen.host_org_common_name               ? 
_entity_src_gen.pdbx_host_org_scientific_name      'Escherichia coli BL21(DE3)' 
_entity_src_gen.pdbx_host_org_ncbi_taxonomy_id     469008 
_entity_src_gen.host_org_genus                     ? 
_entity_src_gen.pdbx_host_org_gene                 ? 
_entity_src_gen.pdbx_host_org_organ                ? 
_entity_src_gen.host_org_species                   ? 
_entity_src_gen.pdbx_host_org_tissue               ? 
_entity_src_gen.pdbx_host_org_tissue_fraction      ? 
_entity_src_gen.pdbx_host_org_strain               'BL21(DE3)' 
_entity_src_gen.pdbx_host_org_variant              ? 
_entity_src_gen.pdbx_host_org_cell_line            ? 
_entity_src_gen.pdbx_host_org_atcc                 ? 
_entity_src_gen.pdbx_host_org_culture_collection   ? 
_entity_src_gen.pdbx_host_org_cell                 ? 
_entity_src_gen.pdbx_host_org_organelle            ? 
_entity_src_gen.pdbx_host_org_cellular_location    ? 
_entity_src_gen.pdbx_host_org_vector_type          ? 
_entity_src_gen.pdbx_host_org_vector               ? 
_entity_src_gen.host_org_details                   ? 
_entity_src_gen.expression_system_id               ? 
_entity_src_gen.plasmid_name                       ? 
_entity_src_gen.plasmid_details                    ? 
_entity_src_gen.pdbx_description                   ? 
# 
loop_
_chem_comp.id 
_chem_comp.type 
_chem_comp.mon_nstd_flag 
_chem_comp.name 
_chem_comp.pdbx_synonyms 
_chem_comp.formula 
_chem_comp.formula_weight 
ALA 'L-peptide linking' y ALANINE         ?                               'C3 H7 N O2'     89.093  
ARG 'L-peptide linking' y ARGININE        ?                               'C6 H15 N4 O2 1' 175.209 
ASN 'L-peptide linking' y ASPARAGINE      ?                               'C4 H8 N2 O3'    132.118 
ASP 'L-peptide linking' y 'ASPARTIC ACID' ?                               'C4 H7 N O4'     133.103 
GLN 'L-peptide linking' y GLUTAMINE       ?                               'C5 H10 N2 O3'   146.144 
GLU 'L-peptide linking' y 'GLUTAMIC ACID' ?                               'C5 H9 N O4'     147.129 
GLY 'peptide linking'   y GLYCINE         ?                               'C2 H5 N O2'     75.067  
GOL non-polymer         . GLYCEROL        'GLYCERIN; PROPANE-1,2,3-TRIOL' 'C3 H8 O3'       92.094  
HIS 'L-peptide linking' y HISTIDINE       ?                               'C6 H10 N3 O2 1' 156.162 
HOH non-polymer         . WATER           ?                               'H2 O'           18.015  
ILE 'L-peptide linking' y ISOLEUCINE      ?                               'C6 H13 N O2'    131.173 
LEU 'L-peptide linking' y LEUCINE         ?                               'C6 H13 N O2'    131.173 
LYS 'L-peptide linking' y LYSINE          ?                               'C6 H15 N2 O2 1' 147.195 
MET 'L-peptide linking' y METHIONINE      ?                               'C5 H11 N O2 S'  149.211 
PHE 'L-peptide linking' y PHENYLALANINE   ?                               'C9 H11 N O2'    165.189 
PRO 'L-peptide linking' y PROLINE         ?                               'C5 H9 N O2'     115.130 
SER 'L-peptide linking' y SERINE          ?                               'C3 H7 N O3'     105.093 
THR 'L-peptide linking' y THREONINE       ?                               'C4 H9 N O3'     119.119 
TYR 'L-peptide linking' y TYROSINE        ?                               'C9 H11 N O3'    181.189 
VAL 'L-peptide linking' y VALINE          ?                               'C5 H11 N O2'    117.146 
ZN  non-polymer         . 'ZINC ION'      ?                               'Zn 2'           65.409  
# 
loop_
_pdbx_poly_seq_scheme.asym_id 
_pdbx_poly_seq_scheme.entity_id 
_pdbx_poly_seq_scheme.seq_id 
_pdbx_poly_seq_scheme.mon_id 
_pdbx_poly_seq_scheme.ndb_seq_num 
_pdbx_poly_seq_scheme.pdb_seq_num 
_pdbx_poly_seq_scheme.auth_seq_num 
_pdbx_poly_seq_scheme.pdb_mon_id 
_pdbx_poly_seq_scheme.auth_mon_id 
_pdbx_poly_seq_scheme.pdb_strand_id 
_pdbx_poly_seq_scheme.pdb_ins_code 
_pdbx_poly_seq_scheme.hetero 
A 1 1   GLY 1   64  ?   ?   ?   A . n 
A 1 2   ALA 2   65  ?   ?   ?   A . n 
A 1 3   MET 3   66  ?   ?   ?   A . n 
A 1 4   GLY 4   67  ?   ?   ?   A . n 
A 1 5   SER 5   68  ?   ?   ?   A . n 
A 1 6   GLY 6   69  ?   ?   ?   A . n 
A 1 7   THR 7   70  ?   ?   ?   A . n 
A 1 8   ALA 8   71  ?   ?   ?   A . n 
A 1 9   ARG 9   72  ?   ?   ?   A . n 
A 1 10  PRO 10  73  ?   ?   ?   A . n 
A 1 11  GLY 11  74  ?   ?   ?   A . n 
A 1 12  ARG 12  75  ?   ?   ?   A . n 
A 1 13  SER 13  76  ?   ?   ?   A . n 
A 1 14  LYS 14  77  ?   ?   ?   A . n 
A 1 15  VAL 15  78  ?   ?   ?   A . n 
A 1 16  PHE 16  79  79  PHE PHE A . n 
A 1 17  ASN 17  80  80  ASN ASN A . n 
A 1 18  PRO 18  81  81  PRO PRO A . n 
A 1 19  TYR 19  82  82  TYR TYR A . n 
A 1 20  THR 20  83  83  THR THR A . n 
A 1 21  GLU 21  84  84  GLU GLU A . n 
A 1 22  PHE 22  85  85  PHE PHE A . n 
A 1 23  PRO 23  86  86  PRO PRO A . n 
A 1 24  GLU 24  87  87  GLU GLU A . n 
A 1 25  PHE 25  88  88  PHE PHE A . n 
A 1 26  SER 26  89  89  SER SER A . n 
A 1 27  ARG 27  90  90  ARG ARG A . n 
A 1 28  ARG 28  91  91  ARG ARG A . n 
A 1 29  LEU 29  92  92  LEU LEU A . n 
A 1 30  LEU 30  93  93  LEU LEU A . n 
A 1 31  LYS 31  94  94  LYS LYS A . n 
A 1 32  ASP 32  95  95  ASP ASP A . n 
A 1 33  LEU 33  96  96  LEU LEU A . n 
A 1 34  GLU 34  97  97  GLU GLU A . n 
A 1 35  LYS 35  98  98  LYS LYS A . n 
A 1 36  MET 36  99  99  MET MET A . n 
A 1 37  PHE 37  100 100 PHE PHE A . n 
A 1 38  LYS 38  101 101 LYS LYS A . n 
A 1 39  THR 39  102 102 THR THR A . n 
A 1 40  TYR 40  103 103 TYR TYR A . n 
A 1 41  ASP 41  104 104 ASP ASP A . n 
A 1 42  ALA 42  105 105 ALA ALA A . n 
A 1 43  GLY 43  106 106 GLY GLY A . n 
A 1 44  ARG 44  107 107 ARG ARG A . n 
A 1 45  ASP 45  108 108 ASP ASP A . n 
A 1 46  GLY 46  109 109 GLY GLY A . n 
A 1 47  PHE 47  110 110 PHE PHE A . n 
A 1 48  ILE 48  111 111 ILE ILE A . n 
A 1 49  ASP 49  112 112 ASP ASP A . n 
A 1 50  LEU 50  113 113 LEU LEU A . n 
A 1 51  MET 51  114 114 MET MET A . n 
A 1 52  GLU 52  115 115 GLU GLU A . n 
A 1 53  LEU 53  116 116 LEU LEU A . n 
A 1 54  LYS 54  117 117 LYS LYS A . n 
A 1 55  LEU 55  118 118 LEU LEU A . n 
A 1 56  MET 56  119 119 MET MET A . n 
A 1 57  MET 57  120 120 MET MET A . n 
A 1 58  GLU 58  121 121 GLU GLU A . n 
A 1 59  LYS 59  122 122 LYS LYS A . n 
A 1 60  LEU 60  123 123 LEU LEU A . n 
A 1 61  GLY 61  124 124 GLY GLY A . n 
A 1 62  ALA 62  125 125 ALA ALA A . n 
A 1 63  PRO 63  126 126 PRO PRO A . n 
A 1 64  GLN 64  127 127 GLN GLN A . n 
A 1 65  THR 65  128 128 THR THR A . n 
A 1 66  HIS 66  129 129 HIS HIS A . n 
A 1 67  LEU 67  130 130 LEU LEU A . n 
A 1 68  GLY 68  131 131 GLY GLY A . n 
A 1 69  LEU 69  132 132 LEU LEU A . n 
A 1 70  LYS 70  133 133 LYS LYS A . n 
A 1 71  SER 71  134 134 SER SER A . n 
A 1 72  MET 72  135 135 MET MET A . n 
A 1 73  ILE 73  136 136 ILE ILE A . n 
A 1 74  LYS 74  137 137 LYS LYS A . n 
A 1 75  GLU 75  138 138 GLU GLU A . n 
A 1 76  VAL 76  139 139 VAL VAL A . n 
A 1 77  ASP 77  140 140 ASP ASP A . n 
A 1 78  GLU 78  141 141 GLU GLU A . n 
A 1 79  ASP 79  142 142 ASP ASP A . n 
A 1 80  PHE 80  143 143 PHE PHE A . n 
A 1 81  ASP 81  144 144 ASP ASP A . n 
A 1 82  GLY 82  145 145 GLY GLY A . n 
A 1 83  LYS 83  146 146 LYS LYS A . n 
A 1 84  LEU 84  147 147 LEU LEU A . n 
A 1 85  SER 85  148 148 SER SER A . n 
A 1 86  PHE 86  149 149 PHE PHE A . n 
A 1 87  ARG 87  150 150 ARG ARG A . n 
A 1 88  GLU 88  151 151 GLU GLU A . n 
A 1 89  PHE 89  152 152 PHE PHE A . n 
A 1 90  LEU 90  153 153 LEU LEU A . n 
A 1 91  LEU 91  154 154 LEU LEU A . n 
A 1 92  ILE 92  155 155 ILE ILE A . n 
A 1 93  PHE 93  156 156 PHE PHE A . n 
A 1 94  HIS 94  157 157 HIS HIS A . n 
A 1 95  LYS 95  158 158 LYS LYS A . n 
A 1 96  ALA 96  159 159 ALA ALA A . n 
A 1 97  ALA 97  160 160 ALA ALA A . n 
A 1 98  ALA 98  161 161 ALA ALA A . n 
A 1 99  GLY 99  162 162 GLY GLY A . n 
A 1 100 GLU 100 163 163 GLU GLU A . n 
A 1 101 LEU 101 164 164 LEU LEU A . n 
A 1 102 GLN 102 165 165 GLN GLN A . n 
A 1 103 GLU 103 166 166 GLU GLU A . n 
A 1 104 ASP 104 167 167 ASP ASP A . n 
A 1 105 SER 105 168 168 SER SER A . n 
A 1 106 GLY 106 169 169 GLY GLY A . n 
A 1 107 LEU 107 170 170 LEU LEU A . n 
A 1 108 LEU 108 171 171 LEU LEU A . n 
A 1 109 ALA 109 172 172 ALA ALA A . n 
A 1 110 LEU 110 173 173 LEU LEU A . n 
A 1 111 ALA 111 174 174 ALA ALA A . n 
A 1 112 LYS 112 175 175 LYS LYS A . n 
A 1 113 PHE 113 176 176 PHE PHE A . n 
A 1 114 SER 114 177 177 SER SER A . n 
A 1 115 GLU 115 178 178 GLU GLU A . n 
A 1 116 ILE 116 179 179 ILE ILE A . n 
A 1 117 ASP 117 180 180 ASP ASP A . n 
A 1 118 VAL 118 181 ?   ?   ?   A . n 
A 1 119 ALA 119 182 ?   ?   ?   A . n 
A 1 120 LEU 120 183 ?   ?   ?   A . n 
A 1 121 GLU 121 184 ?   ?   ?   A . n 
A 1 122 GLY 122 185 ?   ?   ?   A . n 
A 1 123 VAL 123 186 ?   ?   ?   A . n 
A 1 124 ARG 124 187 ?   ?   ?   A . n 
A 1 125 GLY 125 188 ?   ?   ?   A . n 
A 1 126 ALA 126 189 ?   ?   ?   A . n 
A 1 127 LYS 127 190 ?   ?   ?   A . n 
A 1 128 ASN 128 191 ?   ?   ?   A . n 
A 1 129 PHE 129 192 ?   ?   ?   A . n 
A 1 130 PHE 130 193 ?   ?   ?   A . n 
# 
loop_
_pdbx_nonpoly_scheme.asym_id 
_pdbx_nonpoly_scheme.entity_id 
_pdbx_nonpoly_scheme.mon_id 
_pdbx_nonpoly_scheme.ndb_seq_num 
_pdbx_nonpoly_scheme.pdb_seq_num 
_pdbx_nonpoly_scheme.auth_seq_num 
_pdbx_nonpoly_scheme.pdb_mon_id 
_pdbx_nonpoly_scheme.auth_mon_id 
_pdbx_nonpoly_scheme.pdb_strand_id 
_pdbx_nonpoly_scheme.pdb_ins_code 
B 2 ZN  1  201 1  ZN  ZN  A . 
C 2 ZN  1  202 2  ZN  ZN  A . 
D 2 ZN  1  203 3  ZN  ZN  A . 
E 2 ZN  1  204 4  ZN  ZN  A . 
F 3 GOL 1  205 1  GOL GOL A . 
G 4 HOH 1  301 18 HOH HOH A . 
G 4 HOH 2  302 30 HOH HOH A . 
G 4 HOH 3  303 2  HOH HOH A . 
G 4 HOH 4  304 24 HOH HOH A . 
G 4 HOH 5  305 15 HOH HOH A . 
G 4 HOH 6  306 17 HOH HOH A . 
G 4 HOH 7  307 12 HOH HOH A . 
G 4 HOH 8  308 28 HOH HOH A . 
G 4 HOH 9  309 14 HOH HOH A . 
G 4 HOH 10 310 9  HOH HOH A . 
G 4 HOH 11 311 27 HOH HOH A . 
G 4 HOH 12 312 6  HOH HOH A . 
G 4 HOH 13 313 26 HOH HOH A . 
G 4 HOH 14 314 4  HOH HOH A . 
G 4 HOH 15 315 10 HOH HOH A . 
G 4 HOH 16 316 29 HOH HOH A . 
G 4 HOH 17 317 19 HOH HOH A . 
G 4 HOH 18 318 3  HOH HOH A . 
G 4 HOH 19 319 7  HOH HOH A . 
G 4 HOH 20 320 5  HOH HOH A . 
G 4 HOH 21 321 1  HOH HOH A . 
G 4 HOH 22 322 25 HOH HOH A . 
G 4 HOH 23 323 16 HOH HOH A . 
G 4 HOH 24 324 13 HOH HOH A . 
G 4 HOH 25 325 8  HOH HOH A . 
G 4 HOH 26 326 11 HOH HOH A . 
G 4 HOH 27 327 31 HOH HOH A . 
G 4 HOH 28 328 22 HOH HOH A . 
G 4 HOH 29 329 21 HOH HOH A . 
G 4 HOH 30 330 20 HOH HOH A . 
G 4 HOH 31 331 32 HOH HOH A . 
G 4 HOH 32 332 23 HOH HOH A . 
# 
loop_
_pdbx_unobs_or_zero_occ_atoms.id 
_pdbx_unobs_or_zero_occ_atoms.PDB_model_num 
_pdbx_unobs_or_zero_occ_atoms.polymer_flag 
_pdbx_unobs_or_zero_occ_atoms.occupancy_flag 
_pdbx_unobs_or_zero_occ_atoms.auth_asym_id 
_pdbx_unobs_or_zero_occ_atoms.auth_comp_id 
_pdbx_unobs_or_zero_occ_atoms.auth_seq_id 
_pdbx_unobs_or_zero_occ_atoms.PDB_ins_code 
_pdbx_unobs_or_zero_occ_atoms.auth_atom_id 
_pdbx_unobs_or_zero_occ_atoms.label_alt_id 
_pdbx_unobs_or_zero_occ_atoms.label_asym_id 
_pdbx_unobs_or_zero_occ_atoms.label_comp_id 
_pdbx_unobs_or_zero_occ_atoms.label_seq_id 
_pdbx_unobs_or_zero_occ_atoms.label_atom_id 
1  1 Y 1 A ARG 107 ? CG  ? A ARG 44 CG  
2  1 Y 1 A ARG 107 ? CD  ? A ARG 44 CD  
3  1 Y 1 A ARG 107 ? NE  ? A ARG 44 NE  
4  1 Y 1 A ARG 107 ? CZ  ? A ARG 44 CZ  
5  1 Y 1 A ARG 107 ? NH1 ? A ARG 44 NH1 
6  1 Y 1 A ARG 107 ? NH2 ? A ARG 44 NH2 
7  1 Y 1 A GLU 121 ? CG  ? A GLU 58 CG  
8  1 Y 1 A GLU 121 ? CD  ? A GLU 58 CD  
9  1 Y 1 A GLU 121 ? OE1 ? A GLU 58 OE1 
10 1 Y 1 A GLU 121 ? OE2 ? A GLU 58 OE2 
11 1 Y 1 A LYS 122 ? CG  ? A LYS 59 CG  
12 1 Y 1 A LYS 122 ? CD  ? A LYS 59 CD  
13 1 Y 1 A LYS 122 ? CE  ? A LYS 59 CE  
14 1 Y 1 A LYS 122 ? NZ  ? A LYS 59 NZ  
# 
loop_
_software.citation_id 
_software.classification 
_software.compiler_name 
_software.compiler_version 
_software.contact_author 
_software.contact_author_email 
_software.date 
_software.description 
_software.dependencies 
_software.hardware 
_software.language 
_software.location 
_software.mods 
_software.name 
_software.os 
_software.os_version 
_software.type 
_software.version 
_software.pdbx_ordinal 
? refinement       ? ? ? ? ? ? ? ? ? ? ? PHENIX   ? ? ? 1.19.2_4158 1 
? 'data scaling'   ? ? ? ? ? ? ? ? ? ? ? HKL-2000 ? ? ? .           2 
? phasing          ? ? ? ? ? ? ? ? ? ? ? PHENIX   ? ? ? 1.20.1-4487 3 
? 'model building' ? ? ? ? ? ? ? ? ? ? ? Coot     ? ? ? 0.8.6.1     4 
? 'data reduction' ? ? ? ? ? ? ? ? ? ? ? HKL-2000 ? ? ? .           5 
# 
_cell.angle_alpha                  90.000 
_cell.angle_alpha_esd              ? 
_cell.angle_beta                   90.000 
_cell.angle_beta_esd               ? 
_cell.angle_gamma                  90.000 
_cell.angle_gamma_esd              ? 
_cell.entry_id                     7YGW 
_cell.details                      ? 
_cell.formula_units_Z              ? 
_cell.length_a                     43.959 
_cell.length_a_esd                 ? 
_cell.length_b                     47.393 
_cell.length_b_esd                 ? 
_cell.length_c                     63.399 
_cell.length_c_esd                 ? 
_cell.volume                       132082.236 
_cell.volume_esd                   ? 
_cell.Z_PDB                        4 
_cell.reciprocal_angle_alpha       ? 
_cell.reciprocal_angle_beta        ? 
_cell.reciprocal_angle_gamma       ? 
_cell.reciprocal_angle_alpha_esd   ? 
_cell.reciprocal_angle_beta_esd    ? 
_cell.reciprocal_angle_gamma_esd   ? 
_cell.reciprocal_length_a          ? 
_cell.reciprocal_length_b          ? 
_cell.reciprocal_length_c          ? 
_cell.reciprocal_length_a_esd      ? 
_cell.reciprocal_length_b_esd      ? 
_cell.reciprocal_length_c_esd      ? 
_cell.pdbx_unique_axis             ? 
_cell.pdbx_esd_method              ? 
# 
_symmetry.entry_id                         7YGW 
_symmetry.cell_setting                     ? 
_symmetry.Int_Tables_number                19 
_symmetry.space_group_name_Hall            'P 2ac 2ab' 
_symmetry.space_group_name_H-M             'P 21 21 21' 
_symmetry.pdbx_full_space_group_name_H-M   ? 
# 
_exptl.absorpt_coefficient_mu     ? 
_exptl.absorpt_correction_T_max   ? 
_exptl.absorpt_correction_T_min   ? 
_exptl.absorpt_correction_type    ? 
_exptl.absorpt_process_details    ? 
_exptl.entry_id                   7YGW 
_exptl.crystals_number            1 
_exptl.details                    ? 
_exptl.method                     'X-RAY DIFFRACTION' 
_exptl.method_details             ? 
# 
_exptl_crystal.colour                       ? 
_exptl_crystal.density_diffrn               ? 
_exptl_crystal.density_Matthews             2.26 
_exptl_crystal.density_method               ? 
_exptl_crystal.density_percent_sol          45.6 
_exptl_crystal.description                  ? 
_exptl_crystal.F_000                        ? 
_exptl_crystal.id                           1 
_exptl_crystal.preparation                  ? 
_exptl_crystal.size_max                     ? 
_exptl_crystal.size_mid                     ? 
_exptl_crystal.size_min                     ? 
_exptl_crystal.size_rad                     ? 
_exptl_crystal.colour_lustre                ? 
_exptl_crystal.colour_modifier              ? 
_exptl_crystal.colour_primary               ? 
_exptl_crystal.density_meas                 ? 
_exptl_crystal.density_meas_esd             ? 
_exptl_crystal.density_meas_gt              ? 
_exptl_crystal.density_meas_lt              ? 
_exptl_crystal.density_meas_temp            ? 
_exptl_crystal.density_meas_temp_esd        ? 
_exptl_crystal.density_meas_temp_gt         ? 
_exptl_crystal.density_meas_temp_lt         ? 
_exptl_crystal.pdbx_crystal_image_url       ? 
_exptl_crystal.pdbx_crystal_image_format    ? 
_exptl_crystal.pdbx_mosaicity               ? 
_exptl_crystal.pdbx_mosaicity_esd           ? 
_exptl_crystal.pdbx_mosaic_method           ? 
_exptl_crystal.pdbx_mosaic_block_size       ? 
_exptl_crystal.pdbx_mosaic_block_size_esd   ? 
# 
_exptl_crystal_grow.apparatus       ? 
_exptl_crystal_grow.atmosphere      ? 
_exptl_crystal_grow.crystal_id      1 
_exptl_crystal_grow.details         ? 
_exptl_crystal_grow.method          'VAPOR DIFFUSION, SITTING DROP' 
_exptl_crystal_grow.method_ref      ? 
_exptl_crystal_grow.pH              8.5 
_exptl_crystal_grow.pressure        ? 
_exptl_crystal_grow.pressure_esd    ? 
_exptl_crystal_grow.seeding         ? 
_exptl_crystal_grow.seeding_ref     ? 
_exptl_crystal_grow.temp_details    ? 
_exptl_crystal_grow.temp_esd        ? 
_exptl_crystal_grow.time            ? 
_exptl_crystal_grow.pdbx_details    '0.1 M Tris-HCl pH 8.5, 2.5 mM ZnSO4, 25% (w/v) Jeffamine ED-2001' 
_exptl_crystal_grow.pdbx_pH_range   ? 
_exptl_crystal_grow.temp            293 
# 
_diffrn.ambient_environment              ? 
_diffrn.ambient_temp                     100 
_diffrn.ambient_temp_details             ? 
_diffrn.ambient_temp_esd                 ? 
_diffrn.crystal_id                       1 
_diffrn.crystal_support                  ? 
_diffrn.crystal_treatment                ? 
_diffrn.details                          ? 
_diffrn.id                               1 
_diffrn.ambient_pressure                 ? 
_diffrn.ambient_pressure_esd             ? 
_diffrn.ambient_pressure_gt              ? 
_diffrn.ambient_pressure_lt              ? 
_diffrn.ambient_temp_gt                  ? 
_diffrn.ambient_temp_lt                  ? 
_diffrn.pdbx_serial_crystal_experiment   N 
# 
_diffrn_detector.details                      ? 
_diffrn_detector.detector                     PIXEL 
_diffrn_detector.diffrn_id                    1 
_diffrn_detector.type                         'DECTRIS EIGER X 9M' 
_diffrn_detector.area_resol_mean              ? 
_diffrn_detector.dtime                        ? 
_diffrn_detector.pdbx_frames_total            ? 
_diffrn_detector.pdbx_collection_time_total   ? 
_diffrn_detector.pdbx_collection_date         2020-06-03 
_diffrn_detector.pdbx_frequency               ? 
# 
_diffrn_radiation.collimation                      ? 
_diffrn_radiation.diffrn_id                        1 
_diffrn_radiation.filter_edge                      ? 
_diffrn_radiation.inhomogeneity                    ? 
_diffrn_radiation.monochromator                    ? 
_diffrn_radiation.polarisn_norm                    ? 
_diffrn_radiation.polarisn_ratio                   ? 
_diffrn_radiation.probe                            ? 
_diffrn_radiation.type                             ? 
_diffrn_radiation.xray_symbol                      ? 
_diffrn_radiation.wavelength_id                    1 
_diffrn_radiation.pdbx_monochromatic_or_laue_m_l   M 
_diffrn_radiation.pdbx_wavelength_list             ? 
_diffrn_radiation.pdbx_wavelength                  ? 
_diffrn_radiation.pdbx_diffrn_protocol             'SINGLE WAVELENGTH' 
_diffrn_radiation.pdbx_analyzer                    ? 
_diffrn_radiation.pdbx_scattering_type             x-ray 
# 
_diffrn_radiation_wavelength.id           1 
_diffrn_radiation_wavelength.wavelength   1.28255 
_diffrn_radiation_wavelength.wt           1.0 
# 
_diffrn_source.current                     ? 
_diffrn_source.details                     ? 
_diffrn_source.diffrn_id                   1 
_diffrn_source.power                       ? 
_diffrn_source.size                        ? 
_diffrn_source.source                      SYNCHROTRON 
_diffrn_source.target                      ? 
_diffrn_source.type                        'PAL/PLS BEAMLINE 5C (4A)' 
_diffrn_source.voltage                     ? 
_diffrn_source.take-off_angle              ? 
_diffrn_source.pdbx_wavelength_list        1.28255 
_diffrn_source.pdbx_wavelength             ? 
_diffrn_source.pdbx_synchrotron_beamline   '5C (4A)' 
_diffrn_source.pdbx_synchrotron_site       PAL/PLS 
# 
_reflns.B_iso_Wilson_estimate                          19.1 
_reflns.entry_id                                       7YGW 
_reflns.data_reduction_details                         ? 
_reflns.data_reduction_method                          ? 
_reflns.d_resolution_high                              1.72 
_reflns.d_resolution_low                               50.0 
_reflns.details                                        ? 
_reflns.limit_h_max                                    ? 
_reflns.limit_h_min                                    ? 
_reflns.limit_k_max                                    ? 
_reflns.limit_k_min                                    ? 
_reflns.limit_l_max                                    ? 
_reflns.limit_l_min                                    ? 
_reflns.number_all                                     ? 
_reflns.number_obs                                     14577 
_reflns.observed_criterion                             ? 
_reflns.observed_criterion_F_max                       ? 
_reflns.observed_criterion_F_min                       ? 
_reflns.observed_criterion_I_max                       ? 
_reflns.observed_criterion_I_min                       ? 
_reflns.observed_criterion_sigma_F                     ? 
_reflns.observed_criterion_sigma_I                     ? 
_reflns.percent_possible_obs                           99.5 
_reflns.R_free_details                                 ? 
_reflns.Rmerge_F_all                                   ? 
_reflns.Rmerge_F_obs                                   ? 
_reflns.Friedel_coverage                               ? 
_reflns.number_gt                                      ? 
_reflns.threshold_expression                           ? 
_reflns.pdbx_redundancy                                12.5 
_reflns.pdbx_netI_over_av_sigmaI                       ? 
_reflns.pdbx_netI_over_sigmaI                          24.4 
_reflns.pdbx_res_netI_over_av_sigmaI_2                 ? 
_reflns.pdbx_res_netI_over_sigmaI_2                    ? 
_reflns.pdbx_chi_squared                               ? 
_reflns.pdbx_scaling_rejects                           ? 
_reflns.pdbx_d_res_high_opt                            ? 
_reflns.pdbx_d_res_low_opt                             ? 
_reflns.pdbx_d_res_opt_method                          ? 
_reflns.phase_calculation_details                      ? 
_reflns.pdbx_Rrim_I_all                                ? 
_reflns.pdbx_Rpim_I_all                                ? 
_reflns.pdbx_d_opt                                     ? 
_reflns.pdbx_number_measured_all                       ? 
_reflns.pdbx_diffrn_id                                 1 
_reflns.pdbx_ordinal                                   1 
_reflns.pdbx_CC_half                                   1.00 
_reflns.pdbx_CC_star                                   ? 
_reflns.pdbx_R_split                                   ? 
_reflns.pdbx_Rmerge_I_obs                              0.079 
_reflns.pdbx_Rmerge_I_all                              ? 
_reflns.pdbx_Rsym_value                                ? 
_reflns.pdbx_CC_split_method                           ? 
_reflns.pdbx_aniso_diffraction_limit_axis_1_ortho[1]   ? 
_reflns.pdbx_aniso_diffraction_limit_axis_1_ortho[2]   ? 
_reflns.pdbx_aniso_diffraction_limit_axis_1_ortho[3]   ? 
_reflns.pdbx_aniso_diffraction_limit_axis_2_ortho[1]   ? 
_reflns.pdbx_aniso_diffraction_limit_axis_2_ortho[2]   ? 
_reflns.pdbx_aniso_diffraction_limit_axis_2_ortho[3]   ? 
_reflns.pdbx_aniso_diffraction_limit_axis_3_ortho[1]   ? 
_reflns.pdbx_aniso_diffraction_limit_axis_3_ortho[2]   ? 
_reflns.pdbx_aniso_diffraction_limit_axis_3_ortho[3]   ? 
_reflns.pdbx_aniso_diffraction_limit_1                 ? 
_reflns.pdbx_aniso_diffraction_limit_2                 ? 
_reflns.pdbx_aniso_diffraction_limit_3                 ? 
_reflns.pdbx_aniso_B_tensor_eigenvector_1_ortho[1]     ? 
_reflns.pdbx_aniso_B_tensor_eigenvector_1_ortho[2]     ? 
_reflns.pdbx_aniso_B_tensor_eigenvector_1_ortho[3]     ? 
_reflns.pdbx_aniso_B_tensor_eigenvector_2_ortho[1]     ? 
_reflns.pdbx_aniso_B_tensor_eigenvector_2_ortho[2]     ? 
_reflns.pdbx_aniso_B_tensor_eigenvector_2_ortho[3]     ? 
_reflns.pdbx_aniso_B_tensor_eigenvector_3_ortho[1]     ? 
_reflns.pdbx_aniso_B_tensor_eigenvector_3_ortho[2]     ? 
_reflns.pdbx_aniso_B_tensor_eigenvector_3_ortho[3]     ? 
_reflns.pdbx_aniso_B_tensor_eigenvalue_1               ? 
_reflns.pdbx_aniso_B_tensor_eigenvalue_2               ? 
_reflns.pdbx_aniso_B_tensor_eigenvalue_3               ? 
_reflns.pdbx_orthogonalization_convention              ? 
_reflns.pdbx_percent_possible_ellipsoidal              ? 
_reflns.pdbx_percent_possible_spherical                ? 
_reflns.pdbx_percent_possible_ellipsoidal_anomalous    ? 
_reflns.pdbx_percent_possible_spherical_anomalous      ? 
_reflns.pdbx_redundancy_anomalous                      ? 
_reflns.pdbx_CC_half_anomalous                         ? 
_reflns.pdbx_absDiff_over_sigma_anomalous              ? 
_reflns.pdbx_percent_possible_anomalous                ? 
_reflns.pdbx_observed_signal_threshold                 ? 
_reflns.pdbx_signal_type                               ? 
_reflns.pdbx_signal_details                            ? 
_reflns.pdbx_signal_software_id                        ? 
# 
_reflns_shell.d_res_high                                    1.72 
_reflns_shell.d_res_low                                     1.75 
_reflns_shell.meanI_over_sigI_all                           ? 
_reflns_shell.meanI_over_sigI_obs                           ? 
_reflns_shell.number_measured_all                           ? 
_reflns_shell.number_measured_obs                           ? 
_reflns_shell.number_possible                               ? 
_reflns_shell.number_unique_all                             ? 
_reflns_shell.number_unique_obs                             685 
_reflns_shell.percent_possible_obs                          ? 
_reflns_shell.Rmerge_F_all                                  ? 
_reflns_shell.Rmerge_F_obs                                  ? 
_reflns_shell.meanI_over_sigI_gt                            ? 
_reflns_shell.meanI_over_uI_all                             ? 
_reflns_shell.meanI_over_uI_gt                              ? 
_reflns_shell.number_measured_gt                            ? 
_reflns_shell.number_unique_gt                              ? 
_reflns_shell.percent_possible_gt                           ? 
_reflns_shell.Rmerge_F_gt                                   ? 
_reflns_shell.Rmerge_I_gt                                   ? 
_reflns_shell.pdbx_redundancy                               ? 
_reflns_shell.pdbx_chi_squared                              ? 
_reflns_shell.pdbx_netI_over_sigmaI_all                     ? 
_reflns_shell.pdbx_netI_over_sigmaI_obs                     ? 
_reflns_shell.pdbx_Rrim_I_all                               ? 
_reflns_shell.pdbx_Rpim_I_all                               ? 
_reflns_shell.pdbx_rejects                                  ? 
_reflns_shell.pdbx_ordinal                                  1 
_reflns_shell.pdbx_diffrn_id                                1 
_reflns_shell.pdbx_CC_half                                  0.774 
_reflns_shell.pdbx_CC_star                                  ? 
_reflns_shell.pdbx_R_split                                  ? 
_reflns_shell.percent_possible_all                          94.5 
_reflns_shell.Rmerge_I_all                                  ? 
_reflns_shell.Rmerge_I_obs                                  ? 
_reflns_shell.pdbx_Rsym_value                               ? 
_reflns_shell.pdbx_percent_possible_ellipsoidal             ? 
_reflns_shell.pdbx_percent_possible_spherical               ? 
_reflns_shell.pdbx_percent_possible_ellipsoidal_anomalous   ? 
_reflns_shell.pdbx_percent_possible_spherical_anomalous     ? 
_reflns_shell.pdbx_redundancy_anomalous                     ? 
_reflns_shell.pdbx_CC_half_anomalous                        ? 
_reflns_shell.pdbx_absDiff_over_sigma_anomalous             ? 
_reflns_shell.pdbx_percent_possible_anomalous               ? 
# 
_refine.aniso_B[1][1]                            ? 
_refine.aniso_B[1][2]                            ? 
_refine.aniso_B[1][3]                            ? 
_refine.aniso_B[2][2]                            ? 
_refine.aniso_B[2][3]                            ? 
_refine.aniso_B[3][3]                            ? 
_refine.B_iso_max                                ? 
_refine.B_iso_mean                               22.36 
_refine.B_iso_min                                ? 
_refine.correlation_coeff_Fo_to_Fc               ? 
_refine.correlation_coeff_Fo_to_Fc_free          ? 
_refine.details                                  ? 
_refine.diff_density_max                         ? 
_refine.diff_density_max_esd                     ? 
_refine.diff_density_min                         ? 
_refine.diff_density_min_esd                     ? 
_refine.diff_density_rms                         ? 
_refine.diff_density_rms_esd                     ? 
_refine.entry_id                                 7YGW 
_refine.pdbx_refine_id                           'X-RAY DIFFRACTION' 
_refine.ls_abs_structure_details                 ? 
_refine.ls_abs_structure_Flack                   ? 
_refine.ls_abs_structure_Flack_esd               ? 
_refine.ls_abs_structure_Rogers                  ? 
_refine.ls_abs_structure_Rogers_esd              ? 
_refine.ls_d_res_high                            1.72 
_refine.ls_d_res_low                             37.96 
_refine.ls_extinction_coef                       ? 
_refine.ls_extinction_coef_esd                   ? 
_refine.ls_extinction_expression                 ? 
_refine.ls_extinction_method                     ? 
_refine.ls_goodness_of_fit_all                   ? 
_refine.ls_goodness_of_fit_all_esd               ? 
_refine.ls_goodness_of_fit_obs                   ? 
_refine.ls_goodness_of_fit_obs_esd               ? 
_refine.ls_hydrogen_treatment                    ? 
_refine.ls_matrix_type                           ? 
_refine.ls_number_constraints                    ? 
_refine.ls_number_parameters                     ? 
_refine.ls_number_reflns_all                     ? 
_refine.ls_number_reflns_obs                     14434 
_refine.ls_number_reflns_R_free                  2651 
_refine.ls_number_reflns_R_work                  23507 
_refine.ls_number_restraints                     ? 
_refine.ls_percent_reflns_obs                    96.28 
_refine.ls_percent_reflns_R_free                 10.13 
_refine.ls_R_factor_all                          ? 
_refine.ls_R_factor_obs                          0.1992 
_refine.ls_R_factor_R_free                       0.2105 
_refine.ls_R_factor_R_free_error                 ? 
_refine.ls_R_factor_R_free_error_details         ? 
_refine.ls_R_factor_R_work                       0.1978 
_refine.ls_R_Fsqd_factor_obs                     ? 
_refine.ls_R_I_factor_obs                        ? 
_refine.ls_redundancy_reflns_all                 ? 
_refine.ls_redundancy_reflns_obs                 ? 
_refine.ls_restrained_S_all                      ? 
_refine.ls_restrained_S_obs                      ? 
_refine.ls_shift_over_esd_max                    ? 
_refine.ls_shift_over_esd_mean                   ? 
_refine.ls_structure_factor_coef                 ? 
_refine.ls_weighting_details                     ? 
_refine.ls_weighting_scheme                      ? 
_refine.ls_wR_factor_all                         ? 
_refine.ls_wR_factor_obs                         ? 
_refine.ls_wR_factor_R_free                      ? 
_refine.ls_wR_factor_R_work                      ? 
_refine.occupancy_max                            ? 
_refine.occupancy_min                            ? 
_refine.solvent_model_details                    'FLAT BULK SOLVENT MODEL' 
_refine.solvent_model_param_bsol                 ? 
_refine.solvent_model_param_ksol                 ? 
_refine.pdbx_R_complete                          ? 
_refine.ls_R_factor_gt                           ? 
_refine.ls_goodness_of_fit_gt                    ? 
_refine.ls_goodness_of_fit_ref                   ? 
_refine.ls_shift_over_su_max                     ? 
_refine.ls_shift_over_su_max_lt                  ? 
_refine.ls_shift_over_su_mean                    ? 
_refine.ls_shift_over_su_mean_lt                 ? 
_refine.pdbx_ls_sigma_I                          ? 
_refine.pdbx_ls_sigma_F                          1.37 
_refine.pdbx_ls_sigma_Fsqd                       ? 
_refine.pdbx_data_cutoff_high_absF               ? 
_refine.pdbx_data_cutoff_high_rms_absF           ? 
_refine.pdbx_data_cutoff_low_absF                ? 
_refine.pdbx_isotropic_thermal_model             ? 
_refine.pdbx_ls_cross_valid_method               'FREE R-VALUE' 
_refine.pdbx_method_to_determine_struct          'MOLECULAR REPLACEMENT' 
_refine.pdbx_starting_model                      7CLT 
_refine.pdbx_stereochemistry_target_values       'GeoStd + Monomer Library + CDL v1.2' 
_refine.pdbx_R_Free_selection_details            ? 
_refine.pdbx_stereochem_target_val_spec_case     ? 
_refine.pdbx_overall_ESU_R                       ? 
_refine.pdbx_overall_ESU_R_Free                  ? 
_refine.pdbx_solvent_vdw_probe_radii             1.1100 
_refine.pdbx_solvent_ion_probe_radii             ? 
_refine.pdbx_solvent_shrinkage_radii             0.9000 
_refine.pdbx_real_space_R                        ? 
_refine.pdbx_density_correlation                 ? 
_refine.pdbx_pd_number_of_powder_patterns        ? 
_refine.pdbx_pd_number_of_points                 ? 
_refine.pdbx_pd_meas_number_of_points            ? 
_refine.pdbx_pd_proc_ls_prof_R_factor            ? 
_refine.pdbx_pd_proc_ls_prof_wR_factor           ? 
_refine.pdbx_pd_Marquardt_correlation_coeff      ? 
_refine.pdbx_pd_Fsqrd_R_factor                   ? 
_refine.pdbx_pd_ls_matrix_band_width             ? 
_refine.pdbx_overall_phase_error                 20.9894 
_refine.pdbx_overall_SU_R_free_Cruickshank_DPI   ? 
_refine.pdbx_overall_SU_R_free_Blow_DPI          ? 
_refine.pdbx_overall_SU_R_Blow_DPI               ? 
_refine.pdbx_TLS_residual_ADP_flag               ? 
_refine.pdbx_diffrn_id                           1 
_refine.overall_SU_B                             ? 
_refine.overall_SU_ML                            0.1872 
_refine.overall_SU_R_Cruickshank_DPI             ? 
_refine.overall_SU_R_free                        ? 
_refine.overall_FOM_free_R_set                   ? 
_refine.overall_FOM_work_R_set                   ? 
_refine.pdbx_average_fsc_overall                 ? 
_refine.pdbx_average_fsc_work                    ? 
_refine.pdbx_average_fsc_free                    ? 
# 
_refine_hist.pdbx_refine_id                   'X-RAY DIFFRACTION' 
_refine_hist.cycle_id                         LAST 
_refine_hist.details                          ? 
_refine_hist.d_res_high                       1.72 
_refine_hist.d_res_low                        37.96 
_refine_hist.number_atoms_solvent             32 
_refine_hist.number_atoms_total               855 
_refine_hist.number_reflns_all                ? 
_refine_hist.number_reflns_obs                ? 
_refine_hist.number_reflns_R_free             ? 
_refine_hist.number_reflns_R_work             ? 
_refine_hist.R_factor_all                     ? 
_refine_hist.R_factor_obs                     ? 
_refine_hist.R_factor_R_free                  ? 
_refine_hist.R_factor_R_work                  ? 
_refine_hist.pdbx_number_residues_total       ? 
_refine_hist.pdbx_B_iso_mean_ligand           ? 
_refine_hist.pdbx_B_iso_mean_solvent          ? 
_refine_hist.pdbx_number_atoms_protein        813 
_refine_hist.pdbx_number_atoms_nucleic_acid   0 
_refine_hist.pdbx_number_atoms_ligand         10 
_refine_hist.pdbx_number_atoms_lipid          ? 
_refine_hist.pdbx_number_atoms_carb           ? 
_refine_hist.pdbx_pseudo_atom_details         ? 
# 
loop_
_refine_ls_restr.pdbx_refine_id 
_refine_ls_restr.criterion 
_refine_ls_restr.dev_ideal 
_refine_ls_restr.dev_ideal_target 
_refine_ls_restr.number 
_refine_ls_restr.rejects 
_refine_ls_restr.type 
_refine_ls_restr.weight 
_refine_ls_restr.pdbx_restraint_function 
'X-RAY DIFFRACTION' ? 0.0086  ? 834  ? f_bond_d           ? ? 
'X-RAY DIFFRACTION' ? 0.9837  ? 1114 ? f_angle_d          ? ? 
'X-RAY DIFFRACTION' ? 0.0648  ? 119  ? f_chiral_restr     ? ? 
'X-RAY DIFFRACTION' ? 0.0064  ? 143  ? f_plane_restr      ? ? 
'X-RAY DIFFRACTION' ? 17.0150 ? 313  ? f_dihedral_angle_d ? ? 
# 
loop_
_refine_ls_shell.pdbx_refine_id 
_refine_ls_shell.d_res_high 
_refine_ls_shell.d_res_low 
_refine_ls_shell.number_reflns_all 
_refine_ls_shell.number_reflns_obs 
_refine_ls_shell.number_reflns_R_free 
_refine_ls_shell.number_reflns_R_work 
_refine_ls_shell.percent_reflns_obs 
_refine_ls_shell.percent_reflns_R_free 
_refine_ls_shell.R_factor_all 
_refine_ls_shell.R_factor_obs 
_refine_ls_shell.R_factor_R_free_error 
_refine_ls_shell.R_factor_R_work 
_refine_ls_shell.redundancy_reflns_all 
_refine_ls_shell.redundancy_reflns_obs 
_refine_ls_shell.wR_factor_all 
_refine_ls_shell.wR_factor_obs 
_refine_ls_shell.wR_factor_R_free 
_refine_ls_shell.wR_factor_R_work 
_refine_ls_shell.pdbx_R_complete 
_refine_ls_shell.pdbx_total_number_of_bins_used 
_refine_ls_shell.pdbx_phase_error 
_refine_ls_shell.pdbx_fsc_work 
_refine_ls_shell.pdbx_fsc_free 
_refine_ls_shell.R_factor_R_free 
'X-RAY DIFFRACTION' 1.72 1.75  . . 113 911  71.06  . . . . 0.3282 . . . . . . . . . . . 0.3503 
'X-RAY DIFFRACTION' 1.75 1.79  . . 119 1069 84.86  . . . . 0.2632 . . . . . . . . . . . 0.3764 
'X-RAY DIFFRACTION' 1.79 1.82  . . 121 1161 88.78  . . . . 0.2297 . . . . . . . . . . . 0.2306 
'X-RAY DIFFRACTION' 1.82 1.86  . . 148 1131 91.82  . . . . 0.2200 . . . . . . . . . . . 0.2616 
'X-RAY DIFFRACTION' 1.86 1.90  . . 144 1280 95.57  . . . . 0.2340 . . . . . . . . . . . 0.2379 
'X-RAY DIFFRACTION' 1.90 1.95  . . 147 1217 98.48  . . . . 0.2038 . . . . . . . . . . . 0.2718 
'X-RAY DIFFRACTION' 1.95 2.00  . . 131 1335 99.52  . . . . 0.2092 . . . . . . . . . . . 0.2110 
'X-RAY DIFFRACTION' 2.01 2.06  . . 149 1261 100.00 . . . . 0.1901 . . . . . . . . . . . 0.2088 
'X-RAY DIFFRACTION' 2.06 2.13  . . 145 1284 100.00 . . . . 0.1798 . . . . . . . . . . . 0.2106 
'X-RAY DIFFRACTION' 2.13 2.21  . . 130 1302 100.00 . . . . 0.1916 . . . . . . . . . . . 0.2075 
'X-RAY DIFFRACTION' 2.21 2.30  . . 144 1287 99.86  . . . . 0.1869 . . . . . . . . . . . 0.2020 
'X-RAY DIFFRACTION' 2.30 2.40  . . 152 1282 100.00 . . . . 0.1904 . . . . . . . . . . . 0.2357 
'X-RAY DIFFRACTION' 2.40 2.53  . . 143 1281 100.00 . . . . 0.1963 . . . . . . . . . . . 0.2156 
'X-RAY DIFFRACTION' 2.53 2.68  . . 144 1288 100.00 . . . . 0.1891 . . . . . . . . . . . 0.2145 
'X-RAY DIFFRACTION' 2.68 2.89  . . 154 1261 100.00 . . . . 0.1826 . . . . . . . . . . . 0.1931 
'X-RAY DIFFRACTION' 2.89 3.18  . . 146 1292 100.00 . . . . 0.2066 . . . . . . . . . . . 0.2321 
'X-RAY DIFFRACTION' 3.18 3.64  . . 136 1303 100.00 . . . . 0.1956 . . . . . . . . . . . 0.1887 
'X-RAY DIFFRACTION' 3.64 4.59  . . 142 1280 99.86  . . . . 0.1852 . . . . . . . . . . . 0.1609 
'X-RAY DIFFRACTION' 4.59 37.96 . . 143 1282 99.37  . . . . 0.2004 . . . . . . . . . . . 0.2110 
# 
_struct.entry_id                     7YGW 
_struct.title                        'Crystal structure of the Zn2+-bound EFhd1/Swiprosin-2' 
_struct.pdbx_model_details           ? 
_struct.pdbx_formula_weight          ? 
_struct.pdbx_formula_weight_method   ? 
_struct.pdbx_model_type_details      ? 
_struct.pdbx_CASP_flag               N 
# 
_struct_keywords.entry_id        7YGW 
_struct_keywords.text            'metal binding protein, EF-hand containing protein, mitochondria' 
_struct_keywords.pdbx_keywords   'METAL BINDING PROTEIN' 
# 
loop_
_struct_asym.id 
_struct_asym.pdbx_blank_PDB_chainid_flag 
_struct_asym.pdbx_modified 
_struct_asym.entity_id 
_struct_asym.details 
A N N 1 ? 
B N N 2 ? 
C N N 2 ? 
D N N 2 ? 
E N N 2 ? 
F N N 3 ? 
G N N 4 ? 
# 
_struct_ref.id                         1 
_struct_ref.db_name                    UNP 
_struct_ref.db_code                    EFHD1_MOUSE 
_struct_ref.pdbx_db_accession          Q9D4J1 
_struct_ref.pdbx_db_isoform            ? 
_struct_ref.entity_id                  1 
_struct_ref.pdbx_seq_one_letter_code   
;GTARPGRSKVFNPYTEFPEFSRRLLKDLEKMFKTYDAGRDGFIDLMELKLMMEKLGAPQTHLGLKSMIKEVDEDFDGKLS
FREFLLIFHKAAAGELQEDSGLLALAKFSEIDVALEGVRGAKNFF
;
_struct_ref.pdbx_align_begin           69 
# 
_struct_ref_seq.align_id                      1 
_struct_ref_seq.ref_id                        1 
_struct_ref_seq.pdbx_PDB_id_code              7YGW 
_struct_ref_seq.pdbx_strand_id                A 
_struct_ref_seq.seq_align_beg                 6 
_struct_ref_seq.pdbx_seq_align_beg_ins_code   ? 
_struct_ref_seq.seq_align_end                 130 
_struct_ref_seq.pdbx_seq_align_end_ins_code   ? 
_struct_ref_seq.pdbx_db_accession             Q9D4J1 
_struct_ref_seq.db_align_beg                  69 
_struct_ref_seq.pdbx_db_align_beg_ins_code    ? 
_struct_ref_seq.db_align_end                  193 
_struct_ref_seq.pdbx_db_align_end_ins_code    ? 
_struct_ref_seq.pdbx_auth_seq_align_beg       69 
_struct_ref_seq.pdbx_auth_seq_align_end       193 
# 
loop_
_struct_ref_seq_dif.align_id 
_struct_ref_seq_dif.pdbx_pdb_id_code 
_struct_ref_seq_dif.mon_id 
_struct_ref_seq_dif.pdbx_pdb_strand_id 
_struct_ref_seq_dif.seq_num 
_struct_ref_seq_dif.pdbx_pdb_ins_code 
_struct_ref_seq_dif.pdbx_seq_db_name 
_struct_ref_seq_dif.pdbx_seq_db_accession_code 
_struct_ref_seq_dif.db_mon_id 
_struct_ref_seq_dif.pdbx_seq_db_seq_num 
_struct_ref_seq_dif.details 
_struct_ref_seq_dif.pdbx_auth_seq_num 
_struct_ref_seq_dif.pdbx_ordinal 
1 7YGW GLY A 1 ? UNP Q9D4J1 ? ? 'expression tag' 64 1 
1 7YGW ALA A 2 ? UNP Q9D4J1 ? ? 'expression tag' 65 2 
1 7YGW MET A 3 ? UNP Q9D4J1 ? ? 'expression tag' 66 3 
1 7YGW GLY A 4 ? UNP Q9D4J1 ? ? 'expression tag' 67 4 
1 7YGW SER A 5 ? UNP Q9D4J1 ? ? 'expression tag' 68 5 
# 
_pdbx_struct_assembly.id                   1 
_pdbx_struct_assembly.details              author_and_software_defined_assembly 
_pdbx_struct_assembly.method_details       PISA 
_pdbx_struct_assembly.oligomeric_details   monomeric 
_pdbx_struct_assembly.oligomeric_count     1 
# 
loop_
_pdbx_struct_assembly_prop.biol_id 
_pdbx_struct_assembly_prop.type 
_pdbx_struct_assembly_prop.value 
_pdbx_struct_assembly_prop.details 
1 'ABSA (A^2)' 360  ? 
1 MORE         -121 ? 
1 'SSA (A^2)'  6080 ? 
# 
_pdbx_struct_assembly_gen.assembly_id       1 
_pdbx_struct_assembly_gen.oper_expression   1 
_pdbx_struct_assembly_gen.asym_id_list      A,B,C,D,E,F,G 
# 
_pdbx_struct_assembly_auth_evidence.id                     1 
_pdbx_struct_assembly_auth_evidence.assembly_id            1 
_pdbx_struct_assembly_auth_evidence.experimental_support   'gel filtration' 
_pdbx_struct_assembly_auth_evidence.details                ? 
# 
_pdbx_struct_oper_list.id                   1 
_pdbx_struct_oper_list.type                 'identity operation' 
_pdbx_struct_oper_list.name                 1_555 
_pdbx_struct_oper_list.symmetry_operation   x,y,z 
_pdbx_struct_oper_list.matrix[1][1]         1.0000000000 
_pdbx_struct_oper_list.matrix[1][2]         0.0000000000 
_pdbx_struct_oper_list.matrix[1][3]         0.0000000000 
_pdbx_struct_oper_list.vector[1]            0.0000000000 
_pdbx_struct_oper_list.matrix[2][1]         0.0000000000 
_pdbx_struct_oper_list.matrix[2][2]         1.0000000000 
_pdbx_struct_oper_list.matrix[2][3]         0.0000000000 
_pdbx_struct_oper_list.vector[2]            0.0000000000 
_pdbx_struct_oper_list.matrix[3][1]         0.0000000000 
_pdbx_struct_oper_list.matrix[3][2]         0.0000000000 
_pdbx_struct_oper_list.matrix[3][3]         1.0000000000 
_pdbx_struct_oper_list.vector[3]            0.0000000000 
# 
loop_
_struct_conf.conf_type_id 
_struct_conf.id 
_struct_conf.pdbx_PDB_helix_id 
_struct_conf.beg_label_comp_id 
_struct_conf.beg_label_asym_id 
_struct_conf.beg_label_seq_id 
_struct_conf.pdbx_beg_PDB_ins_code 
_struct_conf.end_label_comp_id 
_struct_conf.end_label_asym_id 
_struct_conf.end_label_seq_id 
_struct_conf.pdbx_end_PDB_ins_code 
_struct_conf.beg_auth_comp_id 
_struct_conf.beg_auth_asym_id 
_struct_conf.beg_auth_seq_id 
_struct_conf.end_auth_comp_id 
_struct_conf.end_auth_asym_id 
_struct_conf.end_auth_seq_id 
_struct_conf.pdbx_PDB_helix_class 
_struct_conf.details 
_struct_conf.pdbx_PDB_helix_length 
HELX_P HELX_P1 AA1 ASN A 17  ? PHE A 22  ? ASN A 80  PHE A 85  1 ? 6  
HELX_P HELX_P2 AA2 SER A 26  ? ASP A 41  ? SER A 89  ASP A 104 1 ? 16 
HELX_P HELX_P3 AA3 ASP A 49  ? GLY A 61  ? ASP A 112 GLY A 124 1 ? 13 
HELX_P HELX_P4 AA4 THR A 65  ? ASP A 77  ? THR A 128 ASP A 140 1 ? 13 
HELX_P HELX_P5 AA5 PHE A 86  ? ALA A 98  ? PHE A 149 ALA A 161 1 ? 13 
HELX_P HELX_P6 AA6 SER A 105 ? SER A 114 ? SER A 168 SER A 177 1 ? 10 
# 
_struct_conf_type.id          HELX_P 
_struct_conf_type.criteria    ? 
_struct_conf_type.reference   ? 
# 
loop_
_struct_conn.id 
_struct_conn.conn_type_id 
_struct_conn.pdbx_leaving_atom_flag 
_struct_conn.pdbx_PDB_id 
_struct_conn.ptnr1_label_asym_id 
_struct_conn.ptnr1_label_comp_id 
_struct_conn.ptnr1_label_seq_id 
_struct_conn.ptnr1_label_atom_id 
_struct_conn.pdbx_ptnr1_label_alt_id 
_struct_conn.pdbx_ptnr1_PDB_ins_code 
_struct_conn.pdbx_ptnr1_standard_comp_id 
_struct_conn.ptnr1_symmetry 
_struct_conn.ptnr2_label_asym_id 
_struct_conn.ptnr2_label_comp_id 
_struct_conn.ptnr2_label_seq_id 
_struct_conn.ptnr2_label_atom_id 
_struct_conn.pdbx_ptnr2_label_alt_id 
_struct_conn.pdbx_ptnr2_PDB_ins_code 
_struct_conn.ptnr1_auth_asym_id 
_struct_conn.ptnr1_auth_comp_id 
_struct_conn.ptnr1_auth_seq_id 
_struct_conn.ptnr2_auth_asym_id 
_struct_conn.ptnr2_auth_comp_id 
_struct_conn.ptnr2_auth_seq_id 
_struct_conn.ptnr2_symmetry 
_struct_conn.pdbx_ptnr3_label_atom_id 
_struct_conn.pdbx_ptnr3_label_seq_id 
_struct_conn.pdbx_ptnr3_label_comp_id 
_struct_conn.pdbx_ptnr3_label_asym_id 
_struct_conn.pdbx_ptnr3_label_alt_id 
_struct_conn.pdbx_ptnr3_PDB_ins_code 
_struct_conn.details 
_struct_conn.pdbx_dist_value 
_struct_conn.pdbx_value_order 
_struct_conn.pdbx_role 
metalc1  metalc ? ? A ASP 41  OD1 ? ? ? 1_555 B ZN . ZN ? ? A ASP 104 A ZN 201 1_555 ? ? ? ? ? ? ? 2.198 ? ? 
metalc2  metalc ? ? A ASP 45  OD1 ? ? ? 1_555 B ZN . ZN ? ? A ASP 108 A ZN 201 1_555 ? ? ? ? ? ? ? 2.283 ? ? 
metalc3  metalc ? ? A PHE 47  O   ? ? ? 1_555 B ZN . ZN ? ? A PHE 110 A ZN 201 1_555 ? ? ? ? ? ? ? 2.213 ? ? 
metalc4  metalc ? ? A GLU 52  OE1 ? ? ? 1_555 B ZN . ZN ? ? A GLU 115 A ZN 201 1_555 ? ? ? ? ? ? ? 2.400 ? ? 
metalc5  metalc ? ? A GLU 52  OE2 ? ? ? 1_555 B ZN . ZN ? ? A GLU 115 A ZN 201 1_555 ? ? ? ? ? ? ? 2.586 ? ? 
metalc6  metalc ? ? A HIS 66  ND1 ? ? ? 1_555 D ZN . ZN ? ? A HIS 129 A ZN 203 1_555 ? ? ? ? ? ? ? 2.261 ? ? 
metalc7  metalc ? ? A HIS 66  NE2 ? ? ? 1_555 E ZN . ZN ? ? A HIS 129 A ZN 204 1_555 ? ? ? ? ? ? ? 2.103 ? ? 
metalc8  metalc ? ? A LYS 70  NZ  ? ? ? 1_555 E ZN . ZN ? ? A LYS 133 A ZN 204 1_555 ? ? ? ? ? ? ? 1.847 ? ? 
metalc9  metalc ? ? A ASP 77  OD1 ? ? ? 1_555 C ZN . ZN ? ? A ASP 140 A ZN 202 1_555 ? ? ? ? ? ? ? 2.085 ? ? 
metalc10 metalc ? ? A ASP 79  OD1 ? ? ? 1_555 C ZN . ZN ? ? A ASP 142 A ZN 202 1_555 ? ? ? ? ? ? ? 2.335 ? ? 
metalc11 metalc ? ? A ASP 81  OD1 ? ? ? 1_555 C ZN . ZN ? ? A ASP 144 A ZN 202 1_555 ? ? ? ? ? ? ? 2.324 ? ? 
metalc12 metalc ? ? A LYS 83  O   ? ? ? 1_555 C ZN . ZN ? ? A LYS 146 A ZN 202 1_555 ? ? ? ? ? ? ? 2.278 ? ? 
metalc13 metalc ? ? A GLU 88  OE1 ? ? ? 1_555 C ZN . ZN ? ? A GLU 151 A ZN 202 1_555 ? ? ? ? ? ? ? 2.373 ? ? 
metalc14 metalc ? ? A GLU 88  OE2 ? ? ? 1_555 C ZN . ZN ? ? A GLU 151 A ZN 202 1_555 ? ? ? ? ? ? ? 2.663 ? ? 
metalc15 metalc ? ? A HIS 94  NE2 ? ? ? 1_555 E ZN . ZN ? ? A HIS 157 A ZN 204 3_745 ? ? ? ? ? ? ? 2.162 ? ? 
metalc16 metalc ? ? A LYS 95  NZ  ? ? ? 1_555 D ZN . ZN ? ? A LYS 158 A ZN 203 3_745 ? ? ? ? ? ? ? 2.571 ? ? 
metalc17 metalc ? ? A GLU 100 OE1 ? ? ? 1_555 E ZN . ZN ? ? A GLU 163 A ZN 204 3_745 ? ? ? ? ? ? ? 1.943 ? ? 
metalc18 metalc ? ? A GLU 100 OE2 ? ? ? 1_555 E ZN . ZN ? ? A GLU 163 A ZN 204 3_745 ? ? ? ? ? ? ? 2.639 ? ? 
# 
_struct_conn_type.id          metalc 
_struct_conn_type.criteria    ? 
_struct_conn_type.reference   ? 
# 
loop_
_pdbx_struct_conn_angle.id 
_pdbx_struct_conn_angle.ptnr1_label_atom_id 
_pdbx_struct_conn_angle.ptnr1_label_alt_id 
_pdbx_struct_conn_angle.ptnr1_label_asym_id 
_pdbx_struct_conn_angle.ptnr1_label_comp_id 
_pdbx_struct_conn_angle.ptnr1_label_seq_id 
_pdbx_struct_conn_angle.ptnr1_auth_atom_id 
_pdbx_struct_conn_angle.ptnr1_auth_asym_id 
_pdbx_struct_conn_angle.ptnr1_auth_comp_id 
_pdbx_struct_conn_angle.ptnr1_auth_seq_id 
_pdbx_struct_conn_angle.ptnr1_PDB_ins_code 
_pdbx_struct_conn_angle.ptnr1_symmetry 
_pdbx_struct_conn_angle.ptnr2_label_atom_id 
_pdbx_struct_conn_angle.ptnr2_label_alt_id 
_pdbx_struct_conn_angle.ptnr2_label_asym_id 
_pdbx_struct_conn_angle.ptnr2_label_comp_id 
_pdbx_struct_conn_angle.ptnr2_label_seq_id 
_pdbx_struct_conn_angle.ptnr2_auth_atom_id 
_pdbx_struct_conn_angle.ptnr2_auth_asym_id 
_pdbx_struct_conn_angle.ptnr2_auth_comp_id 
_pdbx_struct_conn_angle.ptnr2_auth_seq_id 
_pdbx_struct_conn_angle.ptnr2_PDB_ins_code 
_pdbx_struct_conn_angle.ptnr2_symmetry 
_pdbx_struct_conn_angle.ptnr3_label_atom_id 
_pdbx_struct_conn_angle.ptnr3_label_alt_id 
_pdbx_struct_conn_angle.ptnr3_label_asym_id 
_pdbx_struct_conn_angle.ptnr3_label_comp_id 
_pdbx_struct_conn_angle.ptnr3_label_seq_id 
_pdbx_struct_conn_angle.ptnr3_auth_atom_id 
_pdbx_struct_conn_angle.ptnr3_auth_asym_id 
_pdbx_struct_conn_angle.ptnr3_auth_comp_id 
_pdbx_struct_conn_angle.ptnr3_auth_seq_id 
_pdbx_struct_conn_angle.ptnr3_PDB_ins_code 
_pdbx_struct_conn_angle.ptnr3_symmetry 
_pdbx_struct_conn_angle.value 
_pdbx_struct_conn_angle.value_esd 
1  OD1 ? A ASP 41  ? A ASP 104 ? 1_555 ZN ? B ZN . ? A ZN 201 ? 1_555 OD1 ? A ASP 45  ? A ASP 108 ? 1_555 80.7  ? 
2  OD1 ? A ASP 41  ? A ASP 104 ? 1_555 ZN ? B ZN . ? A ZN 201 ? 1_555 O   ? A PHE 47  ? A PHE 110 ? 1_555 78.2  ? 
3  OD1 ? A ASP 45  ? A ASP 108 ? 1_555 ZN ? B ZN . ? A ZN 201 ? 1_555 O   ? A PHE 47  ? A PHE 110 ? 1_555 84.4  ? 
4  OD1 ? A ASP 41  ? A ASP 104 ? 1_555 ZN ? B ZN . ? A ZN 201 ? 1_555 OE1 ? A GLU 52  ? A GLU 115 ? 1_555 112.8 ? 
5  OD1 ? A ASP 45  ? A ASP 108 ? 1_555 ZN ? B ZN . ? A ZN 201 ? 1_555 OE1 ? A GLU 52  ? A GLU 115 ? 1_555 157.2 ? 
6  O   ? A PHE 47  ? A PHE 110 ? 1_555 ZN ? B ZN . ? A ZN 201 ? 1_555 OE1 ? A GLU 52  ? A GLU 115 ? 1_555 80.8  ? 
7  OD1 ? A ASP 41  ? A ASP 104 ? 1_555 ZN ? B ZN . ? A ZN 201 ? 1_555 OE2 ? A GLU 52  ? A GLU 115 ? 1_555 88.4  ? 
8  OD1 ? A ASP 45  ? A ASP 108 ? 1_555 ZN ? B ZN . ? A ZN 201 ? 1_555 OE2 ? A GLU 52  ? A GLU 115 ? 1_555 150.3 ? 
9  O   ? A PHE 47  ? A PHE 110 ? 1_555 ZN ? B ZN . ? A ZN 201 ? 1_555 OE2 ? A GLU 52  ? A GLU 115 ? 1_555 120.5 ? 
10 OE1 ? A GLU 52  ? A GLU 115 ? 1_555 ZN ? B ZN . ? A ZN 201 ? 1_555 OE2 ? A GLU 52  ? A GLU 115 ? 1_555 51.8  ? 
11 ND1 ? A HIS 66  ? A HIS 129 ? 1_555 ZN ? D ZN . ? A ZN 203 ? 1_555 NZ  ? A LYS 95  ? A LYS 158 ? 1_555 54.3  ? 
12 NE2 ? A HIS 66  ? A HIS 129 ? 1_555 ZN ? E ZN . ? A ZN 204 ? 1_555 NZ  ? A LYS 70  ? A LYS 133 ? 1_555 112.6 ? 
13 NE2 ? A HIS 66  ? A HIS 129 ? 1_555 ZN ? E ZN . ? A ZN 204 ? 1_555 NE2 ? A HIS 94  ? A HIS 157 ? 1_555 77.3  ? 
14 NZ  ? A LYS 70  ? A LYS 133 ? 1_555 ZN ? E ZN . ? A ZN 204 ? 1_555 NE2 ? A HIS 94  ? A HIS 157 ? 1_555 42.7  ? 
15 NE2 ? A HIS 66  ? A HIS 129 ? 1_555 ZN ? E ZN . ? A ZN 204 ? 1_555 OE1 ? A GLU 100 ? A GLU 163 ? 1_555 76.2  ? 
16 NZ  ? A LYS 70  ? A LYS 133 ? 1_555 ZN ? E ZN . ? A ZN 204 ? 1_555 OE1 ? A GLU 100 ? A GLU 163 ? 1_555 40.4  ? 
17 NE2 ? A HIS 94  ? A HIS 157 ? 1_555 ZN ? E ZN . ? A ZN 204 ? 1_555 OE1 ? A GLU 100 ? A GLU 163 ? 1_555 6.6   ? 
18 NE2 ? A HIS 66  ? A HIS 129 ? 1_555 ZN ? E ZN . ? A ZN 204 ? 1_555 OE2 ? A GLU 100 ? A GLU 163 ? 1_555 79.1  ? 
19 NZ  ? A LYS 70  ? A LYS 133 ? 1_555 ZN ? E ZN . ? A ZN 204 ? 1_555 OE2 ? A GLU 100 ? A GLU 163 ? 1_555 36.4  ? 
20 NE2 ? A HIS 94  ? A HIS 157 ? 1_555 ZN ? E ZN . ? A ZN 204 ? 1_555 OE2 ? A GLU 100 ? A GLU 163 ? 1_555 9.8   ? 
21 OE1 ? A GLU 100 ? A GLU 163 ? 1_555 ZN ? E ZN . ? A ZN 204 ? 1_555 OE2 ? A GLU 100 ? A GLU 163 ? 1_555 4.3   ? 
22 OD1 ? A ASP 77  ? A ASP 140 ? 1_555 ZN ? C ZN . ? A ZN 202 ? 1_555 OD1 ? A ASP 79  ? A ASP 142 ? 1_555 86.5  ? 
23 OD1 ? A ASP 77  ? A ASP 140 ? 1_555 ZN ? C ZN . ? A ZN 202 ? 1_555 OD1 ? A ASP 81  ? A ASP 144 ? 1_555 85.4  ? 
24 OD1 ? A ASP 79  ? A ASP 142 ? 1_555 ZN ? C ZN . ? A ZN 202 ? 1_555 OD1 ? A ASP 81  ? A ASP 144 ? 1_555 74.4  ? 
25 OD1 ? A ASP 77  ? A ASP 140 ? 1_555 ZN ? C ZN . ? A ZN 202 ? 1_555 O   ? A LYS 83  ? A LYS 146 ? 1_555 94.0  ? 
26 OD1 ? A ASP 79  ? A ASP 142 ? 1_555 ZN ? C ZN . ? A ZN 202 ? 1_555 O   ? A LYS 83  ? A LYS 146 ? 1_555 155.0 ? 
27 OD1 ? A ASP 81  ? A ASP 144 ? 1_555 ZN ? C ZN . ? A ZN 202 ? 1_555 O   ? A LYS 83  ? A LYS 146 ? 1_555 80.7  ? 
28 OD1 ? A ASP 77  ? A ASP 140 ? 1_555 ZN ? C ZN . ? A ZN 202 ? 1_555 OE1 ? A GLU 88  ? A GLU 151 ? 1_555 110.2 ? 
29 OD1 ? A ASP 79  ? A ASP 142 ? 1_555 ZN ? C ZN . ? A ZN 202 ? 1_555 OE1 ? A GLU 88  ? A GLU 151 ? 1_555 123.2 ? 
30 OD1 ? A ASP 81  ? A ASP 144 ? 1_555 ZN ? C ZN . ? A ZN 202 ? 1_555 OE1 ? A GLU 88  ? A GLU 151 ? 1_555 156.0 ? 
31 O   ? A LYS 83  ? A LYS 146 ? 1_555 ZN ? C ZN . ? A ZN 202 ? 1_555 OE1 ? A GLU 88  ? A GLU 151 ? 1_555 80.1  ? 
32 OD1 ? A ASP 77  ? A ASP 140 ? 1_555 ZN ? C ZN . ? A ZN 202 ? 1_555 OE2 ? A GLU 88  ? A GLU 151 ? 1_555 90.6  ? 
33 OD1 ? A ASP 79  ? A ASP 142 ? 1_555 ZN ? C ZN . ? A ZN 202 ? 1_555 OE2 ? A GLU 88  ? A GLU 151 ? 1_555 76.2  ? 
34 OD1 ? A ASP 81  ? A ASP 144 ? 1_555 ZN ? C ZN . ? A ZN 202 ? 1_555 OE2 ? A GLU 88  ? A GLU 151 ? 1_555 150.5 ? 
35 O   ? A LYS 83  ? A LYS 146 ? 1_555 ZN ? C ZN . ? A ZN 202 ? 1_555 OE2 ? A GLU 88  ? A GLU 151 ? 1_555 128.7 ? 
36 OE1 ? A GLU 88  ? A GLU 151 ? 1_555 ZN ? C ZN . ? A ZN 202 ? 1_555 OE2 ? A GLU 88  ? A GLU 151 ? 1_555 50.8  ? 
# 
_struct_sheet.id               AA1 
_struct_sheet.type             ? 
_struct_sheet.number_strands   2 
_struct_sheet.details          ? 
# 
_struct_sheet_order.sheet_id     AA1 
_struct_sheet_order.range_id_1   1 
_struct_sheet_order.range_id_2   2 
_struct_sheet_order.offset       ? 
_struct_sheet_order.sense        anti-parallel 
# 
loop_
_struct_sheet_range.sheet_id 
_struct_sheet_range.id 
_struct_sheet_range.beg_label_comp_id 
_struct_sheet_range.beg_label_asym_id 
_struct_sheet_range.beg_label_seq_id 
_struct_sheet_range.pdbx_beg_PDB_ins_code 
_struct_sheet_range.end_label_comp_id 
_struct_sheet_range.end_label_asym_id 
_struct_sheet_range.end_label_seq_id 
_struct_sheet_range.pdbx_end_PDB_ins_code 
_struct_sheet_range.beg_auth_comp_id 
_struct_sheet_range.beg_auth_asym_id 
_struct_sheet_range.beg_auth_seq_id 
_struct_sheet_range.end_auth_comp_id 
_struct_sheet_range.end_auth_asym_id 
_struct_sheet_range.end_auth_seq_id 
AA1 1 PHE A 47 ? ILE A 48 ? PHE A 110 ILE A 111 
AA1 2 LEU A 84 ? SER A 85 ? LEU A 147 SER A 148 
# 
_pdbx_struct_sheet_hbond.sheet_id                AA1 
_pdbx_struct_sheet_hbond.range_id_1              1 
_pdbx_struct_sheet_hbond.range_id_2              2 
_pdbx_struct_sheet_hbond.range_1_label_atom_id   N 
_pdbx_struct_sheet_hbond.range_1_label_comp_id   ILE 
_pdbx_struct_sheet_hbond.range_1_label_asym_id   A 
_pdbx_struct_sheet_hbond.range_1_label_seq_id    48 
_pdbx_struct_sheet_hbond.range_1_PDB_ins_code    ? 
_pdbx_struct_sheet_hbond.range_1_auth_atom_id    N 
_pdbx_struct_sheet_hbond.range_1_auth_comp_id    ILE 
_pdbx_struct_sheet_hbond.range_1_auth_asym_id    A 
_pdbx_struct_sheet_hbond.range_1_auth_seq_id     111 
_pdbx_struct_sheet_hbond.range_2_label_atom_id   O 
_pdbx_struct_sheet_hbond.range_2_label_comp_id   LEU 
_pdbx_struct_sheet_hbond.range_2_label_asym_id   A 
_pdbx_struct_sheet_hbond.range_2_label_seq_id    84 
_pdbx_struct_sheet_hbond.range_2_PDB_ins_code    ? 
_pdbx_struct_sheet_hbond.range_2_auth_atom_id    O 
_pdbx_struct_sheet_hbond.range_2_auth_comp_id    LEU 
_pdbx_struct_sheet_hbond.range_2_auth_asym_id    A 
_pdbx_struct_sheet_hbond.range_2_auth_seq_id     147 
# 
loop_
_space_group_symop.id 
_space_group_symop.operation_xyz 
1 x,y,z           
2 x+1/2,-y+1/2,-z 
3 -x,y+1/2,-z+1/2 
4 -x+1/2,-y,z+1/2 
# 
_pdbx_entry_details.entry_id                 7YGW 
_pdbx_entry_details.nonpolymer_details       ? 
_pdbx_entry_details.sequence_details         ? 
_pdbx_entry_details.compound_details         ? 
_pdbx_entry_details.source_details           ? 
_pdbx_entry_details.has_ligand_of_interest   Y 
# 
loop_
_pdbx_unobs_or_zero_occ_residues.id 
_pdbx_unobs_or_zero_occ_residues.PDB_model_num 
_pdbx_unobs_or_zero_occ_residues.polymer_flag 
_pdbx_unobs_or_zero_occ_residues.occupancy_flag 
_pdbx_unobs_or_zero_occ_residues.auth_asym_id 
_pdbx_unobs_or_zero_occ_residues.auth_comp_id 
_pdbx_unobs_or_zero_occ_residues.auth_seq_id 
_pdbx_unobs_or_zero_occ_residues.PDB_ins_code 
_pdbx_unobs_or_zero_occ_residues.label_asym_id 
_pdbx_unobs_or_zero_occ_residues.label_comp_id 
_pdbx_unobs_or_zero_occ_residues.label_seq_id 
1  1 Y 1 A GLY 64  ? A GLY 1   
2  1 Y 1 A ALA 65  ? A ALA 2   
3  1 Y 1 A MET 66  ? A MET 3   
4  1 Y 1 A GLY 67  ? A GLY 4   
5  1 Y 1 A SER 68  ? A SER 5   
6  1 Y 1 A GLY 69  ? A GLY 6   
7  1 Y 1 A THR 70  ? A THR 7   
8  1 Y 1 A ALA 71  ? A ALA 8   
9  1 Y 1 A ARG 72  ? A ARG 9   
10 1 Y 1 A PRO 73  ? A PRO 10  
11 1 Y 1 A GLY 74  ? A GLY 11  
12 1 Y 1 A ARG 75  ? A ARG 12  
13 1 Y 1 A SER 76  ? A SER 13  
14 1 Y 1 A LYS 77  ? A LYS 14  
15 1 Y 1 A VAL 78  ? A VAL 15  
16 1 Y 1 A VAL 181 ? A VAL 118 
17 1 Y 1 A ALA 182 ? A ALA 119 
18 1 Y 1 A LEU 183 ? A LEU 120 
19 1 Y 1 A GLU 184 ? A GLU 121 
20 1 Y 1 A GLY 185 ? A GLY 122 
21 1 Y 1 A VAL 186 ? A VAL 123 
22 1 Y 1 A ARG 187 ? A ARG 124 
23 1 Y 1 A GLY 188 ? A GLY 125 
24 1 Y 1 A ALA 189 ? A ALA 126 
25 1 Y 1 A LYS 190 ? A LYS 127 
26 1 Y 1 A ASN 191 ? A ASN 128 
27 1 Y 1 A PHE 192 ? A PHE 129 
28 1 Y 1 A PHE 193 ? A PHE 130 
# 
loop_
_chem_comp_atom.comp_id 
_chem_comp_atom.atom_id 
_chem_comp_atom.type_symbol 
_chem_comp_atom.pdbx_aromatic_flag 
_chem_comp_atom.pdbx_stereo_config 
_chem_comp_atom.pdbx_ordinal 
ALA N    N  N N 1   
ALA CA   C  N S 2   
ALA C    C  N N 3   
ALA O    O  N N 4   
ALA CB   C  N N 5   
ALA OXT  O  N N 6   
ALA H    H  N N 7   
ALA H2   H  N N 8   
ALA HA   H  N N 9   
ALA HB1  H  N N 10  
ALA HB2  H  N N 11  
ALA HB3  H  N N 12  
ALA HXT  H  N N 13  
ARG N    N  N N 14  
ARG CA   C  N S 15  
ARG C    C  N N 16  
ARG O    O  N N 17  
ARG CB   C  N N 18  
ARG CG   C  N N 19  
ARG CD   C  N N 20  
ARG NE   N  N N 21  
ARG CZ   C  N N 22  
ARG NH1  N  N N 23  
ARG NH2  N  N N 24  
ARG OXT  O  N N 25  
ARG H    H  N N 26  
ARG H2   H  N N 27  
ARG HA   H  N N 28  
ARG HB2  H  N N 29  
ARG HB3  H  N N 30  
ARG HG2  H  N N 31  
ARG HG3  H  N N 32  
ARG HD2  H  N N 33  
ARG HD3  H  N N 34  
ARG HE   H  N N 35  
ARG HH11 H  N N 36  
ARG HH12 H  N N 37  
ARG HH21 H  N N 38  
ARG HH22 H  N N 39  
ARG HXT  H  N N 40  
ASN N    N  N N 41  
ASN CA   C  N S 42  
ASN C    C  N N 43  
ASN O    O  N N 44  
ASN CB   C  N N 45  
ASN CG   C  N N 46  
ASN OD1  O  N N 47  
ASN ND2  N  N N 48  
ASN OXT  O  N N 49  
ASN H    H  N N 50  
ASN H2   H  N N 51  
ASN HA   H  N N 52  
ASN HB2  H  N N 53  
ASN HB3  H  N N 54  
ASN HD21 H  N N 55  
ASN HD22 H  N N 56  
ASN HXT  H  N N 57  
ASP N    N  N N 58  
ASP CA   C  N S 59  
ASP C    C  N N 60  
ASP O    O  N N 61  
ASP CB   C  N N 62  
ASP CG   C  N N 63  
ASP OD1  O  N N 64  
ASP OD2  O  N N 65  
ASP OXT  O  N N 66  
ASP H    H  N N 67  
ASP H2   H  N N 68  
ASP HA   H  N N 69  
ASP HB2  H  N N 70  
ASP HB3  H  N N 71  
ASP HD2  H  N N 72  
ASP HXT  H  N N 73  
GLN N    N  N N 74  
GLN CA   C  N S 75  
GLN C    C  N N 76  
GLN O    O  N N 77  
GLN CB   C  N N 78  
GLN CG   C  N N 79  
GLN CD   C  N N 80  
GLN OE1  O  N N 81  
GLN NE2  N  N N 82  
GLN OXT  O  N N 83  
GLN H    H  N N 84  
GLN H2   H  N N 85  
GLN HA   H  N N 86  
GLN HB2  H  N N 87  
GLN HB3  H  N N 88  
GLN HG2  H  N N 89  
GLN HG3  H  N N 90  
GLN HE21 H  N N 91  
GLN HE22 H  N N 92  
GLN HXT  H  N N 93  
GLU N    N  N N 94  
GLU CA   C  N S 95  
GLU C    C  N N 96  
GLU O    O  N N 97  
GLU CB   C  N N 98  
GLU CG   C  N N 99  
GLU CD   C  N N 100 
GLU OE1  O  N N 101 
GLU OE2  O  N N 102 
GLU OXT  O  N N 103 
GLU H    H  N N 104 
GLU H2   H  N N 105 
GLU HA   H  N N 106 
GLU HB2  H  N N 107 
GLU HB3  H  N N 108 
GLU HG2  H  N N 109 
GLU HG3  H  N N 110 
GLU HE2  H  N N 111 
GLU HXT  H  N N 112 
GLY N    N  N N 113 
GLY CA   C  N N 114 
GLY C    C  N N 115 
GLY O    O  N N 116 
GLY OXT  O  N N 117 
GLY H    H  N N 118 
GLY H2   H  N N 119 
GLY HA2  H  N N 120 
GLY HA3  H  N N 121 
GLY HXT  H  N N 122 
GOL C1   C  N N 123 
GOL O1   O  N N 124 
GOL C2   C  N N 125 
GOL O2   O  N N 126 
GOL C3   C  N N 127 
GOL O3   O  N N 128 
GOL H11  H  N N 129 
GOL H12  H  N N 130 
GOL HO1  H  N N 131 
GOL H2   H  N N 132 
GOL HO2  H  N N 133 
GOL H31  H  N N 134 
GOL H32  H  N N 135 
GOL HO3  H  N N 136 
HIS N    N  N N 137 
HIS CA   C  N S 138 
HIS C    C  N N 139 
HIS O    O  N N 140 
HIS CB   C  N N 141 
HIS CG   C  Y N 142 
HIS ND1  N  Y N 143 
HIS CD2  C  Y N 144 
HIS CE1  C  Y N 145 
HIS NE2  N  Y N 146 
HIS OXT  O  N N 147 
HIS H    H  N N 148 
HIS H2   H  N N 149 
HIS HA   H  N N 150 
HIS HB2  H  N N 151 
HIS HB3  H  N N 152 
HIS HD1  H  N N 153 
HIS HD2  H  N N 154 
HIS HE1  H  N N 155 
HIS HE2  H  N N 156 
HIS HXT  H  N N 157 
HOH O    O  N N 158 
HOH H1   H  N N 159 
HOH H2   H  N N 160 
ILE N    N  N N 161 
ILE CA   C  N S 162 
ILE C    C  N N 163 
ILE O    O  N N 164 
ILE CB   C  N S 165 
ILE CG1  C  N N 166 
ILE CG2  C  N N 167 
ILE CD1  C  N N 168 
ILE OXT  O  N N 169 
ILE H    H  N N 170 
ILE H2   H  N N 171 
ILE HA   H  N N 172 
ILE HB   H  N N 173 
ILE HG12 H  N N 174 
ILE HG13 H  N N 175 
ILE HG21 H  N N 176 
ILE HG22 H  N N 177 
ILE HG23 H  N N 178 
ILE HD11 H  N N 179 
ILE HD12 H  N N 180 
ILE HD13 H  N N 181 
ILE HXT  H  N N 182 
LEU N    N  N N 183 
LEU CA   C  N S 184 
LEU C    C  N N 185 
LEU O    O  N N 186 
LEU CB   C  N N 187 
LEU CG   C  N N 188 
LEU CD1  C  N N 189 
LEU CD2  C  N N 190 
LEU OXT  O  N N 191 
LEU H    H  N N 192 
LEU H2   H  N N 193 
LEU HA   H  N N 194 
LEU HB2  H  N N 195 
LEU HB3  H  N N 196 
LEU HG   H  N N 197 
LEU HD11 H  N N 198 
LEU HD12 H  N N 199 
LEU HD13 H  N N 200 
LEU HD21 H  N N 201 
LEU HD22 H  N N 202 
LEU HD23 H  N N 203 
LEU HXT  H  N N 204 
LYS N    N  N N 205 
LYS CA   C  N S 206 
LYS C    C  N N 207 
LYS O    O  N N 208 
LYS CB   C  N N 209 
LYS CG   C  N N 210 
LYS CD   C  N N 211 
LYS CE   C  N N 212 
LYS NZ   N  N N 213 
LYS OXT  O  N N 214 
LYS H    H  N N 215 
LYS H2   H  N N 216 
LYS HA   H  N N 217 
LYS HB2  H  N N 218 
LYS HB3  H  N N 219 
LYS HG2  H  N N 220 
LYS HG3  H  N N 221 
LYS HD2  H  N N 222 
LYS HD3  H  N N 223 
LYS HE2  H  N N 224 
LYS HE3  H  N N 225 
LYS HZ1  H  N N 226 
LYS HZ2  H  N N 227 
LYS HZ3  H  N N 228 
LYS HXT  H  N N 229 
MET N    N  N N 230 
MET CA   C  N S 231 
MET C    C  N N 232 
MET O    O  N N 233 
MET CB   C  N N 234 
MET CG   C  N N 235 
MET SD   S  N N 236 
MET CE   C  N N 237 
MET OXT  O  N N 238 
MET H    H  N N 239 
MET H2   H  N N 240 
MET HA   H  N N 241 
MET HB2  H  N N 242 
MET HB3  H  N N 243 
MET HG2  H  N N 244 
MET HG3  H  N N 245 
MET HE1  H  N N 246 
MET HE2  H  N N 247 
MET HE3  H  N N 248 
MET HXT  H  N N 249 
PHE N    N  N N 250 
PHE CA   C  N S 251 
PHE C    C  N N 252 
PHE O    O  N N 253 
PHE CB   C  N N 254 
PHE CG   C  Y N 255 
PHE CD1  C  Y N 256 
PHE CD2  C  Y N 257 
PHE CE1  C  Y N 258 
PHE CE2  C  Y N 259 
PHE CZ   C  Y N 260 
PHE OXT  O  N N 261 
PHE H    H  N N 262 
PHE H2   H  N N 263 
PHE HA   H  N N 264 
PHE HB2  H  N N 265 
PHE HB3  H  N N 266 
PHE HD1  H  N N 267 
PHE HD2  H  N N 268 
PHE HE1  H  N N 269 
PHE HE2  H  N N 270 
PHE HZ   H  N N 271 
PHE HXT  H  N N 272 
PRO N    N  N N 273 
PRO CA   C  N S 274 
PRO C    C  N N 275 
PRO O    O  N N 276 
PRO CB   C  N N 277 
PRO CG   C  N N 278 
PRO CD   C  N N 279 
PRO OXT  O  N N 280 
PRO H    H  N N 281 
PRO HA   H  N N 282 
PRO HB2  H  N N 283 
PRO HB3  H  N N 284 
PRO HG2  H  N N 285 
PRO HG3  H  N N 286 
PRO HD2  H  N N 287 
PRO HD3  H  N N 288 
PRO HXT  H  N N 289 
SER N    N  N N 290 
SER CA   C  N S 291 
SER C    C  N N 292 
SER O    O  N N 293 
SER CB   C  N N 294 
SER OG   O  N N 295 
SER OXT  O  N N 296 
SER H    H  N N 297 
SER H2   H  N N 298 
SER HA   H  N N 299 
SER HB2  H  N N 300 
SER HB3  H  N N 301 
SER HG   H  N N 302 
SER HXT  H  N N 303 
THR N    N  N N 304 
THR CA   C  N S 305 
THR C    C  N N 306 
THR O    O  N N 307 
THR CB   C  N R 308 
THR OG1  O  N N 309 
THR CG2  C  N N 310 
THR OXT  O  N N 311 
THR H    H  N N 312 
THR H2   H  N N 313 
THR HA   H  N N 314 
THR HB   H  N N 315 
THR HG1  H  N N 316 
THR HG21 H  N N 317 
THR HG22 H  N N 318 
THR HG23 H  N N 319 
THR HXT  H  N N 320 
TYR N    N  N N 321 
TYR CA   C  N S 322 
TYR C    C  N N 323 
TYR O    O  N N 324 
TYR CB   C  N N 325 
TYR CG   C  Y N 326 
TYR CD1  C  Y N 327 
TYR CD2  C  Y N 328 
TYR CE1  C  Y N 329 
TYR CE2  C  Y N 330 
TYR CZ   C  Y N 331 
TYR OH   O  N N 332 
TYR OXT  O  N N 333 
TYR H    H  N N 334 
TYR H2   H  N N 335 
TYR HA   H  N N 336 
TYR HB2  H  N N 337 
TYR HB3  H  N N 338 
TYR HD1  H  N N 339 
TYR HD2  H  N N 340 
TYR HE1  H  N N 341 
TYR HE2  H  N N 342 
TYR HH   H  N N 343 
TYR HXT  H  N N 344 
VAL N    N  N N 345 
VAL CA   C  N S 346 
VAL C    C  N N 347 
VAL O    O  N N 348 
VAL CB   C  N N 349 
VAL CG1  C  N N 350 
VAL CG2  C  N N 351 
VAL OXT  O  N N 352 
VAL H    H  N N 353 
VAL H2   H  N N 354 
VAL HA   H  N N 355 
VAL HB   H  N N 356 
VAL HG11 H  N N 357 
VAL HG12 H  N N 358 
VAL HG13 H  N N 359 
VAL HG21 H  N N 360 
VAL HG22 H  N N 361 
VAL HG23 H  N N 362 
VAL HXT  H  N N 363 
ZN  ZN   ZN N N 364 
# 
loop_
_chem_comp_bond.comp_id 
_chem_comp_bond.atom_id_1 
_chem_comp_bond.atom_id_2 
_chem_comp_bond.value_order 
_chem_comp_bond.pdbx_aromatic_flag 
_chem_comp_bond.pdbx_stereo_config 
_chem_comp_bond.pdbx_ordinal 
ALA N   CA   sing N N 1   
ALA N   H    sing N N 2   
ALA N   H2   sing N N 3   
ALA CA  C    sing N N 4   
ALA CA  CB   sing N N 5   
ALA CA  HA   sing N N 6   
ALA C   O    doub N N 7   
ALA C   OXT  sing N N 8   
ALA CB  HB1  sing N N 9   
ALA CB  HB2  sing N N 10  
ALA CB  HB3  sing N N 11  
ALA OXT HXT  sing N N 12  
ARG N   CA   sing N N 13  
ARG N   H    sing N N 14  
ARG N   H2   sing N N 15  
ARG CA  C    sing N N 16  
ARG CA  CB   sing N N 17  
ARG CA  HA   sing N N 18  
ARG C   O    doub N N 19  
ARG C   OXT  sing N N 20  
ARG CB  CG   sing N N 21  
ARG CB  HB2  sing N N 22  
ARG CB  HB3  sing N N 23  
ARG CG  CD   sing N N 24  
ARG CG  HG2  sing N N 25  
ARG CG  HG3  sing N N 26  
ARG CD  NE   sing N N 27  
ARG CD  HD2  sing N N 28  
ARG CD  HD3  sing N N 29  
ARG NE  CZ   sing N N 30  
ARG NE  HE   sing N N 31  
ARG CZ  NH1  sing N N 32  
ARG CZ  NH2  doub N N 33  
ARG NH1 HH11 sing N N 34  
ARG NH1 HH12 sing N N 35  
ARG NH2 HH21 sing N N 36  
ARG NH2 HH22 sing N N 37  
ARG OXT HXT  sing N N 38  
ASN N   CA   sing N N 39  
ASN N   H    sing N N 40  
ASN N   H2   sing N N 41  
ASN CA  C    sing N N 42  
ASN CA  CB   sing N N 43  
ASN CA  HA   sing N N 44  
ASN C   O    doub N N 45  
ASN C   OXT  sing N N 46  
ASN CB  CG   sing N N 47  
ASN CB  HB2  sing N N 48  
ASN CB  HB3  sing N N 49  
ASN CG  OD1  doub N N 50  
ASN CG  ND2  sing N N 51  
ASN ND2 HD21 sing N N 52  
ASN ND2 HD22 sing N N 53  
ASN OXT HXT  sing N N 54  
ASP N   CA   sing N N 55  
ASP N   H    sing N N 56  
ASP N   H2   sing N N 57  
ASP CA  C    sing N N 58  
ASP CA  CB   sing N N 59  
ASP CA  HA   sing N N 60  
ASP C   O    doub N N 61  
ASP C   OXT  sing N N 62  
ASP CB  CG   sing N N 63  
ASP CB  HB2  sing N N 64  
ASP CB  HB3  sing N N 65  
ASP CG  OD1  doub N N 66  
ASP CG  OD2  sing N N 67  
ASP OD2 HD2  sing N N 68  
ASP OXT HXT  sing N N 69  
GLN N   CA   sing N N 70  
GLN N   H    sing N N 71  
GLN N   H2   sing N N 72  
GLN CA  C    sing N N 73  
GLN CA  CB   sing N N 74  
GLN CA  HA   sing N N 75  
GLN C   O    doub N N 76  
GLN C   OXT  sing N N 77  
GLN CB  CG   sing N N 78  
GLN CB  HB2  sing N N 79  
GLN CB  HB3  sing N N 80  
GLN CG  CD   sing N N 81  
GLN CG  HG2  sing N N 82  
GLN CG  HG3  sing N N 83  
GLN CD  OE1  doub N N 84  
GLN CD  NE2  sing N N 85  
GLN NE2 HE21 sing N N 86  
GLN NE2 HE22 sing N N 87  
GLN OXT HXT  sing N N 88  
GLU N   CA   sing N N 89  
GLU N   H    sing N N 90  
GLU N   H2   sing N N 91  
GLU CA  C    sing N N 92  
GLU CA  CB   sing N N 93  
GLU CA  HA   sing N N 94  
GLU C   O    doub N N 95  
GLU C   OXT  sing N N 96  
GLU CB  CG   sing N N 97  
GLU CB  HB2  sing N N 98  
GLU CB  HB3  sing N N 99  
GLU CG  CD   sing N N 100 
GLU CG  HG2  sing N N 101 
GLU CG  HG3  sing N N 102 
GLU CD  OE1  doub N N 103 
GLU CD  OE2  sing N N 104 
GLU OE2 HE2  sing N N 105 
GLU OXT HXT  sing N N 106 
GLY N   CA   sing N N 107 
GLY N   H    sing N N 108 
GLY N   H2   sing N N 109 
GLY CA  C    sing N N 110 
GLY CA  HA2  sing N N 111 
GLY CA  HA3  sing N N 112 
GLY C   O    doub N N 113 
GLY C   OXT  sing N N 114 
GLY OXT HXT  sing N N 115 
GOL C1  O1   sing N N 116 
GOL C1  C2   sing N N 117 
GOL C1  H11  sing N N 118 
GOL C1  H12  sing N N 119 
GOL O1  HO1  sing N N 120 
GOL C2  O2   sing N N 121 
GOL C2  C3   sing N N 122 
GOL C2  H2   sing N N 123 
GOL O2  HO2  sing N N 124 
GOL C3  O3   sing N N 125 
GOL C3  H31  sing N N 126 
GOL C3  H32  sing N N 127 
GOL O3  HO3  sing N N 128 
HIS N   CA   sing N N 129 
HIS N   H    sing N N 130 
HIS N   H2   sing N N 131 
HIS CA  C    sing N N 132 
HIS CA  CB   sing N N 133 
HIS CA  HA   sing N N 134 
HIS C   O    doub N N 135 
HIS C   OXT  sing N N 136 
HIS CB  CG   sing N N 137 
HIS CB  HB2  sing N N 138 
HIS CB  HB3  sing N N 139 
HIS CG  ND1  sing Y N 140 
HIS CG  CD2  doub Y N 141 
HIS ND1 CE1  doub Y N 142 
HIS ND1 HD1  sing N N 143 
HIS CD2 NE2  sing Y N 144 
HIS CD2 HD2  sing N N 145 
HIS CE1 NE2  sing Y N 146 
HIS CE1 HE1  sing N N 147 
HIS NE2 HE2  sing N N 148 
HIS OXT HXT  sing N N 149 
HOH O   H1   sing N N 150 
HOH O   H2   sing N N 151 
ILE N   CA   sing N N 152 
ILE N   H    sing N N 153 
ILE N   H2   sing N N 154 
ILE CA  C    sing N N 155 
ILE CA  CB   sing N N 156 
ILE CA  HA   sing N N 157 
ILE C   O    doub N N 158 
ILE C   OXT  sing N N 159 
ILE CB  CG1  sing N N 160 
ILE CB  CG2  sing N N 161 
ILE CB  HB   sing N N 162 
ILE CG1 CD1  sing N N 163 
ILE CG1 HG12 sing N N 164 
ILE CG1 HG13 sing N N 165 
ILE CG2 HG21 sing N N 166 
ILE CG2 HG22 sing N N 167 
ILE CG2 HG23 sing N N 168 
ILE CD1 HD11 sing N N 169 
ILE CD1 HD12 sing N N 170 
ILE CD1 HD13 sing N N 171 
ILE OXT HXT  sing N N 172 
LEU N   CA   sing N N 173 
LEU N   H    sing N N 174 
LEU N   H2   sing N N 175 
LEU CA  C    sing N N 176 
LEU CA  CB   sing N N 177 
LEU CA  HA   sing N N 178 
LEU C   O    doub N N 179 
LEU C   OXT  sing N N 180 
LEU CB  CG   sing N N 181 
LEU CB  HB2  sing N N 182 
LEU CB  HB3  sing N N 183 
LEU CG  CD1  sing N N 184 
LEU CG  CD2  sing N N 185 
LEU CG  HG   sing N N 186 
LEU CD1 HD11 sing N N 187 
LEU CD1 HD12 sing N N 188 
LEU CD1 HD13 sing N N 189 
LEU CD2 HD21 sing N N 190 
LEU CD2 HD22 sing N N 191 
LEU CD2 HD23 sing N N 192 
LEU OXT HXT  sing N N 193 
LYS N   CA   sing N N 194 
LYS N   H    sing N N 195 
LYS N   H2   sing N N 196 
LYS CA  C    sing N N 197 
LYS CA  CB   sing N N 198 
LYS CA  HA   sing N N 199 
LYS C   O    doub N N 200 
LYS C   OXT  sing N N 201 
LYS CB  CG   sing N N 202 
LYS CB  HB2  sing N N 203 
LYS CB  HB3  sing N N 204 
LYS CG  CD   sing N N 205 
LYS CG  HG2  sing N N 206 
LYS CG  HG3  sing N N 207 
LYS CD  CE   sing N N 208 
LYS CD  HD2  sing N N 209 
LYS CD  HD3  sing N N 210 
LYS CE  NZ   sing N N 211 
LYS CE  HE2  sing N N 212 
LYS CE  HE3  sing N N 213 
LYS NZ  HZ1  sing N N 214 
LYS NZ  HZ2  sing N N 215 
LYS NZ  HZ3  sing N N 216 
LYS OXT HXT  sing N N 217 
MET N   CA   sing N N 218 
MET N   H    sing N N 219 
MET N   H2   sing N N 220 
MET CA  C    sing N N 221 
MET CA  CB   sing N N 222 
MET CA  HA   sing N N 223 
MET C   O    doub N N 224 
MET C   OXT  sing N N 225 
MET CB  CG   sing N N 226 
MET CB  HB2  sing N N 227 
MET CB  HB3  sing N N 228 
MET CG  SD   sing N N 229 
MET CG  HG2  sing N N 230 
MET CG  HG3  sing N N 231 
MET SD  CE   sing N N 232 
MET CE  HE1  sing N N 233 
MET CE  HE2  sing N N 234 
MET CE  HE3  sing N N 235 
MET OXT HXT  sing N N 236 
PHE N   CA   sing N N 237 
PHE N   H    sing N N 238 
PHE N   H2   sing N N 239 
PHE CA  C    sing N N 240 
PHE CA  CB   sing N N 241 
PHE CA  HA   sing N N 242 
PHE C   O    doub N N 243 
PHE C   OXT  sing N N 244 
PHE CB  CG   sing N N 245 
PHE CB  HB2  sing N N 246 
PHE CB  HB3  sing N N 247 
PHE CG  CD1  doub Y N 248 
PHE CG  CD2  sing Y N 249 
PHE CD1 CE1  sing Y N 250 
PHE CD1 HD1  sing N N 251 
PHE CD2 CE2  doub Y N 252 
PHE CD2 HD2  sing N N 253 
PHE CE1 CZ   doub Y N 254 
PHE CE1 HE1  sing N N 255 
PHE CE2 CZ   sing Y N 256 
PHE CE2 HE2  sing N N 257 
PHE CZ  HZ   sing N N 258 
PHE OXT HXT  sing N N 259 
PRO N   CA   sing N N 260 
PRO N   CD   sing N N 261 
PRO N   H    sing N N 262 
PRO CA  C    sing N N 263 
PRO CA  CB   sing N N 264 
PRO CA  HA   sing N N 265 
PRO C   O    doub N N 266 
PRO C   OXT  sing N N 267 
PRO CB  CG   sing N N 268 
PRO CB  HB2  sing N N 269 
PRO CB  HB3  sing N N 270 
PRO CG  CD   sing N N 271 
PRO CG  HG2  sing N N 272 
PRO CG  HG3  sing N N 273 
PRO CD  HD2  sing N N 274 
PRO CD  HD3  sing N N 275 
PRO OXT HXT  sing N N 276 
SER N   CA   sing N N 277 
SER N   H    sing N N 278 
SER N   H2   sing N N 279 
SER CA  C    sing N N 280 
SER CA  CB   sing N N 281 
SER CA  HA   sing N N 282 
SER C   O    doub N N 283 
SER C   OXT  sing N N 284 
SER CB  OG   sing N N 285 
SER CB  HB2  sing N N 286 
SER CB  HB3  sing N N 287 
SER OG  HG   sing N N 288 
SER OXT HXT  sing N N 289 
THR N   CA   sing N N 290 
THR N   H    sing N N 291 
THR N   H2   sing N N 292 
THR CA  C    sing N N 293 
THR CA  CB   sing N N 294 
THR CA  HA   sing N N 295 
THR C   O    doub N N 296 
THR C   OXT  sing N N 297 
THR CB  OG1  sing N N 298 
THR CB  CG2  sing N N 299 
THR CB  HB   sing N N 300 
THR OG1 HG1  sing N N 301 
THR CG2 HG21 sing N N 302 
THR CG2 HG22 sing N N 303 
THR CG2 HG23 sing N N 304 
THR OXT HXT  sing N N 305 
TYR N   CA   sing N N 306 
TYR N   H    sing N N 307 
TYR N   H2   sing N N 308 
TYR CA  C    sing N N 309 
TYR CA  CB   sing N N 310 
TYR CA  HA   sing N N 311 
TYR C   O    doub N N 312 
TYR C   OXT  sing N N 313 
TYR CB  CG   sing N N 314 
TYR CB  HB2  sing N N 315 
TYR CB  HB3  sing N N 316 
TYR CG  CD1  doub Y N 317 
TYR CG  CD2  sing Y N 318 
TYR CD1 CE1  sing Y N 319 
TYR CD1 HD1  sing N N 320 
TYR CD2 CE2  doub Y N 321 
TYR CD2 HD2  sing N N 322 
TYR CE1 CZ   doub Y N 323 
TYR CE1 HE1  sing N N 324 
TYR CE2 CZ   sing Y N 325 
TYR CE2 HE2  sing N N 326 
TYR CZ  OH   sing N N 327 
TYR OH  HH   sing N N 328 
TYR OXT HXT  sing N N 329 
VAL N   CA   sing N N 330 
VAL N   H    sing N N 331 
VAL N   H2   sing N N 332 
VAL CA  C    sing N N 333 
VAL CA  CB   sing N N 334 
VAL CA  HA   sing N N 335 
VAL C   O    doub N N 336 
VAL C   OXT  sing N N 337 
VAL CB  CG1  sing N N 338 
VAL CB  CG2  sing N N 339 
VAL CB  HB   sing N N 340 
VAL CG1 HG11 sing N N 341 
VAL CG1 HG12 sing N N 342 
VAL CG1 HG13 sing N N 343 
VAL CG2 HG21 sing N N 344 
VAL CG2 HG22 sing N N 345 
VAL CG2 HG23 sing N N 346 
VAL OXT HXT  sing N N 347 
# 
loop_
_pdbx_audit_support.funding_organization 
_pdbx_audit_support.country 
_pdbx_audit_support.grant_number 
_pdbx_audit_support.ordinal 
'National Research Foundation (NRF, Korea)' 'Korea, Republic Of' NRF-2021R1A2C1006267 1 
'Other private'                             ?                    ?                    2 
# 
loop_
_pdbx_entity_instance_feature.ordinal 
_pdbx_entity_instance_feature.comp_id 
_pdbx_entity_instance_feature.asym_id 
_pdbx_entity_instance_feature.seq_num 
_pdbx_entity_instance_feature.auth_comp_id 
_pdbx_entity_instance_feature.auth_asym_id 
_pdbx_entity_instance_feature.auth_seq_num 
_pdbx_entity_instance_feature.feature_type 
_pdbx_entity_instance_feature.details 
1 GOL ? ? GOL ? ? 'SUBJECT OF INVESTIGATION' ? 
2 ZN  ? ? ZN  ? ? 'SUBJECT OF INVESTIGATION' ? 
# 
_pdbx_initial_refinement_model.id               1 
_pdbx_initial_refinement_model.entity_id_list   ? 
_pdbx_initial_refinement_model.type             'experimental model' 
_pdbx_initial_refinement_model.source_name      PDB 
_pdbx_initial_refinement_model.accession_code   7CLT 
_pdbx_initial_refinement_model.details          'Ca2+-bound EFhd1 with diffferent crystal packing interaction' 
# 
_space_group.name_H-M_alt     'P 21 21 21' 
_space_group.name_Hall        'P 2ac 2ab' 
_space_group.IT_number        19 
_space_group.crystal_system   orthorhombic 
_space_group.id               1 
# 
_atom_sites.entry_id                    7YGW 
_atom_sites.Cartn_transf_matrix[1][1]   ? 
_atom_sites.Cartn_transf_matrix[1][2]   ? 
_atom_sites.Cartn_transf_matrix[1][3]   ? 
_atom_sites.Cartn_transf_matrix[2][1]   ? 
_atom_sites.Cartn_transf_matrix[2][2]   ? 
_atom_sites.Cartn_transf_matrix[2][3]   ? 
_atom_sites.Cartn_transf_matrix[3][1]   ? 
_atom_sites.Cartn_transf_matrix[3][2]   ? 
_atom_sites.Cartn_transf_matrix[3][3]   ? 
_atom_sites.Cartn_transf_vector[1]      ? 
_atom_sites.Cartn_transf_vector[2]      ? 
_atom_sites.Cartn_transf_vector[3]      ? 
_atom_sites.fract_transf_matrix[1][1]   0.01535076 
_atom_sites.fract_transf_matrix[1][2]   0.01048354 
_atom_sites.fract_transf_matrix[1][3]   -0.01311187 
_atom_sites.fract_transf_matrix[2][1]   -0.00658422 
_atom_sites.fract_transf_matrix[2][2]   0.01869402 
_atom_sites.fract_transf_matrix[2][3]   0.00723822 
_atom_sites.fract_transf_matrix[3][1]   0.01054843 
_atom_sites.fract_transf_matrix[3][2]   -0.00081433 
_atom_sites.fract_transf_matrix[3][3]   0.01169851 
_atom_sites.fract_transf_vector[1]      1.097596 
_atom_sites.fract_transf_vector[2]      0.125726 
_atom_sites.fract_transf_vector[3]      0.120574 
_atom_sites.solution_primary            ? 
_atom_sites.solution_secondary          ? 
_atom_sites.solution_hydrogens          ? 
_atom_sites.special_details             ? 
# 
loop_
_atom_type.symbol 
_atom_type.scat_dispersion_real 
_atom_type.scat_dispersion_imag 
_atom_type.scat_Cromer_Mann_a1 
_atom_type.scat_Cromer_Mann_a2 
_atom_type.scat_Cromer_Mann_a3 
_atom_type.scat_Cromer_Mann_a4 
_atom_type.scat_Cromer_Mann_b1 
_atom_type.scat_Cromer_Mann_b2 
_atom_type.scat_Cromer_Mann_b3 
_atom_type.scat_Cromer_Mann_b4 
_atom_type.scat_Cromer_Mann_c 
_atom_type.scat_source 
_atom_type.scat_dispersion_source 
C  ? ? 3.54356  2.42580 ? ? 25.62398 1.50364  ? ? 0.0 
;2-Gaussian fit: Grosse-Kunstleve RW, Sauter NK, Adams PD: Newsletter of the IUCr Commission on Crystallographic Computing 2004, 3, 22-31.
;
? 
N  ? ? 4.01032  2.96436 ? ? 19.97189 1.75589  ? ? 0.0 
;2-Gaussian fit: Grosse-Kunstleve RW, Sauter NK, Adams PD: Newsletter of the IUCr Commission on Crystallographic Computing 2004, 3, 22-31.
;
? 
O  ? ? 4.49882  3.47563 ? ? 15.80542 1.70748  ? ? 0.0 
;2-Gaussian fit: Grosse-Kunstleve RW, Sauter NK, Adams PD: Newsletter of the IUCr Commission on Crystallographic Computing 2004, 3, 22-31.
;
? 
S  ? ? 9.55732  6.39887 ? ? 1.23737  29.19336 ? ? 0.0 
;2-Gaussian fit: Grosse-Kunstleve RW, Sauter NK, Adams PD: Newsletter of the IUCr Commission on Crystallographic Computing 2004, 3, 22-31.
;
? 
ZN ? ? 24.64596 5.25405 ? ? 2.14387  29.76375 ? ? 0.0 
;2-Gaussian fit: Grosse-Kunstleve RW, Sauter NK, Adams PD: Newsletter of the IUCr Commission on Crystallographic Computing 2004, 3, 22-31.
;
? 
# 
loop_
_atom_site.group_PDB 
_atom_site.id 
_atom_site.type_symbol 
_atom_site.label_atom_id 
_atom_site.label_alt_id 
_atom_site.label_comp_id 
_atom_site.label_asym_id 
_atom_site.label_entity_id 
_atom_site.label_seq_id 
_atom_site.pdbx_PDB_ins_code 
_atom_site.Cartn_x 
_atom_site.Cartn_y 
_atom_site.Cartn_z 
_atom_site.occupancy 
_atom_site.B_iso_or_equiv 
_atom_site.pdbx_formal_charge 
_atom_site.auth_seq_id 
_atom_site.auth_comp_id 
_atom_site.auth_asym_id 
_atom_site.auth_atom_id 
_atom_site.pdbx_PDB_model_num 
ATOM   1   N  N   . PHE A 1 16  ? 15.01223  -4.13596  -8.09957  1.000 36.48123 ?  79  PHE A N   1 
ATOM   2   C  CA  . PHE A 1 16  ? 13.64189  -4.62541  -7.97111  1.000 32.28028 ?  79  PHE A CA  1 
ATOM   3   C  C   . PHE A 1 16  ? 12.95638  -4.69975  -9.33132  1.000 31.90996 ?  79  PHE A C   1 
ATOM   4   O  O   . PHE A 1 16  ? 12.94675  -3.72518  -10.08754 1.000 35.81436 ?  79  PHE A O   1 
ATOM   5   C  CB  . PHE A 1 16  ? 12.83060  -3.72395  -7.03000  1.000 30.42034 ?  79  PHE A CB  1 
ATOM   6   C  CG  . PHE A 1 16  ? 11.36496  -4.07869  -6.95735  1.000 30.53935 ?  79  PHE A CG  1 
ATOM   7   C  CD1 . PHE A 1 16  ? 10.95036  -5.28599  -6.41390  1.000 25.57192 ?  79  PHE A CD1 1 
ATOM   8   C  CD2 . PHE A 1 16  ? 10.40460  -3.20676  -7.44538  1.000 28.56661 ?  79  PHE A CD2 1 
ATOM   9   C  CE1 . PHE A 1 16  ? 9.60065   -5.61406  -6.34571  1.000 25.29082 ?  79  PHE A CE1 1 
ATOM   10  C  CE2 . PHE A 1 16  ? 9.05636   -3.52688  -7.38474  1.000 28.32392 ?  79  PHE A CE2 1 
ATOM   11  C  CZ  . PHE A 1 16  ? 8.65277   -4.73557  -6.83648  1.000 27.31794 ?  79  PHE A CZ  1 
ATOM   12  N  N   . ASN A 1 17  ? 12.36724  -5.85265  -9.62800  1.000 29.98485 ?  80  ASN A N   1 
ATOM   13  C  CA  . ASN A 1 17  ? 11.68485  -6.09206  -10.89971 1.000 32.73064 ?  80  ASN A CA  1 
ATOM   14  C  C   . ASN A 1 17  ? 10.23639  -6.47203  -10.63506 1.000 31.09616 ?  80  ASN A C   1 
ATOM   15  O  O   . ASN A 1 17  ? 9.94364   -7.65003  -10.36046 1.000 30.83263 ?  80  ASN A O   1 
ATOM   16  C  CB  . ASN A 1 17  ? 12.38778  -7.19452  -11.68772 1.000 31.18954 ?  80  ASN A CB  1 
ATOM   17  C  CG  . ASN A 1 17  ? 11.95374  -7.24402  -13.13459 1.000 38.53430 ?  80  ASN A CG  1 
ATOM   18  O  OD1 . ASN A 1 17  ? 10.82728  -6.86975  -13.47541 1.000 40.39377 ?  80  ASN A OD1 1 
ATOM   19  N  ND2 . ASN A 1 17  ? 12.84055  -7.72816  -13.99801 1.000 43.38978 ?  80  ASN A ND2 1 
ATOM   20  N  N   . PRO A 1 18  ? 9.29833   -5.52379  -10.72495 1.000 32.54907 ?  81  PRO A N   1 
ATOM   21  C  CA  . PRO A 1 18  ? 7.90037   -5.83857  -10.39623 1.000 28.32175 ?  81  PRO A CA  1 
ATOM   22  C  C   . PRO A 1 18  ? 7.27273   -6.89348  -11.29129 1.000 28.81176 ?  81  PRO A C   1 
ATOM   23  O  O   . PRO A 1 18  ? 6.31738   -7.55120  -10.86652 1.000 27.72377 ?  81  PRO A O   1 
ATOM   24  C  CB  . PRO A 1 18  ? 7.19749   -4.48474  -10.54820 1.000 29.63239 ?  81  PRO A CB  1 
ATOM   25  C  CG  . PRO A 1 18  ? 8.05851   -3.72329  -11.50558 1.000 31.89069 ?  81  PRO A CG  1 
ATOM   26  C  CD  . PRO A 1 18  ? 9.46217   -4.13283  -11.17756 1.000 28.70866 ?  81  PRO A CD  1 
ATOM   27  N  N   . TYR A 1 19  ? 7.79470   -7.10681  -12.48394 1.000 32.41741 ?  82  TYR A N   1 
ATOM   28  C  CA  . TYR A 1 19  ? 7.21238   -8.09929  -13.33876 1.000 32.40348 ?  82  TYR A CA  1 
ATOM   29  C  C   . TYR A 1 19  ? 7.56896   -9.47888  -12.94154 1.000 32.12664 ?  82  TYR A C   1 
ATOM   30  O  O   . TYR A 1 19  ? 6.79514   -10.34937 -13.11804 1.000 36.40601 ?  82  TYR A O   1 
ATOM   31  C  CB  . TYR A 1 19  ? 7.55159   -7.87634  -14.80206 1.000 33.74473 ?  82  TYR A CB  1 
ATOM   32  C  CG  . TYR A 1 19  ? 7.35585   -6.47505  -15.20554 1.000 34.78833 ?  82  TYR A CG  1 
ATOM   33  C  CD1 . TYR A 1 19  ? 6.12345   -5.99317  -15.48909 1.000 36.96839 ?  82  TYR A CD1 1 
ATOM   34  C  CD2 . TYR A 1 19  ? 8.41494   -5.63555  -15.28508 1.000 39.33705 ?  82  TYR A CD2 1 
ATOM   35  C  CE1 . TYR A 1 19  ? 5.93815   -4.68479  -15.85573 1.000 42.74060 ?  82  TYR A CE1 1 
ATOM   36  C  CE2 . TYR A 1 19  ? 8.26424   -4.33400  -15.63757 1.000 44.28744 ?  82  TYR A CE2 1 
ATOM   37  C  CZ  . TYR A 1 19  ? 7.01728   -3.85994  -15.92874 1.000 46.01234 ?  82  TYR A CZ  1 
ATOM   38  O  OH  . TYR A 1 19  ? 6.90771   -2.55291  -16.28429 1.000 50.24509 ?  82  TYR A OH  1 
ATOM   39  N  N   . THR A 1 20  ? 8.76804   -9.69806  -12.46005 1.000 33.30339 ?  83  THR A N   1 
ATOM   40  C  CA  . THR A 1 20  ? 9.12302   -11.02485 -11.96731 1.000 32.28005 ?  83  THR A CA  1 
ATOM   41  C  C   . THR A 1 20  ? 8.75013   -11.23170 -10.50622 1.000 29.46661 ?  83  THR A C   1 
ATOM   42  O  O   . THR A 1 20  ? 8.42083   -12.35767 -10.12210 1.000 29.71340 ?  83  THR A O   1 
ATOM   43  C  CB  . THR A 1 20  ? 10.61627  -11.29760 -12.14566 1.000 32.89730 ?  83  THR A CB  1 
ATOM   44  O  OG1 . THR A 1 20  ? 11.35422  -10.09336 -11.91659 1.000 37.52219 ?  83  THR A OG1 1 
ATOM   45  C  CG2 . THR A 1 20  ? 10.88945  -11.79781 -13.56090 1.000 37.86475 ?  83  THR A CG2 1 
ATOM   46  N  N   . GLU A 1 21  ? 8.78551   -10.17827 -9.68182  1.000 30.07820 ?  84  GLU A N   1 
ATOM   47  C  CA  . GLU A 1 21  ? 8.34191   -10.32349 -8.29566  1.000 27.47018 ?  84  GLU A CA  1 
ATOM   48  C  C   . GLU A 1 21  ? 6.84170   -10.57052 -8.22082  1.000 24.85706 ?  84  GLU A C   1 
ATOM   49  O  O   . GLU A 1 21  ? 6.38024   -11.39184 -7.41961  1.000 24.31026 ?  84  GLU A O   1 
ATOM   50  C  CB  . GLU A 1 21  ? 8.71262   -9.07976  -7.48068  1.000 25.55922 ?  84  GLU A CB  1 
ATOM   51  C  CG  . GLU A 1 21  ? 10.18068  -8.97744  -7.06114  1.000 28.64322 ?  84  GLU A CG  1 
ATOM   52  C  CD  . GLU A 1 21  ? 10.69040  -10.21111 -6.34153  1.000 32.03323 ?  84  GLU A CD  1 
ATOM   53  O  OE1 . GLU A 1 21  ? 10.50644  -10.30798 -5.10721  1.000 30.47218 ?  84  GLU A OE1 1 
ATOM   54  O  OE2 . GLU A 1 21  ? 11.28578  -11.08652 -7.00327  1.000 37.47162 -1 84  GLU A OE2 1 
ATOM   55  N  N   . PHE A 1 22  ? 6.05982   -9.87587  -9.04843  1.000 22.46519 ?  85  PHE A N   1 
ATOM   56  C  CA  . PHE A 1 22  ? 4.60395   -9.95396  -8.99676  1.000 20.57368 ?  85  PHE A CA  1 
ATOM   57  C  C   . PHE A 1 22  ? 4.04581   -10.27578 -10.37431 1.000 23.83031 ?  85  PHE A C   1 
ATOM   58  O  O   . PHE A 1 22  ? 3.30599   -9.47740  -10.95612 1.000 21.02724 ?  85  PHE A O   1 
ATOM   59  C  CB  . PHE A 1 22  ? 4.02533   -8.64390  -8.46084  1.000 20.53784 ?  85  PHE A CB  1 
ATOM   60  C  CG  . PHE A 1 22  ? 4.49363   -8.33171  -7.07288  1.000 20.54131 ?  85  PHE A CG  1 
ATOM   61  C  CD1 . PHE A 1 22  ? 4.08846   -9.13192  -6.00929  1.000 20.35827 ?  85  PHE A CD1 1 
ATOM   62  C  CD2 . PHE A 1 22  ? 5.35370   -7.27413  -6.83200  1.000 18.23986 ?  85  PHE A CD2 1 
ATOM   63  C  CE1 . PHE A 1 22  ? 4.54593   -8.87993  -4.70611  1.000 18.84995 ?  85  PHE A CE1 1 
ATOM   64  C  CE2 . PHE A 1 22  ? 5.79318   -6.99112  -5.53202  1.000 21.44869 ?  85  PHE A CE2 1 
ATOM   65  C  CZ  . PHE A 1 22  ? 5.37426   -7.79506  -4.46839  1.000 19.50676 ?  85  PHE A CZ  1 
ATOM   66  N  N   . PRO A 1 23  ? 4.32570   -11.46989 -10.89809 1.000 25.93632 ?  86  PRO A N   1 
ATOM   67  C  CA  . PRO A 1 23  ? 3.84660   -11.79640 -12.25295 1.000 27.25180 ?  86  PRO A CA  1 
ATOM   68  C  C   . PRO A 1 23  ? 2.33880   -11.87662 -12.35694 1.000 26.02050 ?  86  PRO A C   1 
ATOM   69  O  O   . PRO A 1 23  ? 1.80949   -11.84156 -13.47562 1.000 30.51305 ?  86  PRO A O   1 
ATOM   70  C  CB  . PRO A 1 23  ? 4.49152   -13.15555 -12.54302 1.000 27.85652 ?  86  PRO A CB  1 
ATOM   71  C  CG  . PRO A 1 23  ? 4.79417   -13.74543 -11.20468 1.000 29.25687 ?  86  PRO A CG  1 
ATOM   72  C  CD  . PRO A 1 23  ? 4.92159   -12.63022 -10.20819 1.000 26.08985 ?  86  PRO A CD  1 
ATOM   73  N  N   . GLU A 1 24  ? 1.62122   -11.96504 -11.24158 1.000 21.47928 ?  87  GLU A N   1 
ATOM   74  C  CA  . GLU A 1 24  ? 0.16864   -12.02275 -11.28057 1.000 24.77002 ?  87  GLU A CA  1 
ATOM   75  C  C   . GLU A 1 24  ? -0.47587  -10.66752 -11.55542 1.000 23.49673 ?  87  GLU A C   1 
ATOM   76  O  O   . GLU A 1 24  ? -1.70104  -10.60605 -11.71362 1.000 26.50236 ?  87  GLU A O   1 
ATOM   77  C  CB  . GLU A 1 24  ? -0.35429  -12.59374 -9.96249  1.000 25.31595 ?  87  GLU A CB  1 
ATOM   78  C  CG  . GLU A 1 24  ? -0.30689  -11.60862 -8.80129  1.000 28.63441 ?  87  GLU A CG  1 
ATOM   79  C  CD  . GLU A 1 24  ? 0.95724   -11.69738 -7.94986  1.000 27.04070 ?  87  GLU A CD  1 
ATOM   80  O  OE1 . GLU A 1 24  ? 2.04568   -12.07949 -8.46753  1.000 25.60551 ?  87  GLU A OE1 1 
ATOM   81  O  OE2 . GLU A 1 24  ? 0.84908   -11.36891 -6.74014  1.000 24.50938 -1 87  GLU A OE2 1 
ATOM   82  N  N   . PHE A 1 25  ? 0.30983   -9.58869  -11.58331 1.000 21.84773 ?  88  PHE A N   1 
ATOM   83  C  CA  . PHE A 1 25  ? -0.19384  -8.24603  -11.84060 1.000 20.44564 ?  88  PHE A CA  1 
ATOM   84  C  C   . PHE A 1 25  ? -0.08725  -7.93921  -13.32673 1.000 18.69365 ?  88  PHE A C   1 
ATOM   85  O  O   . PHE A 1 25  ? 1.00535   -8.00714  -13.88879 1.000 20.78688 ?  88  PHE A O   1 
ATOM   86  C  CB  . PHE A 1 25  ? 0.61472   -7.18961  -11.09150 1.000 22.18165 ?  88  PHE A CB  1 
ATOM   87  C  CG  . PHE A 1 25  ? 0.40822   -7.18066  -9.60546  1.000 24.70276 ?  88  PHE A CG  1 
ATOM   88  C  CD1 . PHE A 1 25  ? -0.63990  -7.88214  -9.01746  1.000 24.96813 ?  88  PHE A CD1 1 
ATOM   89  C  CD2 . PHE A 1 25  ? 1.27717   -6.46296  -8.79778  1.000 25.69902 ?  88  PHE A CD2 1 
ATOM   90  C  CE1 . PHE A 1 25  ? -0.81553  -7.85487  -7.62963  1.000 27.92114 ?  88  PHE A CE1 1 
ATOM   91  C  CE2 . PHE A 1 25  ? 1.11199   -6.44479  -7.41193  1.000 24.08615 ?  88  PHE A CE2 1 
ATOM   92  C  CZ  . PHE A 1 25  ? 0.06046   -7.14537  -6.84103  1.000 21.06782 ?  88  PHE A CZ  1 
ATOM   93  N  N   . SER A 1 26  ? -1.19109  -7.53077  -13.93406 1.000 20.15125 ?  89  SER A N   1 
ATOM   94  C  CA  . SER A 1 26  ? -1.10440  -7.04042  -15.30595 1.000 20.56678 ?  89  SER A CA  1 
ATOM   95  C  C   . SER A 1 26  ? -0.27601  -5.75869  -15.37342 1.000 21.10389 ?  89  SER A C   1 
ATOM   96  O  O   . SER A 1 26  ? -0.09071  -5.04644  -14.38798 1.000 17.38229 ?  89  SER A O   1 
ATOM   97  C  CB  . SER A 1 26  ? -2.49773  -6.76508  -15.86715 1.000 19.95423 ?  89  SER A CB  1 
ATOM   98  O  OG  . SER A 1 26  ? -3.12284  -5.67492  -15.18678 1.000 23.71396 ?  89  SER A OG  1 
ATOM   99  N  N   . ARG A 1 27  ? 0.20416   -5.44210  -16.57707 1.000 19.37942 ?  90  ARG A N   1 
ATOM   100 C  CA  . ARG A 1 27  ? 0.90576   -4.17925  -16.76068 1.000 18.08937 ?  90  ARG A CA  1 
ATOM   101 C  C   . ARG A 1 27  ? 0.01500   -2.99404  -16.38707 1.000 17.57225 ?  90  ARG A C   1 
ATOM   102 O  O   . ARG A 1 27  ? 0.48010   -2.02256  -15.77733 1.000 18.02965 ?  90  ARG A O   1 
ATOM   103 C  CB  . ARG A 1 27  ? 1.37575   -4.07493  -18.21265 1.000 22.70953 ?  90  ARG A CB  1 
ATOM   104 C  CG  . ARG A 1 27  ? 2.10711   -2.79567  -18.56648 1.000 28.91262 ?  90  ARG A CG  1 
ATOM   105 C  CD  . ARG A 1 27  ? 3.31538   -3.06032  -19.47204 1.000 38.15571 ?  90  ARG A CD  1 
ATOM   106 N  NE  . ARG A 1 27  ? 4.34392   -2.03581  -19.32230 1.000 42.68869 ?  90  ARG A NE  1 
ATOM   107 C  CZ  . ARG A 1 27  ? 4.87994   -1.37336  -20.33951 1.000 44.68638 ?  90  ARG A CZ  1 
ATOM   108 N  NH1 . ARG A 1 27  ? 4.50690   -1.60609  -21.58948 1.000 40.87997 ?  90  ARG A NH1 1 
ATOM   109 N  NH2 . ARG A 1 27  ? 5.80086   -0.44262  -20.09751 1.000 46.18625 ?  90  ARG A NH2 1 
ATOM   110 N  N   . ARG A 1 28  ? -1.27829  -3.06924  -16.72656 1.000 18.12705 ?  91  ARG A N   1 
ATOM   111 C  CA  . ARG A 1 28  ? -2.20163  -1.98690  -16.39668 1.000 19.02639 ?  91  ARG A CA  1 
ATOM   112 C  C   . ARG A 1 28  ? -2.31579  -1.80699  -14.88661 1.000 20.72161 ?  91  ARG A C   1 
ATOM   113 O  O   . ARG A 1 28  ? -2.32790  -0.67926  -14.38543 1.000 17.36258 ?  91  ARG A O   1 
ATOM   114 C  CB  . ARG A 1 28  ? -3.57584  -2.26902  -17.01600 1.000 20.34992 ?  91  ARG A CB  1 
ATOM   115 C  CG  . ARG A 1 28  ? -4.53587  -1.07726  -17.00861 1.000 29.18626 ?  91  ARG A CG  1 
ATOM   116 C  CD  . ARG A 1 28  ? -5.31710  -1.01812  -15.70813 1.000 31.07331 ?  91  ARG A CD  1 
ATOM   117 N  NE  . ARG A 1 28  ? -5.79440  -2.33849  -15.30876 1.000 34.74412 ?  91  ARG A NE  1 
ATOM   118 C  CZ  . ARG A 1 28  ? -6.16162  -2.66624  -14.07570 1.000 36.37164 ?  91  ARG A CZ  1 
ATOM   119 N  NH1 . ARG A 1 28  ? -6.01692  -1.82400  -13.06357 1.000 30.27823 ?  91  ARG A NH1 1 
ATOM   120 N  NH2 . ARG A 1 28  ? -6.66022  -3.88251  -13.84841 1.000 38.22477 ?  91  ARG A NH2 1 
ATOM   121 N  N   . LEU A 1 29  ? -2.44221  -2.90996  -14.15248 1.000 17.43595 ?  92  LEU A N   1 
ATOM   122 C  CA  . LEU A 1 29  ? -2.55502  -2.80283  -12.70395 1.000 15.59850 ?  92  LEU A CA  1 
ATOM   123 C  C   . LEU A 1 29  ? -1.29091  -2.20935  -12.10013 1.000 16.83438 ?  92  LEU A C   1 
ATOM   124 O  O   . LEU A 1 29  ? -1.35433  -1.37563  -11.18520 1.000 15.62614 ?  92  LEU A O   1 
ATOM   125 C  CB  . LEU A 1 29  ? -2.85087  -4.18035  -12.12294 1.000 18.34363 ?  92  LEU A CB  1 
ATOM   126 C  CG  . LEU A 1 29  ? -2.83793  -4.26841  -10.59493 1.000 20.12868 ?  92  LEU A CG  1 
ATOM   127 C  CD1 . LEU A 1 29  ? -3.91473  -3.41594  -10.01105 1.000 23.69441 ?  92  LEU A CD1 1 
ATOM   128 C  CD2 . LEU A 1 29  ? -3.04774  -5.71582  -10.20450 1.000 22.20381 ?  92  LEU A CD2 1 
ATOM   129 N  N   . LEU A 1 30  ? -0.13189  -2.63073  -12.59793 1.000 15.18837 ?  93  LEU A N   1 
ATOM   130 C  CA  . LEU A 1 30  ? 1.12456   -2.07944  -12.11967 1.000 15.40471 ?  93  LEU A CA  1 
ATOM   131 C  C   . LEU A 1 30  ? 1.17485   -0.57412  -12.35243 1.000 16.36232 ?  93  LEU A C   1 
ATOM   132 O  O   . LEU A 1 30  ? 1.57242   0.18789   -11.46915 1.000 16.68119 ?  93  LEU A O   1 
ATOM   133 C  CB  . LEU A 1 30  ? 2.28391   -2.77603  -12.81883 1.000 18.83332 ?  93  LEU A CB  1 
ATOM   134 C  CG  . LEU A 1 30  ? 2.59570   -4.20041  -12.38146 1.000 25.00141 ?  93  LEU A CG  1 
ATOM   135 C  CD1 . LEU A 1 30  ? 3.84713   -4.69644  -13.10428 1.000 28.19426 ?  93  LEU A CD1 1 
ATOM   136 C  CD2 . LEU A 1 30  ? 2.83461   -4.22765  -10.87545 1.000 25.32866 ?  93  LEU A CD2 1 
ATOM   137 N  N   . LYS A 1 31  ? 0.77724   -0.12063  -13.54673 1.000 15.06146 ?  94  LYS A N   1 
ATOM   138 C  CA  . LYS A 1 31  ? 0.76360   1.31951   -13.80038 1.000 17.72920 ?  94  LYS A CA  1 
ATOM   139 C  C   . LYS A 1 31  ? -0.25509  2.02625   -12.91182 1.000 17.23044 ?  94  LYS A C   1 
ATOM   140 O  O   . LYS A 1 31  ? -0.01257  3.13975   -12.43128 1.000 17.06169 ?  94  LYS A O   1 
ATOM   141 C  CB  . LYS A 1 31  ? 0.47905   1.57898   -15.28030 1.000 16.85272 ?  94  LYS A CB  1 
ATOM   142 C  CG  . LYS A 1 31  ? 1.56021   1.03249   -16.19683 1.000 23.47180 ?  94  LYS A CG  1 
ATOM   143 C  CD  . LYS A 1 31  ? 1.53951   1.72859   -17.56824 1.000 27.42955 ?  94  LYS A CD  1 
ATOM   144 C  CE  . LYS A 1 31  ? 2.69398   1.28055   -18.47145 1.000 30.17063 ?  94  LYS A CE  1 
ATOM   145 N  NZ  . LYS A 1 31  ? 4.02601   1.76512   -17.98239 1.000 31.04967 ?  94  LYS A NZ  1 
ATOM   146 N  N   . ASP A 1 32  ? -1.41514  1.41120   -12.71079 1.000 15.47198 ?  95  ASP A N   1 
ATOM   147 C  CA  . ASP A 1 32  ? -2.41153  2.01443   -11.83192 1.000 17.36194 ?  95  ASP A CA  1 
ATOM   148 C  C   . ASP A 1 32  ? -1.88009  2.11545   -10.40347 1.000 16.81982 ?  95  ASP A C   1 
ATOM   149 O  O   . ASP A 1 32  ? -2.14380  3.09561   -9.70241  1.000 16.03913 ?  95  ASP A O   1 
ATOM   150 C  CB  . ASP A 1 32  ? -3.68302  1.17527   -11.87349 1.000 19.37914 ?  95  ASP A CB  1 
ATOM   151 C  CG  . ASP A 1 32  ? -4.57869  1.52597   -13.05911 1.000 26.34349 ?  95  ASP A CG  1 
ATOM   152 O  OD1 . ASP A 1 32  ? -4.21126  2.42053   -13.85804 1.000 28.03143 ?  95  ASP A OD1 1 
ATOM   153 O  OD2 . ASP A 1 32  ? -5.60254  0.83509   -13.23887 1.000 29.97065 -1 95  ASP A OD2 1 
ATOM   154 N  N   . LEU A 1 33  ? -1.12880  1.10403   -9.95192  1.000 14.92249 ?  96  LEU A N   1 
ATOM   155 C  CA  . LEU A 1 33  ? -0.59828  1.15033   -8.58713  1.000 13.85545 ?  96  LEU A CA  1 
ATOM   156 C  C   . LEU A 1 33  ? 0.54534   2.15757   -8.47783  1.000 15.58493 ?  96  LEU A C   1 
ATOM   157 O  O   . LEU A 1 33  ? 0.69195   2.82938   -7.45207  1.000 15.27694 ?  96  LEU A O   1 
ATOM   158 C  CB  . LEU A 1 33  ? -0.13111  -0.24344  -8.15184  1.000 15.02624 ?  96  LEU A CB  1 
ATOM   159 C  CG  . LEU A 1 33  ? -1.27710  -1.23319  -7.92299  1.000 15.81412 ?  96  LEU A CG  1 
ATOM   160 C  CD1 . LEU A 1 33  ? -0.76128  -2.65950  -7.77692  1.000 16.83324 ?  96  LEU A CD1 1 
ATOM   161 C  CD2 . LEU A 1 33  ? -2.11796  -0.82467  -6.70805  1.000 16.77202 ?  96  LEU A CD2 1 
ATOM   162 N  N   . GLU A 1 34  ? 1.36647   2.28151   -9.52377  1.000 16.00689 ?  97  GLU A N   1 
ATOM   163 C  CA  . GLU A 1 34  ? 2.37433   3.34322   -9.52423  1.000 16.11957 ?  97  GLU A CA  1 
ATOM   164 C  C   . GLU A 1 34  ? 1.72094   4.71318   -9.41881  1.000 15.63763 ?  97  GLU A C   1 
ATOM   165 O  O   . GLU A 1 34  ? 2.15567   5.56339   -8.62789  1.000 16.06580 ?  97  GLU A O   1 
ATOM   166 C  CB  . GLU A 1 34  ? 3.22342   3.28376   -10.79428 1.000 20.93275 ?  97  GLU A CB  1 
ATOM   167 C  CG  . GLU A 1 34  ? 4.34565   4.32287   -10.76067 1.000 26.63474 ?  97  GLU A CG  1 
ATOM   168 C  CD  . GLU A 1 34  ? 5.26128   4.25459   -11.96190 1.000 41.16169 ?  97  GLU A CD  1 
ATOM   169 O  OE1 . GLU A 1 34  ? 4.87380   3.61755   -12.97266 1.000 40.19411 ?  97  GLU A OE1 1 
ATOM   170 O  OE2 . GLU A 1 34  ? 6.37845   4.81995   -11.88051 1.000 45.10687 -1 97  GLU A OE2 1 
ATOM   171 N  N   . LYS A 1 35  ? 0.66537   4.93885   -10.19837 1.000 16.85039 ?  98  LYS A N   1 
ATOM   172 C  CA  . LYS A 1 35  ? -0.03293  6.21781   -10.12606 1.000 16.34391 ?  98  LYS A CA  1 
ATOM   173 C  C   . LYS A 1 35  ? -0.55971  6.46055   -8.72184  1.000 17.77517 ?  98  LYS A C   1 
ATOM   174 O  O   . LYS A 1 35  ? -0.45951  7.57788   -8.18794  1.000 17.29048 ?  98  LYS A O   1 
ATOM   175 C  CB  . LYS A 1 35  ? -1.17887  6.26334   -11.13189 1.000 16.87184 ?  98  LYS A CB  1 
ATOM   176 C  CG  . LYS A 1 35  ? -1.88595  7.64405   -11.13242 1.000 17.85387 ?  98  LYS A CG  1 
ATOM   177 C  CD  . LYS A 1 35  ? -2.66144  7.96620   -12.41517 1.000 26.41025 ?  98  LYS A CD  1 
ATOM   178 C  CE  . LYS A 1 35  ? -4.16495  7.75747   -12.24969 1.000 36.99711 ?  98  LYS A CE  1 
ATOM   179 N  NZ  . LYS A 1 35  ? -4.80834  7.09703   -13.43562 1.000 38.85682 ?  98  LYS A NZ  1 
ATOM   180 N  N   . MET A 1 36  ? -1.10691  5.42694   -8.08576  1.000 14.00988 ?  99  MET A N   1 
ATOM   181 C  CA  . MET A 1 36  ? -1.67052  5.77989   -6.79593  1.000 14.45612 ?  99  MET A CA  1 
ATOM   182 C  C   . MET A 1 36  ? -0.56877  5.94239   -5.76428  1.000 16.16169 ?  99  MET A C   1 
ATOM   183 O  O   . MET A 1 36  ? -0.68354  6.81718   -4.89730  1.000 18.05954 ?  99  MET A O   1 
ATOM   184 C  CB  . MET A 1 36  ? -2.81881  4.82772   -6.41528  1.000 21.47022 ?  99  MET A CB  1 
ATOM   185 C  CG  . MET A 1 36  ? -3.20279  4.72209   -4.90214  1.000 16.80329 ?  99  MET A CG  1 
ATOM   186 S  SD  . MET A 1 36  ? -3.94004  3.15316   -4.43454  1.000 17.37828 ?  99  MET A SD  1 
ATOM   187 C  CE  . MET A 1 36  ? -4.80399  3.71609   -2.96272  1.000 20.16342 ?  99  MET A CE  1 
ATOM   188 N  N   . PHE A 1 37  ? 0.53727   5.19221   -5.88834  1.000 12.55078 ?  100 PHE A N   1 
ATOM   189 C  CA  . PHE A 1 37  ? 1.67829   5.44954   -5.01395  1.000 13.18682 ?  100 PHE A CA  1 
ATOM   190 C  C   . PHE A 1 37  ? 2.14397   6.89916   -5.15098  1.000 19.63420 ?  100 PHE A C   1 
ATOM   191 O  O   . PHE A 1 37  ? 2.30162   7.60921   -4.15284  1.000 16.95820 ?  100 PHE A O   1 
ATOM   192 C  CB  . PHE A 1 37  ? 2.82201   4.47770   -5.31551  1.000 14.84785 ?  100 PHE A CB  1 
ATOM   193 C  CG  . PHE A 1 37  ? 3.97541   4.57907   -4.34149  1.000 17.99240 ?  100 PHE A CG  1 
ATOM   194 C  CD1 . PHE A 1 37  ? 3.97147   3.85755   -3.15745  1.000 16.02412 ?  100 PHE A CD1 1 
ATOM   195 C  CD2 . PHE A 1 37  ? 5.05975   5.41654   -4.60600  1.000 19.86767 ?  100 PHE A CD2 1 
ATOM   196 C  CE1 . PHE A 1 37  ? 5.02650   3.96151   -2.25628  1.000 14.32666 ?  100 PHE A CE1 1 
ATOM   197 C  CE2 . PHE A 1 37  ? 6.11579   5.52415   -3.71631  1.000 20.30150 ?  100 PHE A CE2 1 
ATOM   198 C  CZ  . PHE A 1 37  ? 6.10264   4.78096   -2.54296  1.000 20.86054 ?  100 PHE A CZ  1 
ATOM   199 N  N   . LYS A 1 38  ? 2.34107   7.35883   -6.39262  1.000 18.50398 ?  101 LYS A N   1 
ATOM   200 C  CA  . LYS A 1 38  ? 2.82758   8.71904   -6.61804  1.000 18.89219 ?  101 LYS A CA  1 
ATOM   201 C  C   . LYS A 1 38  ? 1.82101   9.76104   -6.16301  1.000 19.01885 ?  101 LYS A C   1 
ATOM   202 O  O   . LYS A 1 38  ? 2.22138   10.84544  -5.72055  1.000 21.73036 ?  101 LYS A O   1 
ATOM   203 C  CB  . LYS A 1 38  ? 3.17498   8.92372   -8.09673  1.000 17.28150 ?  101 LYS A CB  1 
ATOM   204 C  CG  . LYS A 1 38  ? 4.33540   8.05450   -8.56702  1.000 20.68212 ?  101 LYS A CG  1 
ATOM   205 C  CD  . LYS A 1 38  ? 4.56503   8.18816   -10.06828 1.000 26.00864 ?  101 LYS A CD  1 
ATOM   206 C  CE  . LYS A 1 38  ? 5.19184   9.51488   -10.40937 1.000 31.70892 ?  101 LYS A CE  1 
ATOM   207 N  NZ  . LYS A 1 38  ? 6.34078   9.31749   -11.34443 1.000 37.21939 ?  101 LYS A NZ  1 
ATOM   208 N  N   . THR A 1 39  ? 0.52484   9.44877   -6.24475  1.000 15.95130 ?  102 THR A N   1 
ATOM   209 C  CA  . THR A 1 39  ? -0.51173  10.37104  -5.78159  1.000 18.35252 ?  102 THR A CA  1 
ATOM   210 C  C   . THR A 1 39  ? -0.35868  10.68245  -4.30166  1.000 22.97751 ?  102 THR A C   1 
ATOM   211 O  O   . THR A 1 39  ? -0.50264  11.83964  -3.88577  1.000 21.36772 ?  102 THR A O   1 
ATOM   212 C  CB  . THR A 1 39  ? -1.90589  9.79850   -6.05846  1.000 18.60877 ?  102 THR A CB  1 
ATOM   213 O  OG1 . THR A 1 39  ? -2.11152  9.68218   -7.47211  1.000 20.18224 ?  102 THR A OG1 1 
ATOM   214 C  CG2 . THR A 1 39  ? -3.00744  10.69015  -5.46708  1.000 23.67279 ?  102 THR A CG2 1 
ATOM   215 N  N   . TYR A 1 40  ? -0.04781  9.67146   -3.48959  1.000 21.04528 ?  103 TYR A N   1 
ATOM   216 C  CA  . TYR A 1 40  ? -0.03082  9.85938   -2.05032  1.000 19.86858 ?  103 TYR A CA  1 
ATOM   217 C  C   . TYR A 1 40  ? 1.36031   10.05945  -1.47486  1.000 22.02264 ?  103 TYR A C   1 
ATOM   218 O  O   . TYR A 1 40  ? 1.47752   10.39442  -0.29301  1.000 19.69700 ?  103 TYR A O   1 
ATOM   219 C  CB  . TYR A 1 40  ? -0.74854  8.69021   -1.37324  1.000 18.75901 ?  103 TYR A CB  1 
ATOM   220 C  CG  . TYR A 1 40  ? -2.22191  8.75373   -1.68079  1.000 19.83831 ?  103 TYR A CG  1 
ATOM   221 C  CD1 . TYR A 1 40  ? -3.02550  9.68952   -1.04939  1.000 19.88724 ?  103 TYR A CD1 1 
ATOM   222 C  CD2 . TYR A 1 40  ? -2.80191  7.91641   -2.62565  1.000 18.73400 ?  103 TYR A CD2 1 
ATOM   223 C  CE1 . TYR A 1 40  ? -4.37376  9.77945   -1.33193  1.000 19.16700 ?  103 TYR A CE1 1 
ATOM   224 C  CE2 . TYR A 1 40  ? -4.15301  8.00221   -2.92344  1.000 21.62918 ?  103 TYR A CE2 1 
ATOM   225 C  CZ  . TYR A 1 40  ? -4.92839  8.94168   -2.27005  1.000 21.59551 ?  103 TYR A CZ  1 
ATOM   226 O  OH  . TYR A 1 40  ? -6.26752  9.04645   -2.53013  1.000 23.67445 ?  103 TYR A OH  1 
ATOM   227 N  N   . ASP A 1 41  ? 2.41489   9.88717   -2.27158  1.000 18.50790 ?  104 ASP A N   1 
ATOM   228 C  CA  . ASP A 1 41  ? 3.74401   10.32125  -1.85896  1.000 20.58440 ?  104 ASP A CA  1 
ATOM   229 C  C   . ASP A 1 41  ? 3.83213   11.83063  -2.08244  1.000 25.31500 ?  104 ASP A C   1 
ATOM   230 O  O   . ASP A 1 41  ? 4.48140   12.31784  -3.01020  1.000 27.03763 ?  104 ASP A O   1 
ATOM   231 C  CB  . ASP A 1 41  ? 4.81959   9.57997   -2.63256  1.000 19.53973 ?  104 ASP A CB  1 
ATOM   232 C  CG  . ASP A 1 41  ? 6.22067   10.04026  -2.27781  1.000 23.00252 ?  104 ASP A CG  1 
ATOM   233 O  OD1 . ASP A 1 41  ? 6.41875   10.66321  -1.21015  1.000 24.98858 ?  104 ASP A OD1 1 
ATOM   234 O  OD2 . ASP A 1 41  ? 7.13079   9.75858   -3.06881  1.000 22.91059 -1 104 ASP A OD2 1 
ATOM   235 N  N   . ALA A 1 42  ? 3.15120   12.56733  -1.19487  1.000 26.29987 ?  105 ALA A N   1 
ATOM   236 C  CA  . ALA A 1 42  ? 3.03692   14.01537  -1.35024  1.000 29.76608 ?  105 ALA A CA  1 
ATOM   237 C  C   . ALA A 1 42  ? 4.40217   14.68762  -1.33739  1.000 32.68138 ?  105 ALA A C   1 
ATOM   238 O  O   . ALA A 1 42  ? 4.64071   15.63738  -2.09563  1.000 33.13069 ?  105 ALA A O   1 
ATOM   239 C  CB  . ALA A 1 42  ? 2.14303   14.58511  -0.25046  1.000 26.55887 ?  105 ALA A CB  1 
ATOM   240 N  N   . GLY A 1 43  ? 5.32138   14.19640  -0.50260  1.000 28.38406 ?  106 GLY A N   1 
ATOM   241 C  CA  . GLY A 1 43  ? 6.65311   14.76771  -0.41369  1.000 29.74936 ?  106 GLY A CA  1 
ATOM   242 C  C   . GLY A 1 43  ? 7.60466   14.39305  -1.52797  1.000 30.47232 ?  106 GLY A C   1 
ATOM   243 O  O   . GLY A 1 43  ? 8.71992   14.91735  -1.56107  1.000 36.82109 ?  106 GLY A O   1 
ATOM   244 N  N   . ARG A 1 44  ? 7.19454   13.49126  -2.42295  1.000 30.73359 ?  107 ARG A N   1 
ATOM   245 C  CA  . ARG A 1 44  ? 7.97611   13.08970  -3.59595  1.000 28.23631 ?  107 ARG A CA  1 
ATOM   246 C  C   . ARG A 1 44  ? 9.36475   12.56404  -3.22044  1.000 29.93002 ?  107 ARG A C   1 
ATOM   247 O  O   . ARG A 1 44  ? 10.35818  12.85581  -3.88691  1.000 34.71808 ?  107 ARG A O   1 
ATOM   248 C  CB  . ARG A 1 44  ? 8.07677   14.24270  -4.60576  1.000 31.45909 ?  107 ARG A CB  1 
ATOM   249 N  N   . ASP A 1 45  ? 9.44307   11.76494  -2.15794  1.000 28.30978 ?  108 ASP A N   1 
ATOM   250 C  CA  . ASP A 1 45  ? 10.70648  11.15214  -1.76425  1.000 27.06516 ?  108 ASP A CA  1 
ATOM   251 C  C   . ASP A 1 45  ? 10.79084  9.67168   -2.11593  1.000 26.52439 ?  108 ASP A C   1 
ATOM   252 O  O   . ASP A 1 45  ? 11.79445  9.03083   -1.79837  1.000 27.40926 ?  108 ASP A O   1 
ATOM   253 C  CB  . ASP A 1 45  ? 10.96020  11.35356  -0.26137  1.000 26.58077 ?  108 ASP A CB  1 
ATOM   254 C  CG  . ASP A 1 45  ? 10.00393  10.55624  0.62040   1.000 27.05887 ?  108 ASP A CG  1 
ATOM   255 O  OD1 . ASP A 1 45  ? 8.93254   10.13881  0.13920   1.000 25.17083 ?  108 ASP A OD1 1 
ATOM   256 O  OD2 . ASP A 1 45  ? 10.31293  10.35892  1.80977   1.000 28.52316 -1 108 ASP A OD2 1 
ATOM   257 N  N   . GLY A 1 46  ? 9.77644   9.12032   -2.77395  1.000 25.68943 ?  109 GLY A N   1 
ATOM   258 C  CA  . GLY A 1 46  ? 9.75619   7.71078   -3.09774  1.000 24.37510 ?  109 GLY A CA  1 
ATOM   259 C  C   . GLY A 1 46  ? 9.24052   6.82027   -1.99439  1.000 25.06724 ?  109 GLY A C   1 
ATOM   260 O  O   . GLY A 1 46  ? 9.34852   5.58935   -2.10604  1.000 25.66026 ?  109 GLY A O   1 
ATOM   261 N  N   . PHE A 1 47  ? 8.70025   7.39040   -0.92142  1.000 21.31883 ?  110 PHE A N   1 
ATOM   262 C  CA  . PHE A 1 47  ? 8.11893   6.58584   0.13920   1.000 21.13424 ?  110 PHE A CA  1 
ATOM   263 C  C   . PHE A 1 47  ? 6.77192   7.15771   0.52028   1.000 20.06663 ?  110 PHE A C   1 
ATOM   264 O  O   . PHE A 1 47  ? 6.50890   8.34618   0.32914   1.000 17.67586 ?  110 PHE A O   1 
ATOM   265 C  CB  . PHE A 1 47  ? 9.00399   6.53233   1.38983   1.000 19.55351 ?  110 PHE A CB  1 
ATOM   266 C  CG  . PHE A 1 47  ? 10.38193  6.01524   1.13167   1.000 21.00114 ?  110 PHE A CG  1 
ATOM   267 C  CD1 . PHE A 1 47  ? 10.65284  4.65676   1.21225   1.000 21.63388 ?  110 PHE A CD1 1 
ATOM   268 C  CD2 . PHE A 1 47  ? 11.41244  6.88862   0.81570   1.000 27.56996 ?  110 PHE A CD2 1 
ATOM   269 C  CE1 . PHE A 1 47  ? 11.93260  4.17119   0.97888   1.000 23.74041 ?  110 PHE A CE1 1 
ATOM   270 C  CE2 . PHE A 1 47  ? 12.70128  6.40865   0.57314   1.000 24.78887 ?  110 PHE A CE2 1 
ATOM   271 C  CZ  . PHE A 1 47  ? 12.95704  5.05810   0.65447   1.000 27.86167 ?  110 PHE A CZ  1 
ATOM   272 N  N   . ILE A 1 48  ? 5.91824   6.30549   1.06794   1.000 16.62350 ?  111 ILE A N   1 
ATOM   273 C  CA  . ILE A 1 48  ? 4.72065   6.75753   1.75797   1.000 14.78815 ?  111 ILE A CA  1 
ATOM   274 C  C   . ILE A 1 48  ? 4.99629   6.54610   3.23977   1.000 17.21750 ?  111 ILE A C   1 
ATOM   275 O  O   . ILE A 1 48  ? 5.09900   5.40884   3.71034   1.000 15.26310 ?  111 ILE A O   1 
ATOM   276 C  CB  . ILE A 1 48  ? 3.46242   6.00819   1.28261   1.000 16.96691 ?  111 ILE A CB  1 
ATOM   277 C  CG1 . ILE A 1 48  ? 3.15013   6.40522   -0.16686  1.000 17.44112 ?  111 ILE A CG1 1 
ATOM   278 C  CG2 . ILE A 1 48  ? 2.25052   6.28405   2.20843   1.000 13.32200 ?  111 ILE A CG2 1 
ATOM   279 C  CD1 . ILE A 1 48  ? 1.93025   5.70224   -0.76822  1.000 16.74673 ?  111 ILE A CD1 1 
ATOM   280 N  N   . ASP A 1 49  ? 5.16977   7.64130   3.96779   1.000 15.79210 ?  112 ASP A N   1 
ATOM   281 C  CA  . ASP A 1 49  ? 5.37955   7.58238   5.40078   1.000 17.95772 ?  112 ASP A CA  1 
ATOM   282 C  C   . ASP A 1 49  ? 4.04467   7.57869   6.15274   1.000 16.03628 ?  112 ASP A C   1 
ATOM   283 O  O   . ASP A 1 49  ? 2.95791   7.58685   5.56333   1.000 15.33131 ?  112 ASP A O   1 
ATOM   284 C  CB  . ASP A 1 49  ? 6.32544   8.71845   5.82325   1.000 16.36678 ?  112 ASP A CB  1 
ATOM   285 C  CG  . ASP A 1 49  ? 5.77432   10.11407  5.51125   1.000 24.57573 ?  112 ASP A CG  1 
ATOM   286 O  OD1 . ASP A 1 49  ? 4.56231   10.37249  5.65838   1.000 22.26828 ?  112 ASP A OD1 1 
ATOM   287 O  OD2 . ASP A 1 49  ? 6.59146   10.96901  5.09268   1.000 27.18823 -1 112 ASP A OD2 1 
ATOM   288 N  N   . LEU A 1 50  ? 4.12555   7.53503   7.48736   1.000 17.17766 ?  113 LEU A N   1 
ATOM   289 C  CA  . LEU A 1 50  ? 2.91763   7.42372   8.30343   1.000 16.35280 ?  113 LEU A CA  1 
ATOM   290 C  C   . LEU A 1 50  ? 1.95145   8.58062   8.06830   1.000 18.69705 ?  113 LEU A C   1 
ATOM   291 O  O   . LEU A 1 50  ? 0.73876   8.36760   7.96914   1.000 18.50678 ?  113 LEU A O   1 
ATOM   292 C  CB  . LEU A 1 50  ? 3.30722   7.32757   9.78322   1.000 20.92695 ?  113 LEU A CB  1 
ATOM   293 C  CG  . LEU A 1 50  ? 2.42434   6.52812   10.74023  1.000 24.48964 ?  113 LEU A CG  1 
ATOM   294 C  CD1 . LEU A 1 50  ? 2.37713   5.06594   10.39673  1.000 24.29443 ?  113 LEU A CD1 1 
ATOM   295 C  CD2 . LEU A 1 50  ? 2.99922   6.68185   12.15056  1.000 26.31284 ?  113 LEU A CD2 1 
ATOM   296 N  N   . MET A 1 51  ? 2.46123   9.81409   7.98192   1.000 18.36173 ?  114 MET A N   1 
ATOM   297 C  CA  . MET A 1 51  ? 1.57152   10.95331  7.78038   1.000 20.38854 ?  114 MET A CA  1 
ATOM   298 C  C   . MET A 1 51  ? 0.90140   10.89835  6.41029   1.000 19.71928 ?  114 MET A C   1 
ATOM   299 O  O   . MET A 1 51  ? -0.28304  11.23675  6.27606   1.000 18.01948 ?  114 MET A O   1 
ATOM   300 C  CB  . MET A 1 51  ? 2.34758   12.26457  7.95394   1.000 22.17914 ?  114 MET A CB  1 
ATOM   301 C  CG  . MET A 1 51  ? 1.54696   13.50140  7.60698   1.000 33.88008 ?  114 MET A CG  1 
ATOM   302 S  SD  . MET A 1 51  ? 0.46460   14.00204  8.96831   1.000 53.55687 ?  114 MET A SD  1 
ATOM   303 C  CE  . MET A 1 51  ? -0.25318  15.51716  8.30626   1.000 44.20723 ?  114 MET A CE  1 
ATOM   304 N  N   . GLU A 1 52  ? 1.64156   10.47295  5.38110   1.000 15.03615 ?  115 GLU A N   1 
ATOM   305 C  CA  . GLU A 1 52  ? 1.04779   10.34686  4.05726   1.000 15.93946 ?  115 GLU A CA  1 
ATOM   306 C  C   . GLU A 1 52  ? 0.02183   9.21881   4.01149   1.000 15.61921 ?  115 GLU A C   1 
ATOM   307 O  O   . GLU A 1 52  ? -1.01650  9.34983   3.35835   1.000 15.24461 ?  115 GLU A O   1 
ATOM   308 C  CB  . GLU A 1 52  ? 2.13633   10.13064  3.01084   1.000 13.85075 ?  115 GLU A CB  1 
ATOM   309 C  CG  . GLU A 1 52  ? 3.02069   11.37603  2.84303   1.000 16.87046 ?  115 GLU A CG  1 
ATOM   310 C  CD  . GLU A 1 52  ? 4.30777   11.09211  2.09707   1.000 19.30121 ?  115 GLU A CD  1 
ATOM   311 O  OE1 . GLU A 1 52  ? 4.83956   9.96790   2.21156   1.000 20.30475 ?  115 GLU A OE1 1 
ATOM   312 O  OE2 . GLU A 1 52  ? 4.79331   11.99449  1.39707   1.000 23.22201 -1 115 GLU A OE2 1 
ATOM   313 N  N   . LEU A 1 53  ? 0.29763   8.10483   4.69028   1.000 15.13214 ?  116 LEU A N   1 
ATOM   314 C  CA  . LEU A 1 53  ? -0.68150  7.02396   4.77819   1.000 13.86146 ?  116 LEU A CA  1 
ATOM   315 C  C   . LEU A 1 53  ? -1.92206  7.45738   5.55036   1.000 13.61996 ?  116 LEU A C   1 
ATOM   316 O  O   . LEU A 1 53  ? -3.04399  7.07339   5.19948   1.000 14.98370 ?  116 LEU A O   1 
ATOM   317 C  CB  . LEU A 1 53  ? -0.04503  5.80611   5.44366   1.000 12.75395 ?  116 LEU A CB  1 
ATOM   318 C  CG  . LEU A 1 53  ? -0.88200  4.54245   5.51203   1.000 12.37952 ?  116 LEU A CG  1 
ATOM   319 C  CD1 . LEU A 1 53  ? -1.22907  4.03947   4.09454   1.000 13.75078 ?  116 LEU A CD1 1 
ATOM   320 C  CD2 . LEU A 1 53  ? -0.14387  3.46329   6.32859   1.000 12.47119 ?  116 LEU A CD2 1 
ATOM   321 N  N   . LYS A 1 54  ? -1.73666  8.22420   6.63123   1.000 16.54168 ?  117 LYS A N   1 
ATOM   322 C  CA  . LYS A 1 54  ? -2.87220  8.77088   7.36341   1.000 14.40864 ?  117 LYS A CA  1 
ATOM   323 C  C   . LYS A 1 54  ? -3.80387  9.51736   6.43180   1.000 16.69476 ?  117 LYS A C   1 
ATOM   324 O  O   . LYS A 1 54  ? -5.02583  9.32119   6.45289   1.000 17.64027 ?  117 LYS A O   1 
ATOM   325 C  CB  . LYS A 1 54  ? -2.39188  9.73796   8.44239   1.000 15.37929 ?  117 LYS A CB  1 
ATOM   326 C  CG  . LYS A 1 54  ? -3.49602  10.15842  9.39270   1.000 18.20136 ?  117 LYS A CG  1 
ATOM   327 C  CD  . LYS A 1 54  ? -2.88490  10.65830  10.70212  1.000 27.20360 ?  117 LYS A CD  1 
ATOM   328 C  CE  . LYS A 1 54  ? -3.03188  12.16124  10.85683  1.000 35.01628 ?  117 LYS A CE  1 
ATOM   329 N  NZ  . LYS A 1 54  ? -2.37488  12.68323  12.11278  1.000 33.90628 ?  117 LYS A NZ  1 
ATOM   330 N  N   . LEU A 1 55  ? -3.23029  10.40316  5.62406   1.000 14.58125 ?  118 LEU A N   1 
ATOM   331 C  CA  . LEU A 1 55  ? -4.03186  11.18310  4.68914   1.000 18.68599 ?  118 LEU A CA  1 
ATOM   332 C  C   . LEU A 1 55  ? -4.67087  10.29746  3.64045   1.000 17.88444 ?  118 LEU A C   1 
ATOM   333 O  O   . LEU A 1 55  ? -5.84319  10.48715  3.29473   1.000 19.14833 ?  118 LEU A O   1 
ATOM   334 C  CB  . LEU A 1 55  ? -3.17375  12.25686  4.03924   1.000 19.59675 ?  118 LEU A CB  1 
ATOM   335 C  CG  . LEU A 1 55  ? -2.52860  13.23760  5.02544   1.000 26.79589 ?  118 LEU A CG  1 
ATOM   336 C  CD1 . LEU A 1 55  ? -1.70862  14.27390  4.26839   1.000 31.76393 ?  118 LEU A CD1 1 
ATOM   337 C  CD2 . LEU A 1 55  ? -3.58823  13.92241  5.89552   1.000 27.58770 ?  118 LEU A CD2 1 
ATOM   338 N  N   . MET A 1 56  ? -3.92682  9.30993   3.12684   1.000 14.38909 ?  119 MET A N   1 
ATOM   339 C  CA  . MET A 1 56  ? -4.51124  8.42288   2.12858   1.000 13.04171 ?  119 MET A CA  1 
ATOM   340 C  C   . MET A 1 56  ? -5.71466  7.66990   2.69691   1.000 14.72475 ?  119 MET A C   1 
ATOM   341 O  O   . MET A 1 56  ? -6.77304  7.58668   2.06614   1.000 15.47913 ?  119 MET A O   1 
ATOM   342 C  CB  . MET A 1 56  ? -3.44577  7.45229   1.60357   1.000 15.62332 ?  119 MET A CB  1 
ATOM   343 C  CG  . MET A 1 56  ? -4.04634  6.38676   0.70221   1.000 15.04726 ?  119 MET A CG  1 
ATOM   344 S  SD  . MET A 1 56  ? -3.02755  4.90006   0.64446   1.000 23.12729 ?  119 MET A SD  1 
ATOM   345 C  CE  . MET A 1 56  ? -1.55507  5.57370   -0.02277  1.000 22.46585 ?  119 MET A CE  1 
ATOM   346 N  N   . MET A 1 57  ? -5.57848  7.12309   3.90660   1.000 14.50017 ?  120 MET A N   1 
ATOM   347 C  CA  . MET A 1 57  ? -6.67079  6.34473   4.47530   1.000 14.44229 ?  120 MET A CA  1 
ATOM   348 C  C   . MET A 1 57  ? -7.89825  7.21837   4.74463   1.000 15.73237 ?  120 MET A C   1 
ATOM   349 O  O   . MET A 1 57  ? -9.03906  6.76027   4.59475   1.000 18.25452 ?  120 MET A O   1 
ATOM   350 C  CB  . MET A 1 57  ? -6.18019  5.66099   5.75740   1.000 13.36934 ?  120 MET A CB  1 
ATOM   351 C  CG  . MET A 1 57  ? -5.19623  4.47714   5.52642   1.000 13.21125 ?  120 MET A CG  1 
ATOM   352 S  SD  . MET A 1 57  ? -5.64128  3.33658   4.18094   1.000 14.89940 ?  120 MET A SD  1 
ATOM   353 C  CE  . MET A 1 57  ? -6.79086  2.28192   5.03904   1.000 15.48975 ?  120 MET A CE  1 
ATOM   354 N  N   . GLU A 1 58  ? -7.68365  8.46927   5.16531   1.000 15.50360 ?  121 GLU A N   1 
ATOM   355 C  CA  . GLU A 1 58  ? -8.80041  9.40141   5.31963   1.000 18.76246 ?  121 GLU A CA  1 
ATOM   356 C  C   . GLU A 1 58  ? -9.50121  9.63343   3.98476   1.000 19.53397 ?  121 GLU A C   1 
ATOM   357 O  O   . GLU A 1 58  ? -10.73808 9.54383   3.89162   1.000 20.74019 ?  121 GLU A O   1 
ATOM   358 C  CB  . GLU A 1 58  ? -8.29890  10.72106  5.90811   1.000 21.56789 ?  121 GLU A CB  1 
ATOM   359 N  N   . LYS A 1 59  ? -8.71674  9.90669   2.93360   1.000 15.98637 ?  122 LYS A N   1 
ATOM   360 C  CA  . LYS A 1 59  ? -9.28316  10.18016  1.61369   1.000 17.64671 ?  122 LYS A CA  1 
ATOM   361 C  C   . LYS A 1 59  ? -10.01295 8.96315   1.04832   1.000 20.25876 ?  122 LYS A C   1 
ATOM   362 O  O   . LYS A 1 59  ? -11.02783 9.11002   0.35211   1.000 22.30769 ?  122 LYS A O   1 
ATOM   363 C  CB  . LYS A 1 59  ? -8.17961  10.63751  0.65378   1.000 19.42939 ?  122 LYS A CB  1 
ATOM   364 N  N   . LEU A 1 60  ? -9.51552  7.75421   1.32174   1.000 17.50153 ?  123 LEU A N   1 
ATOM   365 C  CA  . LEU A 1 60  ? -10.18312 6.56202   0.80714   1.000 17.34318 ?  123 LEU A CA  1 
ATOM   366 C  C   . LEU A 1 60  ? -11.45444 6.22281   1.57722   1.000 19.59537 ?  123 LEU A C   1 
ATOM   367 O  O   . LEU A 1 60  ? -12.22730 5.37764   1.11402   1.000 20.43438 ?  123 LEU A O   1 
ATOM   368 C  CB  . LEU A 1 60  ? -9.23845  5.34955   0.81896   1.000 15.83281 ?  123 LEU A CB  1 
ATOM   369 C  CG  . LEU A 1 60  ? -7.97810  5.42150   -0.06072  1.000 19.30402 ?  123 LEU A CG  1 
ATOM   370 C  CD1 . LEU A 1 60  ? -7.13568  4.15349   0.07488   1.000 16.78599 ?  123 LEU A CD1 1 
ATOM   371 C  CD2 . LEU A 1 60  ? -8.34172  5.62937   -1.51991  1.000 20.48764 ?  123 LEU A CD2 1 
ATOM   372 N  N   . GLY A 1 61  ? -11.68498 6.84712   2.72748   1.000 21.10412 ?  124 GLY A N   1 
ATOM   373 C  CA  . GLY A 1 61  ? -12.87872 6.57573   3.50358   1.000 21.86812 ?  124 GLY A CA  1 
ATOM   374 C  C   . GLY A 1 61  ? -12.72785 5.51930   4.56523   1.000 22.07416 ?  124 GLY A C   1 
ATOM   375 O  O   . GLY A 1 61  ? -13.73802 4.96722   5.01709   1.000 20.39614 ?  124 GLY A O   1 
ATOM   376 N  N   . ALA A 1 62  ? -11.49510 5.19891   4.97426   1.000 18.52926 ?  125 ALA A N   1 
ATOM   377 C  CA  . ALA A 1 62  ? -11.25761 4.26320   6.07383   1.000 18.27455 ?  125 ALA A CA  1 
ATOM   378 C  C   . ALA A 1 62  ? -10.16104 4.81993   6.97379   1.000 17.81409 ?  125 ALA A C   1 
ATOM   379 O  O   . ALA A 1 62  ? -9.06869  4.25013   7.07423   1.000 16.49717 ?  125 ALA A O   1 
ATOM   380 C  CB  . ALA A 1 62  ? -10.88406 2.87646   5.54397   1.000 19.07590 ?  125 ALA A CB  1 
ATOM   381 N  N   . PRO A 1 63  ? -10.41808 5.94053   7.64738   1.000 19.74993 ?  126 PRO A N   1 
ATOM   382 C  CA  . PRO A 1 63  ? -9.38048  6.52486   8.50401   1.000 17.41394 ?  126 PRO A CA  1 
ATOM   383 C  C   . PRO A 1 63  ? -8.95488  5.55000   9.59280   1.000 17.67166 ?  126 PRO A C   1 
ATOM   384 O  O   . PRO A 1 63  ? -9.75531  4.76186   10.10477  1.000 17.60735 ?  126 PRO A O   1 
ATOM   385 C  CB  . PRO A 1 63  ? -10.05090 7.77210   9.09570   1.000 19.58355 ?  126 PRO A CB  1 
ATOM   386 C  CG  . PRO A 1 63  ? -11.51956 7.54358   8.95562   1.000 21.04366 ?  126 PRO A CG  1 
ATOM   387 C  CD  . PRO A 1 63  ? -11.70145 6.67186   7.73479   1.000 21.37797 ?  126 PRO A CD  1 
ATOM   388 N  N   . GLN A 1 64  ? -7.66850  5.60198   9.92479   1.000 17.33209 ?  127 GLN A N   1 
ATOM   389 C  CA  . GLN A 1 64  ? -7.06205  4.71858   10.90624  1.000 14.92645 ?  127 GLN A CA  1 
ATOM   390 C  C   . GLN A 1 64  ? -6.45573  5.53900   12.03268  1.000 18.58930 ?  127 GLN A C   1 
ATOM   391 O  O   . GLN A 1 64  ? -6.12903  6.71948   11.85849  1.000 18.09409 ?  127 GLN A O   1 
ATOM   392 C  CB  . GLN A 1 64  ? -5.96805  3.84911   10.24758  1.000 17.11107 ?  127 GLN A CB  1 
ATOM   393 C  CG  . GLN A 1 64  ? -6.46469  3.11549   9.00495   1.000 16.58411 ?  127 GLN A CG  1 
ATOM   394 C  CD  . GLN A 1 64  ? -7.37188  1.97678   9.36946   1.000 16.49796 ?  127 GLN A CD  1 
ATOM   395 O  OE1 . GLN A 1 64  ? -7.09162  1.23316   10.30848  1.000 21.48534 ?  127 GLN A OE1 1 
ATOM   396 N  NE2 . GLN A 1 64  ? -8.48316  1.83240   8.64734   1.000 17.72624 ?  127 GLN A NE2 1 
ATOM   397 N  N   . THR A 1 65  ? -6.33764  4.91054   13.19780  1.000 16.45723 ?  128 THR A N   1 
ATOM   398 C  CA  . THR A 1 65  ? -5.61761  5.51637   14.29987  1.000 17.89459 ?  128 THR A CA  1 
ATOM   399 C  C   . THR A 1 65  ? -4.12044  5.54895   14.00928  1.000 14.59950 ?  128 THR A C   1 
ATOM   400 O  O   . THR A 1 65  ? -3.59978  4.86102   13.12419  1.000 14.25139 ?  128 THR A O   1 
ATOM   401 C  CB  . THR A 1 65  ? -5.84008  4.74343   15.60513  1.000 17.09767 ?  128 THR A CB  1 
ATOM   402 O  OG1 . THR A 1 65  ? -5.25889  3.42535   15.49834  1.000 16.97318 ?  128 THR A OG1 1 
ATOM   403 C  CG2 . THR A 1 65  ? -7.31329  4.64213   15.92605  1.000 16.62830 ?  128 THR A CG2 1 
ATOM   404 N  N   . HIS A 1 66  ? -3.41969  6.35110   14.80744  1.000 12.14473 ?  129 HIS A N   1 
ATOM   405 C  CA  . HIS A 1 66  ? -1.98007  6.42399   14.67558  1.000 15.47273 ?  129 HIS A CA  1 
ATOM   406 C  C   . HIS A 1 66  ? -1.32734  5.05042   14.82430  1.000 16.31854 ?  129 HIS A C   1 
ATOM   407 O  O   . HIS A 1 66  ? -0.51694  4.64714   13.98286  1.000 14.88705 ?  129 HIS A O   1 
ATOM   408 C  CB  . HIS A 1 66  ? -1.44105  7.38946   15.70408  1.000 14.19612 ?  129 HIS A CB  1 
ATOM   409 C  CG  . HIS A 1 66  ? 0.03721   7.43934   15.71661  1.000 17.80611 ?  129 HIS A CG  1 
ATOM   410 N  ND1 . HIS A 1 66  ? 0.75687   8.18787   14.81596  1.000 14.51401 ?  129 HIS A ND1 1 
ATOM   411 C  CD2 . HIS A 1 66  ? 0.93803   6.79881   16.48896  1.000 16.33526 ?  129 HIS A CD2 1 
ATOM   412 C  CE1 . HIS A 1 66  ? 2.04150   8.05059   15.06099  1.000 18.48786 ?  129 HIS A CE1 1 
ATOM   413 N  NE2 . HIS A 1 66  ? 2.17259   7.19849   16.05460  1.000 16.50246 ?  129 HIS A NE2 1 
ATOM   414 N  N   . LEU A 1 67  ? -1.66305  4.31077   15.89944  1.000 14.54609 ?  130 LEU A N   1 
ATOM   415 C  CA  . LEU A 1 67  ? -1.05644  2.98486   16.07558  1.000 13.98147 ?  130 LEU A CA  1 
ATOM   416 C  C   . LEU A 1 67  ? -1.55072  1.99631   15.03072  1.000 15.49007 ?  130 LEU A C   1 
ATOM   417 O  O   . LEU A 1 67  ? -0.81106  1.07317   14.66184  1.000 16.13305 ?  130 LEU A O   1 
ATOM   418 C  CB  . LEU A 1 67  ? -1.34581  2.42910   17.47914  1.000 16.25195 ?  130 LEU A CB  1 
ATOM   419 C  CG  . LEU A 1 67  ? -0.72034  3.25844   18.59698  1.000 19.87207 ?  130 LEU A CG  1 
ATOM   420 C  CD1 . LEU A 1 67  ? -0.99363  2.62592   19.96858  1.000 20.85794 ?  130 LEU A CD1 1 
ATOM   421 C  CD2 . LEU A 1 67  ? 0.77872   3.42215   18.35414  1.000 20.64550 ?  130 LEU A CD2 1 
ATOM   422 N  N   . GLY A 1 68  ? -2.78990  2.16590   14.55643  1.000 14.98330 ?  131 GLY A N   1 
ATOM   423 C  CA  . GLY A 1 68  ? -3.28669  1.32539   13.47942  1.000 15.84158 ?  131 GLY A CA  1 
ATOM   424 C  C   . GLY A 1 68  ? -2.46853  1.49037   12.21354  1.000 16.14129 ?  131 GLY A C   1 
ATOM   425 O  O   . GLY A 1 68  ? -2.09963  0.50560   11.55879  1.000 13.68246 ?  131 GLY A O   1 
ATOM   426 N  N   . LEU A 1 69  ? -2.18250  2.74804   11.84920  1.000 11.78145 ?  132 LEU A N   1 
ATOM   427 C  CA  . LEU A 1 69  ? -1.35077  3.01726   10.68212  1.000 14.18007 ?  132 LEU A CA  1 
ATOM   428 C  C   . LEU A 1 69  ? 0.03076   2.40806   10.84099  1.000 16.43864 ?  132 LEU A C   1 
ATOM   429 O  O   . LEU A 1 69  ? 0.58169   1.85437   9.87831   1.000 13.90352 ?  132 LEU A O   1 
ATOM   430 C  CB  . LEU A 1 69  ? -1.23238  4.52252   10.46472  1.000 14.30965 ?  132 LEU A CB  1 
ATOM   431 C  CG  . LEU A 1 69  ? -2.53946  5.21516   10.10787  1.000 14.83496 ?  132 LEU A CG  1 
ATOM   432 C  CD1 . LEU A 1 69  ? -2.38353  6.70066   10.36141  1.000 14.49198 ?  132 LEU A CD1 1 
ATOM   433 C  CD2 . LEU A 1 69  ? -2.82800  4.94212   8.63025   1.000 15.03769 ?  132 LEU A CD2 1 
ATOM   434 N  N   . LYS A 1 70  ? 0.62791   2.53802   12.03516  1.000 12.52422 ?  133 LYS A N   1 
ATOM   435 C  CA  . LYS A 1 70  ? 1.92376   1.90897   12.27556  1.000 14.39242 ?  133 LYS A CA  1 
ATOM   436 C  C   . LYS A 1 70  ? 1.85576   0.39701   12.11215  1.000 15.81180 ?  133 LYS A C   1 
ATOM   437 O  O   . LYS A 1 70  ? 2.80233   -0.21596  11.60167  1.000 16.01825 ?  133 LYS A O   1 
ATOM   438 C  CB  . LYS A 1 70  ? 2.47481   2.20565   13.67672  1.000 17.95084 ?  133 LYS A CB  1 
ATOM   439 C  CG  . LYS A 1 70  ? 2.69015   3.61517   14.06708  1.000 24.91092 ?  133 LYS A CG  1 
ATOM   440 C  CD  . LYS A 1 70  ? 3.98409   3.55437   14.89077  1.000 26.93228 ?  133 LYS A CD  1 
ATOM   441 C  CE  . LYS A 1 70  ? 4.57514   4.88534   15.22762  1.000 22.41537 ?  133 LYS A CE  1 
ATOM   442 N  NZ  . LYS A 1 70  ? 4.56070   5.03167   16.69921  1.000 26.72917 ?  133 LYS A NZ  1 
ATOM   443 N  N   . SER A 1 71  ? 0.78009   -0.22953  12.59789  1.000 13.04274 ?  134 SER A N   1 
ATOM   444 C  CA  . SER A 1 71  ? 0.65619   -1.67985  12.44603  1.000 15.65397 ?  134 SER A CA  1 
ATOM   445 C  C   . SER A 1 71  ? 0.50659   -2.06305  10.97698  1.000 18.94369 ?  134 SER A C   1 
ATOM   446 O  O   . SER A 1 71  ? 1.07890   -3.06693  10.52172  1.000 15.33137 ?  134 SER A O   1 
ATOM   447 C  CB  . SER A 1 71  ? -0.53201  -2.18895  13.26431  1.000 21.18271 ?  134 SER A CB  1 
ATOM   448 O  OG  . SER A 1 71  ? -0.91093  -3.50488  12.87708  1.000 28.47337 ?  134 SER A OG  1 
ATOM   449 N  N   . MET A 1 72  ? -0.27784  -1.27946  10.22930  1.000 15.99886 ?  135 MET A N   1 
ATOM   450 C  CA  . MET A 1 72  ? -0.39915  -1.49567  8.79468   1.000 14.99908 ?  135 MET A CA  1 
ATOM   451 C  C   . MET A 1 72  ? 0.96152   -1.50546  8.11568   1.000 14.89801 ?  135 MET A C   1 
ATOM   452 O  O   . MET A 1 72  ? 1.26026   -2.40275  7.32246   1.000 15.18405 ?  135 MET A O   1 
ATOM   453 C  CB  . MET A 1 72  ? -1.27533  -0.40935  8.18444   1.000 16.71580 ?  135 MET A CB  1 
ATOM   454 C  CG  . MET A 1 72  ? -2.76072  -0.65274  8.39192   1.000 15.58318 ?  135 MET A CG  1 
ATOM   455 S  SD  . MET A 1 72  ? -3.64977  0.84198   7.94815   1.000 16.04373 ?  135 MET A SD  1 
ATOM   456 C  CE  . MET A 1 72  ? -3.42801  0.82879   6.16857   1.000 16.58287 ?  135 MET A CE  1 
ATOM   457 N  N   . ILE A 1 73  ? 1.77735   -0.47716  8.37164   1.000 13.34618 ?  136 ILE A N   1 
ATOM   458 C  CA  . ILE A 1 73  ? 3.08602   -0.40644  7.72898   1.000 12.64709 ?  136 ILE A CA  1 
ATOM   459 C  C   . ILE A 1 73  ? 3.94850   -1.58455  8.16713   1.000 15.09962 ?  136 ILE A C   1 
ATOM   460 O  O   . ILE A 1 73  ? 4.65127   -2.19833  7.34923   1.000 13.39218 ?  136 ILE A O   1 
ATOM   461 C  CB  . ILE A 1 73  ? 3.75732   0.94023   8.04561   1.000 15.87348 ?  136 ILE A CB  1 
ATOM   462 C  CG1 . ILE A 1 73  ? 2.98579   2.06038   7.35250   1.000 13.27389 ?  136 ILE A CG1 1 
ATOM   463 C  CG2 . ILE A 1 73  ? 5.25687   0.93376   7.62464   1.000 16.94014 ?  136 ILE A CG2 1 
ATOM   464 C  CD1 . ILE A 1 73  ? 3.60249   3.42406   7.55498   1.000 17.93776 ?  136 ILE A CD1 1 
ATOM   465 N  N   . LYS A 1 74  ? 3.87576   -1.95196  9.45246   1.000 13.80040 ?  137 LYS A N   1 
ATOM   466 C  CA  . LYS A 1 74  ? 4.78789   -2.98244  9.94492   1.000 13.11168 ?  137 LYS A CA  1 
ATOM   467 C  C   . LYS A 1 74  ? 4.53215   -4.32002  9.25850   1.000 16.52095 ?  137 LYS A C   1 
ATOM   468 O  O   . LYS A 1 74  ? 5.47406   -5.09174  9.02624   1.000 17.14933 ?  137 LYS A O   1 
ATOM   469 C  CB  . LYS A 1 74  ? 4.65969   -3.10331  11.46737  1.000 18.70331 ?  137 LYS A CB  1 
ATOM   470 C  CG  . LYS A 1 74  ? 5.24122   -4.37146  12.04949  1.000 23.97579 ?  137 LYS A CG  1 
ATOM   471 C  CD  . LYS A 1 74  ? 5.40022   -4.27498  13.55388  1.000 27.00552 ?  137 LYS A CD  1 
ATOM   472 C  CE  . LYS A 1 74  ? 6.01265   -5.56642  14.09296  1.000 37.60105 ?  137 LYS A CE  1 
ATOM   473 N  NZ  . LYS A 1 74  ? 5.60387   -5.88709  15.49772  1.000 41.37650 ?  137 LYS A NZ  1 
ATOM   474 N  N   . GLU A 1 75  ? 3.27795   -4.57299  8.87151   1.000 16.15837 ?  138 GLU A N   1 
ATOM   475 C  CA  . GLU A 1 75  ? 2.87999   -5.80131  8.18753   1.000 18.02025 ?  138 GLU A CA  1 
ATOM   476 C  C   . GLU A 1 75  ? 3.68770   -6.03779  6.91174   1.000 19.35217 ?  138 GLU A C   1 
ATOM   477 O  O   . GLU A 1 75  ? 3.96169   -7.19381  6.54979   1.000 18.19928 ?  138 GLU A O   1 
ATOM   478 C  CB  . GLU A 1 75  ? 1.39707   -5.69703  7.85631   1.000 22.81872 ?  138 GLU A CB  1 
ATOM   479 C  CG  . GLU A 1 75  ? 0.46707   -6.37154  8.82668   1.000 29.65728 ?  138 GLU A CG  1 
ATOM   480 C  CD  . GLU A 1 75  ? -0.93923  -6.49618  8.27281   1.000 28.15955 ?  138 GLU A CD  1 
ATOM   481 O  OE1 . GLU A 1 75  ? -1.20515  -7.45591  7.51887   1.000 34.67612 ?  138 GLU A OE1 1 
ATOM   482 O  OE2 . GLU A 1 75  ? -1.77616  -5.60875  8.56386   1.000 32.68207 -1 138 GLU A OE2 1 
ATOM   483 N  N   . VAL A 1 76  ? 4.04847   -4.97152  6.19673   1.000 13.24791 ?  139 VAL A N   1 
ATOM   484 C  CA  . VAL A 1 76  ? 4.75830   -5.10155  4.93304   1.000 12.78008 ?  139 VAL A CA  1 
ATOM   485 C  C   . VAL A 1 76  ? 6.10140   -4.38783  4.93229   1.000 15.68027 ?  139 VAL A C   1 
ATOM   486 O  O   . VAL A 1 76  ? 6.72270   -4.25277  3.88020   1.000 16.02014 ?  139 VAL A O   1 
ATOM   487 C  CB  . VAL A 1 76  ? 3.89029   -4.61969  3.75431   1.000 13.25582 ?  139 VAL A CB  1 
ATOM   488 C  CG1 . VAL A 1 76  ? 2.64834   -5.52685  3.60310   1.000 14.67850 ?  139 VAL A CG1 1 
ATOM   489 C  CG2 . VAL A 1 76  ? 3.48317   -3.13243  3.95825   1.000 11.15065 ?  139 VAL A CG2 1 
ATOM   490 N  N   . ASP A 1 77  ? 6.58394   -3.93383  6.09161   1.000 15.38234 ?  140 ASP A N   1 
ATOM   491 C  CA  . ASP A 1 77  ? 7.78903   -3.10868  6.12072   1.000 17.04736 ?  140 ASP A CA  1 
ATOM   492 C  C   . ASP A 1 77  ? 9.02103   -4.00677  6.16421   1.000 17.97855 ?  140 ASP A C   1 
ATOM   493 O  O   . ASP A 1 77  ? 9.63944   -4.22815  7.21252   1.000 20.04100 ?  140 ASP A O   1 
ATOM   494 C  CB  . ASP A 1 77  ? 7.75006   -2.17861  7.32251   1.000 17.77311 ?  140 ASP A CB  1 
ATOM   495 C  CG  . ASP A 1 77  ? 8.82217   -1.12632  7.28221   1.000 16.40710 ?  140 ASP A CG  1 
ATOM   496 O  OD1 . ASP A 1 77  ? 9.37149   -0.80411  6.19999   1.000 18.66966 ?  140 ASP A OD1 1 
ATOM   497 O  OD2 . ASP A 1 77  ? 9.08757   -0.60120  8.37816   1.000 20.93660 -1 140 ASP A OD2 1 
ATOM   498 N  N   . GLU A 1 78  ? 9.41798   -4.48776  4.98125   1.000 15.09105 ?  141 GLU A N   1 
ATOM   499 C  CA  . GLU A 1 78  ? 10.46728  -5.50130  4.89453   1.000 15.58757 ?  141 GLU A CA  1 
ATOM   500 C  C   . GLU A 1 78  ? 11.85898  -4.94768  5.16559   1.000 18.34899 ?  141 GLU A C   1 
ATOM   501 O  O   . GLU A 1 78  ? 12.77166  -5.72962  5.47069   1.000 21.42473 ?  141 GLU A O   1 
ATOM   502 C  CB  . GLU A 1 78  ? 10.45278  -6.13979  3.51128   1.000 16.33080 ?  141 GLU A CB  1 
ATOM   503 C  CG  . GLU A 1 78  ? 9.14579   -6.88856  3.19750   1.000 16.25618 ?  141 GLU A CG  1 
ATOM   504 C  CD  . GLU A 1 78  ? 9.14850   -7.43479  1.77800   1.000 16.27975 ?  141 GLU A CD  1 
ATOM   505 O  OE1 . GLU A 1 78  ? 9.73073   -6.76438  0.88155   1.000 21.74633 ?  141 GLU A OE1 1 
ATOM   506 O  OE2 . GLU A 1 78  ? 8.55318   -8.51036  1.55296   1.000 18.96653 -1 141 GLU A OE2 1 
ATOM   507 N  N   . ASP A 1 79  ? 12.06166  -3.64291  5.02700   1.000 18.29324 ?  142 ASP A N   1 
ATOM   508 C  CA  . ASP A 1 79  ? 13.36085  -3.06010  5.33107   1.000 19.19192 ?  142 ASP A CA  1 
ATOM   509 C  C   . ASP A 1 79  ? 13.35619  -2.29404  6.64992   1.000 22.35303 ?  142 ASP A C   1 
ATOM   510 O  O   . ASP A 1 79  ? 14.32311  -1.58407  6.94457   1.000 18.87258 ?  142 ASP A O   1 
ATOM   511 C  CB  . ASP A 1 79  ? 13.83446  -2.16072  4.18400   1.000 18.49260 ?  142 ASP A CB  1 
ATOM   512 C  CG  . ASP A 1 79  ? 12.86882  -1.03241  3.86273   1.000 24.03027 ?  142 ASP A CG  1 
ATOM   513 O  OD1 . ASP A 1 79  ? 12.00508  -0.68733  4.70118   1.000 20.97547 ?  142 ASP A OD1 1 
ATOM   514 O  OD2 . ASP A 1 79  ? 12.99283  -0.47419  2.74927   1.000 24.46068 -1 142 ASP A OD2 1 
ATOM   515 N  N   . PHE A 1 80  ? 12.28210  -2.40738  7.43528   1.000 17.59378 ?  143 PHE A N   1 
ATOM   516 C  CA  . PHE A 1 80  ? 12.23774  -1.97249  8.83352   1.000 19.38315 ?  143 PHE A CA  1 
ATOM   517 C  C   . PHE A 1 80  ? 12.38628  -0.47002  9.00718   1.000 21.61762 ?  143 PHE A C   1 
ATOM   518 O  O   . PHE A 1 80  ? 12.75194  -0.02005  10.09101  1.000 19.82923 ?  143 PHE A O   1 
ATOM   519 C  CB  . PHE A 1 80  ? 13.31630  -2.69774  9.65399   1.000 20.85490 ?  143 PHE A CB  1 
ATOM   520 C  CG  . PHE A 1 80  ? 13.19432  -4.19034  9.59876   1.000 21.42422 ?  143 PHE A CG  1 
ATOM   521 C  CD1 . PHE A 1 80  ? 12.25198  -4.84622  10.37233  1.000 28.08160 ?  143 PHE A CD1 1 
ATOM   522 C  CD2 . PHE A 1 80  ? 13.97081  -4.92240  8.72770   1.000 22.74409 ?  143 PHE A CD2 1 
ATOM   523 C  CE1 . PHE A 1 80  ? 12.11203  -6.21597  10.30396  1.000 30.18078 ?  143 PHE A CE1 1 
ATOM   524 C  CE2 . PHE A 1 80  ? 13.83528  -6.28651  8.65166   1.000 21.20742 ?  143 PHE A CE2 1 
ATOM   525 C  CZ  . PHE A 1 80  ? 12.90425  -6.93171  9.44002   1.000 23.77009 ?  143 PHE A CZ  1 
ATOM   526 N  N   . ASP A 1 81  ? 12.12013  0.34354   7.98457   1.000 18.22990 ?  144 ASP A N   1 
ATOM   527 C  CA  . ASP A 1 81  ? 12.33372  1.78642   8.10880   1.000 17.31887 ?  144 ASP A CA  1 
ATOM   528 C  C   . ASP A 1 81  ? 11.07502  2.56438   8.48353   1.000 20.42873 ?  144 ASP A C   1 
ATOM   529 O  O   . ASP A 1 81  ? 11.11561  3.79806   8.50421   1.000 21.65190 ?  144 ASP A O   1 
ATOM   530 C  CB  . ASP A 1 81  ? 12.94975  2.36493   6.83259   1.000 19.71018 ?  144 ASP A CB  1 
ATOM   531 C  CG  . ASP A 1 81  ? 12.01423  2.32277   5.64938   1.000 21.13940 ?  144 ASP A CG  1 
ATOM   532 O  OD1 . ASP A 1 81  ? 10.95154  1.70045   5.75918   1.000 20.17703 ?  144 ASP A OD1 1 
ATOM   533 O  OD2 . ASP A 1 81  ? 12.35850  2.90117   4.60812   1.000 23.34088 -1 144 ASP A OD2 1 
ATOM   534 N  N   . GLY A 1 82  ? 9.97808   1.88020   8.79827   1.000 17.55708 ?  145 GLY A N   1 
ATOM   535 C  CA  . GLY A 1 82  ? 8.77062   2.57059   9.20977   1.000 17.91185 ?  145 GLY A CA  1 
ATOM   536 C  C   . GLY A 1 82  ? 8.03528   3.32418   8.12002   1.000 19.09132 ?  145 GLY A C   1 
ATOM   537 O  O   . GLY A 1 82  ? 7.11044   4.07713   8.43682   1.000 16.51725 ?  145 GLY A O   1 
ATOM   538 N  N   . LYS A 1 83  ? 8.40887   3.16007   6.84891   1.000 13.97391 ?  146 LYS A N   1 
ATOM   539 C  CA  . LYS A 1 83  ? 7.67732   3.77497   5.74488   1.000 15.49548 ?  146 LYS A CA  1 
ATOM   540 C  C   . LYS A 1 83  ? 7.54713   2.76134   4.62015   1.000 14.05856 ?  146 LYS A C   1 
ATOM   541 O  O   . LYS A 1 83  ? 8.19503   1.71225   4.62533   1.000 15.96932 ?  146 LYS A O   1 
ATOM   542 C  CB  . LYS A 1 83  ? 8.34897   5.04258   5.19450   1.000 21.08588 ?  146 LYS A CB  1 
ATOM   543 C  CG  . LYS A 1 83  ? 9.83055   4.92697   4.92001   1.000 24.98683 ?  146 LYS A CG  1 
ATOM   544 C  CD  . LYS A 1 83  ? 10.50564  6.31143   4.98741   1.000 25.17874 ?  146 LYS A CD  1 
ATOM   545 C  CE  . LYS A 1 83  ? 11.92792  6.21577   4.46417   1.000 29.44747 ?  146 LYS A CE  1 
ATOM   546 N  NZ  . LYS A 1 83  ? 12.78470  7.32489   4.97753   1.000 37.04433 ?  146 LYS A NZ  1 
ATOM   547 N  N   . LEU A 1 84  ? 6.70151   3.07616   3.64600   1.000 12.60347 ?  147 LEU A N   1 
ATOM   548 C  CA  . LEU A 1 84  ? 6.43271   2.16554   2.54027   1.000 12.09208 ?  147 LEU A CA  1 
ATOM   549 C  C   . LEU A 1 84  ? 7.21460   2.56541   1.29624   1.000 13.77064 ?  147 LEU A C   1 
ATOM   550 O  O   . LEU A 1 84  ? 6.96903   3.63233   0.72594   1.000 16.08816 ?  147 LEU A O   1 
ATOM   551 C  CB  . LEU A 1 84  ? 4.94295   2.15956   2.20498   1.000 11.74650 ?  147 LEU A CB  1 
ATOM   552 C  CG  . LEU A 1 84  ? 3.95177   1.77374   3.29227   1.000 14.45807 ?  147 LEU A CG  1 
ATOM   553 C  CD1 . LEU A 1 84  ? 2.51842   2.02867   2.81177   1.000 12.87045 ?  147 LEU A CD1 1 
ATOM   554 C  CD2 . LEU A 1 84  ? 4.14635   0.30110   3.59608   1.000 18.80895 ?  147 LEU A CD2 1 
ATOM   555 N  N   . SER A 1 85  ? 8.09170   1.67082   0.82662   1.000 12.94937 ?  148 SER A N   1 
ATOM   556 C  CA  . SER A 1 85  ? 8.63986   1.82647   -0.50892  1.000 15.65253 ?  148 SER A CA  1 
ATOM   557 C  C   . SER A 1 85  ? 7.60293   1.35809   -1.53373  1.000 15.33943 ?  148 SER A C   1 
ATOM   558 O  O   . SER A 1 85  ? 6.59342   0.74344   -1.18800  1.000 13.90109 ?  148 SER A O   1 
ATOM   559 C  CB  . SER A 1 85  ? 9.92653   1.01844   -0.65181  1.000 18.80659 ?  148 SER A CB  1 
ATOM   560 O  OG  . SER A 1 85  ? 9.61842   -0.37074  -0.54245  1.000 16.12390 ?  148 SER A OG  1 
ATOM   561 N  N   . PHE A 1 86  ? 7.86105   1.63604   -2.81599  1.000 14.51003 ?  149 PHE A N   1 
ATOM   562 C  CA  . PHE A 1 86  ? 6.96291   1.14499   -3.85445  1.000 15.51568 ?  149 PHE A CA  1 
ATOM   563 C  C   . PHE A 1 86  ? 6.83082   -0.37552  -3.81740  1.000 14.32814 ?  149 PHE A C   1 
ATOM   564 O  O   . PHE A 1 86  ? 5.72592   -0.90796  -3.98458  1.000 13.41340 ?  149 PHE A O   1 
ATOM   565 C  CB  . PHE A 1 86  ? 7.43660   1.58958   -5.24059  1.000 19.04662 ?  149 PHE A CB  1 
ATOM   566 C  CG  . PHE A 1 86  ? 6.47578   1.24206   -6.31921  1.000 17.25309 ?  149 PHE A CG  1 
ATOM   567 C  CD1 . PHE A 1 86  ? 5.13228   1.59020   -6.19690  1.000 17.26787 ?  149 PHE A CD1 1 
ATOM   568 C  CD2 . PHE A 1 86  ? 6.89055   0.54432   -7.43592  1.000 19.50702 ?  149 PHE A CD2 1 
ATOM   569 C  CE1 . PHE A 1 86  ? 4.22355   1.25330   -7.18554  1.000 18.03839 ?  149 PHE A CE1 1 
ATOM   570 C  CE2 . PHE A 1 86  ? 5.99825   0.21281   -8.43230  1.000 19.34790 ?  149 PHE A CE2 1 
ATOM   571 C  CZ  . PHE A 1 86  ? 4.65598   0.55536   -8.30608  1.000 17.76167 ?  149 PHE A CZ  1 
ATOM   572 N  N   . ARG A 1 87  ? 7.93423   -1.10356  -3.60685  1.000 14.86630 ?  150 ARG A N   1 
ATOM   573 C  CA  . ARG A 1 87  ? 7.79127   -2.55807  -3.63375  1.000 16.12950 ?  150 ARG A CA  1 
ATOM   574 C  C   . ARG A 1 87  ? 6.97230   -3.04967  -2.44887  1.000 12.27460 ?  150 ARG A C   1 
ATOM   575 O  O   . ARG A 1 87  ? 6.23559   -4.02963  -2.58273  1.000 13.19973 ?  150 ARG A O   1 
ATOM   576 C  CB  . ARG A 1 87  ? 9.15259   -3.25917  -3.67887  1.000 17.45591 ?  150 ARG A CB  1 
ATOM   577 C  CG  . ARG A 1 87  ? 10.01723  -3.10602  -2.44152  1.000 16.73376 ?  150 ARG A CG  1 
ATOM   578 C  CD  . ARG A 1 87  ? 11.40869  -3.67188  -2.70716  1.000 24.99845 ?  150 ARG A CD  1 
ATOM   579 N  NE  . ARG A 1 87  ? 11.38439  -5.11452  -2.90805  1.000 21.21696 ?  150 ARG A NE  1 
ATOM   580 C  CZ  . ARG A 1 87  ? 12.41758  -5.82088  -3.35206  1.000 24.22528 ?  150 ARG A CZ  1 
ATOM   581 N  NH1 . ARG A 1 87  ? 13.56955  -5.24121  -3.66161  1.000 23.05080 ?  150 ARG A NH1 1 
ATOM   582 N  NH2 . ARG A 1 87  ? 12.28401  -7.13678  -3.51027  1.000 25.48466 ?  150 ARG A NH2 1 
ATOM   583 N  N   . GLU A 1 88  ? 7.05584   -2.36667  -1.29917  1.000 13.90205 ?  151 GLU A N   1 
ATOM   584 C  CA  . GLU A 1 88  ? 6.22075   -2.74772  -0.16100  1.000 13.53131 ?  151 GLU A CA  1 
ATOM   585 C  C   . GLU A 1 88  ? 4.75973   -2.37712  -0.39661  1.000 13.31183 ?  151 GLU A C   1 
ATOM   586 O  O   . GLU A 1 88  ? 3.85613   -3.06145  0.09157   1.000 12.91048 ?  151 GLU A O   1 
ATOM   587 C  CB  . GLU A 1 88  ? 6.74458   -2.07345  1.11105   1.000 13.45418 ?  151 GLU A CB  1 
ATOM   588 C  CG  . GLU A 1 88  ? 8.14128   -2.57796  1.47127   1.000 16.04350 ?  151 GLU A CG  1 
ATOM   589 C  CD  . GLU A 1 88  ? 8.83296   -1.69839  2.48137   1.000 18.32495 ?  151 GLU A CD  1 
ATOM   590 O  OE1 . GLU A 1 88  ? 8.39236   -0.55686  2.68249   1.000 14.50838 ?  151 GLU A OE1 1 
ATOM   591 O  OE2 . GLU A 1 88  ? 9.79561   -2.16444  3.11523   1.000 18.49538 -1 151 GLU A OE2 1 
ATOM   592 N  N   . PHE A 1 89  ? 4.51664   -1.28224  -1.11303  1.000 11.25902 ?  152 PHE A N   1 
ATOM   593 C  CA  . PHE A 1 89  ? 3.15602   -0.91729  -1.49382  1.000 12.56155 ?  152 PHE A CA  1 
ATOM   594 C  C   . PHE A 1 89  ? 2.53555   -1.97678  -2.39973  1.000 14.06284 ?  152 PHE A C   1 
ATOM   595 O  O   . PHE A 1 89  ? 1.37765   -2.39007  -2.21382  1.000 12.80962 ?  152 PHE A O   1 
ATOM   596 C  CB  . PHE A 1 89  ? 3.19363   0.45083   -2.18620  1.000 11.27423 ?  152 PHE A CB  1 
ATOM   597 C  CG  . PHE A 1 89  ? 1.83804   1.01171   -2.51765  1.000 16.02979 ?  152 PHE A CG  1 
ATOM   598 C  CD1 . PHE A 1 89  ? 1.00666   1.47821   -1.50846  1.000 15.23345 ?  152 PHE A CD1 1 
ATOM   599 C  CD2 . PHE A 1 89  ? 1.41610   1.09746   -3.83928  1.000 15.92424 ?  152 PHE A CD2 1 
ATOM   600 C  CE1 . PHE A 1 89  ? -0.23701  2.02664   -1.81100  1.000 16.95599 ?  152 PHE A CE1 1 
ATOM   601 C  CE2 . PHE A 1 89  ? 0.15504   1.62921   -4.14076  1.000 15.37665 ?  152 PHE A CE2 1 
ATOM   602 C  CZ  . PHE A 1 89  ? -0.65496  2.09423   -3.11997  1.000 17.46538 ?  152 PHE A CZ  1 
ATOM   603 N  N   . LEU A 1 90  ? 3.28258   -2.41263  -3.41019  1.000 11.94036 ?  153 LEU A N   1 
ATOM   604 C  CA  . LEU A 1 90  ? 2.78992   -3.49758  -4.25656  1.000 12.53075 ?  153 LEU A CA  1 
ATOM   605 C  C   . LEU A 1 90  ? 2.51272   -4.75748  -3.43732  1.000 12.75476 ?  153 LEU A C   1 
ATOM   606 O  O   . LEU A 1 90  ? 1.56513   -5.50061  -3.72201  1.000 13.94055 ?  153 LEU A O   1 
ATOM   607 C  CB  . LEU A 1 90  ? 3.81252   -3.80298  -5.34531  1.000 13.85158 ?  153 LEU A CB  1 
ATOM   608 C  CG  . LEU A 1 90  ? 4.07832   -2.70074  -6.37427  1.000 17.59097 ?  153 LEU A CG  1 
ATOM   609 C  CD1 . LEU A 1 90  ? 5.18561   -3.15269  -7.35117  1.000 18.22282 ?  153 LEU A CD1 1 
ATOM   610 C  CD2 . LEU A 1 90  ? 2.80579   -2.34390  -7.12418  1.000 17.45812 ?  153 LEU A CD2 1 
ATOM   611 N  N   . LEU A 1 91  ? 3.34405   -5.01992  -2.42777  1.000 11.57611 ?  154 LEU A N   1 
ATOM   612 C  CA  . LEU A 1 91  ? 3.15916   -6.20974  -1.60082  1.000 10.87099 ?  154 LEU A CA  1 
ATOM   613 C  C   . LEU A 1 91  ? 1.80537   -6.19664  -0.90081  1.000 10.98201 ?  154 LEU A C   1 
ATOM   614 O  O   . LEU A 1 91  ? 1.18030   -7.24688  -0.70439  1.000 11.32926 ?  154 LEU A O   1 
ATOM   615 C  CB  . LEU A 1 91  ? 4.30082   -6.28687  -0.57843  1.000 11.75715 ?  154 LEU A CB  1 
ATOM   616 C  CG  . LEU A 1 91  ? 4.31226   -7.49162  0.35481   1.000 15.00503 ?  154 LEU A CG  1 
ATOM   617 C  CD1 . LEU A 1 91  ? 4.43571   -8.80425  -0.41630  1.000 14.40447 ?  154 LEU A CD1 1 
ATOM   618 C  CD2 . LEU A 1 91  ? 5.44839   -7.35395  1.37394   1.000 12.96522 ?  154 LEU A CD2 1 
ATOM   619 N  N   . ILE A 1 92  ? 1.34347   -5.01563  -0.49413  1.000 11.47275 ?  155 ILE A N   1 
ATOM   620 C  CA  . ILE A 1 92  ? 0.00403   -4.89933  0.09197   1.000 13.11648 ?  155 ILE A CA  1 
ATOM   621 C  C   . ILE A 1 92  ? -1.02685  -5.50600  -0.84383  1.000 12.94903 ?  155 ILE A C   1 
ATOM   622 O  O   . ILE A 1 92  ? -1.87723  -6.30829  -0.44289  1.000 13.37556 ?  155 ILE A O   1 
ATOM   623 C  CB  . ILE A 1 92  ? -0.33727  -3.42595  0.37718   1.000 14.69506 ?  155 ILE A CB  1 
ATOM   624 C  CG1 . ILE A 1 92  ? 0.59928   -2.83313  1.43243   1.000 11.98278 ?  155 ILE A CG1 1 
ATOM   625 C  CG2 . ILE A 1 92  ? -1.78767  -3.31782  0.83085   1.000 12.71885 ?  155 ILE A CG2 1 
ATOM   626 C  CD1 . ILE A 1 92  ? 0.43784   -1.30418  1.51831   1.000 13.85024 ?  155 ILE A CD1 1 
ATOM   627 N  N   . PHE A 1 93  ? -0.97645  -5.11334  -2.11263  1.000 12.08576 ?  156 PHE A N   1 
ATOM   628 C  CA  . PHE A 1 93  ? -1.98305  -5.58932  -3.04929  1.000 12.48111 ?  156 PHE A CA  1 
ATOM   629 C  C   . PHE A 1 93  ? -1.77184  -7.04792  -3.40350  1.000 14.91402 ?  156 PHE A C   1 
ATOM   630 O  O   . PHE A 1 93  ? -2.74823  -7.78892  -3.59722  1.000 15.89070 ?  156 PHE A O   1 
ATOM   631 C  CB  . PHE A 1 93  ? -1.98699  -4.70168  -4.28505  1.000 12.44827 ?  156 PHE A CB  1 
ATOM   632 C  CG  . PHE A 1 93  ? -2.59780  -3.36085  -4.02167  1.000 13.56164 ?  156 PHE A CG  1 
ATOM   633 C  CD1 . PHE A 1 93  ? -1.88212  -2.35650  -3.39463  1.000 13.91794 ?  156 PHE A CD1 1 
ATOM   634 C  CD2 . PHE A 1 93  ? -3.92728  -3.13667  -4.34845  1.000 14.81026 ?  156 PHE A CD2 1 
ATOM   635 C  CE1 . PHE A 1 93  ? -2.46225  -1.13474  -3.12800  1.000 14.71062 ?  156 PHE A CE1 1 
ATOM   636 C  CE2 . PHE A 1 93  ? -4.52097  -1.91022  -4.08004  1.000 18.83610 ?  156 PHE A CE2 1 
ATOM   637 C  CZ  . PHE A 1 93  ? -3.79221  -0.91063  -3.48135  1.000 15.19613 ?  156 PHE A CZ  1 
ATOM   638 N  N   . HIS A 1 94  ? -0.52104  -7.49105  -3.44309  1.000 12.70380 ?  157 HIS A N   1 
ATOM   639 C  CA  . HIS A 1 94  ? -0.27426  -8.90813  -3.62413  1.000 15.31901 ?  157 HIS A CA  1 
ATOM   640 C  C   . HIS A 1 94  ? -0.92261  -9.71481  -2.49631  1.000 16.18680 ?  157 HIS A C   1 
ATOM   641 O  O   . HIS A 1 94  ? -1.62128  -10.70928 -2.74789  1.000 16.19737 ?  157 HIS A O   1 
ATOM   642 C  CB  . HIS A 1 94  ? 1.22368   -9.17992  -3.68380  1.000 15.16954 ?  157 HIS A CB  1 
ATOM   643 C  CG  . HIS A 1 94  ? 1.55146   -10.57551 -3.30349  1.000 19.02451 ?  157 HIS A CG  1 
ATOM   644 N  ND1 . HIS A 1 94  ? 1.54023   -11.59839 -4.22593  1.000 19.32688 ?  157 HIS A ND1 1 
ATOM   645 C  CD2 . HIS A 1 94  ? 1.80811   -11.14522 -2.10305  1.000 16.61716 ?  157 HIS A CD2 1 
ATOM   646 C  CE1 . HIS A 1 94  ? 1.79934   -12.73953 -3.61761  1.000 18.88928 ?  157 HIS A CE1 1 
ATOM   647 N  NE2 . HIS A 1 94  ? 1.97423   -12.48896 -2.33709  1.000 19.68497 ?  157 HIS A NE2 1 
ATOM   648 N  N   . LYS A 1 95  ? -0.72807  -9.28115  -1.24263  1.000 15.19531 ?  158 LYS A N   1 
ATOM   649 C  CA  . LYS A 1 95  ? -1.31896  -9.99588  -0.10783  1.000 14.81609 ?  158 LYS A CA  1 
ATOM   650 C  C   . LYS A 1 95  ? -2.83760  -9.94944  -0.15826  1.000 17.11218 ?  158 LYS A C   1 
ATOM   651 O  O   . LYS A 1 95  ? -3.50171  -10.95896 0.10461   1.000 18.97384 ?  158 LYS A O   1 
ATOM   652 C  CB  . LYS A 1 95  ? -0.82082  -9.42379  1.21557   1.000 13.73413 ?  158 LYS A CB  1 
ATOM   653 C  CG  . LYS A 1 95  ? 0.65469   -9.70208  1.46193   1.000 15.90276 ?  158 LYS A CG  1 
ATOM   654 C  CD  . LYS A 1 95  ? 1.01509   -9.44706  2.92599   1.000 16.11751 ?  158 LYS A CD  1 
ATOM   655 C  CE  . LYS A 1 95  ? 2.50482   -9.70154  3.17329   1.000 20.50261 ?  158 LYS A CE  1 
ATOM   656 N  NZ  . LYS A 1 95  ? 2.85656   -9.46592  4.59795   1.000 25.95758 ?  158 LYS A NZ  1 
ATOM   657 N  N   . ALA A 1 96  ? -3.40875  -8.77741  -0.46743  1.000 15.29204 ?  159 ALA A N   1 
ATOM   658 C  CA  . ALA A 1 96  ? -4.85876  -8.66540  -0.61054  1.000 17.48463 ?  159 ALA A CA  1 
ATOM   659 C  C   . ALA A 1 96  ? -5.39760  -9.65172  -1.64331  1.000 21.14669 ?  159 ALA A C   1 
ATOM   660 O  O   . ALA A 1 96  ? -6.33716  -10.40141 -1.36332  1.000 21.09646 ?  159 ALA A O   1 
ATOM   661 C  CB  . ALA A 1 96  ? -5.24180  -7.23565  -0.99524  1.000 17.29458 ?  159 ALA A CB  1 
ATOM   662 N  N   . ALA A 1 97  ? -4.81385  -9.66580  -2.84581  1.000 18.35609 ?  160 ALA A N   1 
ATOM   663 C  CA  . ALA A 1 97  ? -5.34087  -10.53733 -3.89627  1.000 19.88379 ?  160 ALA A CA  1 
ATOM   664 C  C   . ALA A 1 97  ? -5.06734  -12.01031 -3.60447  1.000 24.70729 ?  160 ALA A C   1 
ATOM   665 O  O   . ALA A 1 97  ? -5.82406  -12.88304 -4.05175  1.000 23.52501 ?  160 ALA A O   1 
ATOM   666 C  CB  . ALA A 1 97  ? -4.75001  -10.13914 -5.24846  1.000 22.47165 ?  160 ALA A CB  1 
ATOM   667 N  N   . ALA A 1 98  ? -4.01067  -12.31344 -2.85414  1.000 20.45651 ?  161 ALA A N   1 
ATOM   668 C  CA  . ALA A 1 98  ? -3.69484  -13.69483 -2.52144  1.000 22.63682 ?  161 ALA A CA  1 
ATOM   669 C  C   . ALA A 1 98  ? -4.46066  -14.18932 -1.30112  1.000 24.35845 ?  161 ALA A C   1 
ATOM   670 O  O   . ALA A 1 98  ? -4.25656  -15.32951 -0.87384  1.000 26.96494 ?  161 ALA A O   1 
ATOM   671 C  CB  . ALA A 1 98  ? -2.19286  -13.85953 -2.29393  1.000 22.81741 ?  161 ALA A CB  1 
ATOM   672 N  N   . GLY A 1 99  ? -5.31966  -13.36233 -0.71886  1.000 21.78453 ?  162 GLY A N   1 
ATOM   673 C  CA  . GLY A 1 99  ? -6.07800  -13.78988 0.43717   1.000 23.48253 ?  162 GLY A CA  1 
ATOM   674 C  C   . GLY A 1 99  ? -5.27123  -13.86047 1.70750   1.000 26.32912 ?  162 GLY A C   1 
ATOM   675 O  O   . GLY A 1 99  ? -5.63737  -14.59518 2.62825   1.000 25.78345 ?  162 GLY A O   1 
ATOM   676 N  N   . GLU A 1 100 ? -4.18394  -13.09692 1.78896   1.000 20.08912 ?  163 GLU A N   1 
ATOM   677 C  CA  . GLU A 1 100 ? -3.23447  -13.16873 2.88561   1.000 17.92542 ?  163 GLU A CA  1 
ATOM   678 C  C   . GLU A 1 100 ? -3.42041  -12.06120 3.92060   1.000 21.87723 ?  163 GLU A C   1 
ATOM   679 O  O   . GLU A 1 100 ? -2.65717  -12.00525 4.88796   1.000 25.77342 ?  163 GLU A O   1 
ATOM   680 C  CB  . GLU A 1 100 ? -1.81355  -13.12335 2.32599   1.000 18.61647 ?  163 GLU A CB  1 
ATOM   681 C  CG  . GLU A 1 100 ? -1.44604  -14.40425 1.54289   1.000 20.95035 ?  163 GLU A CG  1 
ATOM   682 C  CD  . GLU A 1 100 ? -0.05834  -14.36934 0.92756   1.000 21.82462 ?  163 GLU A CD  1 
ATOM   683 O  OE1 . GLU A 1 100 ? 0.25811   -13.42612 0.17537   1.000 22.15354 ?  163 GLU A OE1 1 
ATOM   684 O  OE2 . GLU A 1 100 ? 0.73168   -15.28769 1.19386   1.000 25.73845 -1 163 GLU A OE2 1 
ATOM   685 N  N   . LEU A 1 101 ? -4.41885  -11.20163 3.76586   1.000 23.34186 ?  164 LEU A N   1 
ATOM   686 C  CA  . LEU A 1 101 ? -4.70988  -10.17584 4.76206   1.000 24.74293 ?  164 LEU A CA  1 
ATOM   687 C  C   . LEU A 1 101 ? -5.92528  -10.57828 5.59199   1.000 27.09916 ?  164 LEU A C   1 
ATOM   688 O  O   . LEU A 1 101 ? -6.89737  -11.11825 5.05984   1.000 30.26899 ?  164 LEU A O   1 
ATOM   689 C  CB  . LEU A 1 101 ? -4.96425  -8.82472  4.09631   1.000 21.69807 ?  164 LEU A CB  1 
ATOM   690 C  CG  . LEU A 1 101 ? -3.85081  -8.18204  3.26432   1.000 20.09796 ?  164 LEU A CG  1 
ATOM   691 C  CD1 . LEU A 1 101 ? -4.37456  -6.93259  2.59627   1.000 19.09280 ?  164 LEU A CD1 1 
ATOM   692 C  CD2 . LEU A 1 101 ? -2.65155  -7.83719  4.12577   1.000 19.13824 ?  164 LEU A CD2 1 
ATOM   693 N  N   . GLN A 1 102 ? -5.86543  -10.32014 6.90010   1.000 32.82240 ?  165 GLN A N   1 
ATOM   694 C  CA  . GLN A 1 102 ? -7.02404  -10.58907 7.74855   1.000 34.66484 ?  165 GLN A CA  1 
ATOM   695 C  C   . GLN A 1 102 ? -8.18585  -9.68537  7.35713   1.000 36.54000 ?  165 GLN A C   1 
ATOM   696 O  O   . GLN A 1 102 ? -7.99388  -8.57364  6.85863   1.000 31.25630 ?  165 GLN A O   1 
ATOM   697 C  CB  . GLN A 1 102 ? -6.69682  -10.39103 9.23063   1.000 39.32598 ?  165 GLN A CB  1 
ATOM   698 C  CG  . GLN A 1 102 ? -5.25870  -10.66879 9.64315   1.000 44.83650 ?  165 GLN A CG  1 
ATOM   699 C  CD  . GLN A 1 102 ? -5.02234  -10.43711 11.13949  1.000 54.60261 ?  165 GLN A CD  1 
ATOM   700 O  OE1 . GLN A 1 102 ? -4.61794  -9.34656  11.56386  1.000 55.42019 ?  165 GLN A OE1 1 
ATOM   701 N  NE2 . GLN A 1 102 ? -5.26549  -11.46942 11.94081  1.000 55.42370 ?  165 GLN A NE2 1 
ATOM   702 N  N   . GLU A 1 103 ? -9.40225  -10.17299 7.58004   1.000 33.58759 ?  166 GLU A N   1 
ATOM   703 C  CA  . GLU A 1 103 ? -10.61565 -9.43741  7.22647   1.000 37.79176 ?  166 GLU A CA  1 
ATOM   704 C  C   . GLU A 1 103 ? -10.76452 -8.07545  7.90514   1.000 35.86035 ?  166 GLU A C   1 
ATOM   705 O  O   . GLU A 1 103 ? -11.52022 -7.22513  7.43440   1.000 42.31552 ?  166 GLU A O   1 
ATOM   706 C  CB  . GLU A 1 103 ? -11.85403 -10.29365 7.50750   1.000 40.67681 ?  166 GLU A CB  1 
ATOM   707 C  CG  . GLU A 1 103 ? -11.87112 -11.62211 6.76924   1.000 48.71994 ?  166 GLU A CG  1 
ATOM   708 C  CD  . GLU A 1 103 ? -12.23735 -11.46995 5.30590   1.000 55.78732 ?  166 GLU A CD  1 
ATOM   709 O  OE1 . GLU A 1 103 ? -13.31079 -10.90134 5.01549   1.000 58.90234 ?  166 GLU A OE1 1 
ATOM   710 O  OE2 . GLU A 1 103 ? -11.45041 -11.91788 4.44482   1.000 61.70465 -1 166 GLU A OE2 1 
ATOM   711 N  N   . ASP A 1 104 ? -10.05045 -7.86710  9.00568   1.000 35.61110 ?  167 ASP A N   1 
ATOM   712 C  CA  . ASP A 1 104 ? -10.13632 -6.60702  9.73382   1.000 42.18793 ?  167 ASP A CA  1 
ATOM   713 C  C   . ASP A 1 104 ? -8.88683  -5.73888  9.60151   1.000 39.84398 ?  167 ASP A C   1 
ATOM   714 O  O   . ASP A 1 104 ? -8.78199  -4.72042  10.29050  1.000 38.81147 ?  167 ASP A O   1 
ATOM   715 C  CB  . ASP A 1 104 ? -10.43614 -6.87554  11.21371  1.000 45.95583 ?  167 ASP A CB  1 
ATOM   716 C  CG  . ASP A 1 104 ? -9.28604  -7.56699  11.92996  1.000 50.35496 ?  167 ASP A CG  1 
ATOM   717 O  OD1 . ASP A 1 104 ? -8.38739  -8.11830  11.24833  1.000 50.42937 ?  167 ASP A OD1 1 
ATOM   718 O  OD2 . ASP A 1 104 ? -9.28668  -7.56678  13.18198  1.000 54.48964 -1 167 ASP A OD2 1 
ATOM   719 N  N   . SER A 1 105 ? -7.94352  -6.11227  8.73642   1.000 35.45970 ?  168 SER A N   1 
ATOM   720 C  CA  . SER A 1 105 ? -6.72943  -5.32627  8.56840   1.000 29.33879 ?  168 SER A CA  1 
ATOM   721 C  C   . SER A 1 105 ? -7.02863  -4.00403  7.87238   1.000 24.93597 ?  168 SER A C   1 
ATOM   722 O  O   . SER A 1 105 ? -7.81221  -3.94560  6.92044   1.000 23.94357 ?  168 SER A O   1 
ATOM   723 C  CB  . SER A 1 105 ? -5.69225  -6.10421  7.75545   1.000 31.73625 ?  168 SER A CB  1 
ATOM   724 O  OG  . SER A 1 105 ? -4.53919  -5.29969  7.51024   1.000 29.33918 ?  168 SER A OG  1 
ATOM   725 N  N   . GLY A 1 106 ? -6.38268  -2.93227  8.34028   1.000 21.04153 ?  169 GLY A N   1 
ATOM   726 C  CA  . GLY A 1 106 ? -6.44170  -1.68287  7.60161   1.000 16.78493 ?  169 GLY A CA  1 
ATOM   727 C  C   . GLY A 1 106 ? -5.85065  -1.81338  6.20770   1.000 17.37135 ?  169 GLY A C   1 
ATOM   728 O  O   . GLY A 1 106 ? -6.21004  -1.05350  5.30353   1.000 17.74812 ?  169 GLY A O   1 
ATOM   729 N  N   . LEU A 1 107 ? -4.93350  -2.77583  6.01448   1.000 16.27599 ?  170 LEU A N   1 
ATOM   730 C  CA  . LEU A 1 107 ? -4.38666  -3.01819  4.67719   1.000 15.48794 ?  170 LEU A CA  1 
ATOM   731 C  C   . LEU A 1 107 ? -5.45091  -3.53281  3.72387   1.000 14.52589 ?  170 LEU A C   1 
ATOM   732 O  O   . LEU A 1 107 ? -5.42836  -3.21178  2.53341   1.000 14.15125 ?  170 LEU A O   1 
ATOM   733 C  CB  . LEU A 1 107 ? -3.23251  -4.01547  4.73434   1.000 14.48377 ?  170 LEU A CB  1 
ATOM   734 C  CG  . LEU A 1 107 ? -1.93923  -3.51211  5.37312   1.000 14.55101 ?  170 LEU A CG  1 
ATOM   735 C  CD1 . LEU A 1 107 ? -0.87545  -4.61265  5.24441   1.000 19.43492 ?  170 LEU A CD1 1 
ATOM   736 C  CD2 . LEU A 1 107 ? -1.49367  -2.21453  4.69715   1.000 18.72840 ?  170 LEU A CD2 1 
ATOM   737 N  N   . LEU A 1 108 ? -6.37915  -4.36500  4.21612   1.000 18.29653 ?  171 LEU A N   1 
ATOM   738 C  CA  . LEU A 1 108 ? -7.44013  -4.82493  3.32570   1.000 17.22243 ?  171 LEU A CA  1 
ATOM   739 C  C   . LEU A 1 108 ? -8.37059  -3.67893  2.96437   1.000 17.92924 ?  171 LEU A C   1 
ATOM   740 O  O   . LEU A 1 108 ? -8.80970  -3.57032  1.81911   1.000 16.77200 ?  171 LEU A O   1 
ATOM   741 C  CB  . LEU A 1 108 ? -8.21334  -5.98779  3.95349   1.000 20.51481 ?  171 LEU A CB  1 
ATOM   742 C  CG  . LEU A 1 108 ? -9.19016  -6.70689  3.00162   1.000 21.52858 ?  171 LEU A CG  1 
ATOM   743 C  CD1 . LEU A 1 108 ? -8.49939  -7.17406  1.71724   1.000 21.94617 ?  171 LEU A CD1 1 
ATOM   744 C  CD2 . LEU A 1 108 ? -9.87376  -7.86250  3.70681   1.000 25.19375 ?  171 LEU A CD2 1 
ATOM   745 N  N   . ALA A 1 109 ? -8.64605  -2.77946  3.91624   1.000 17.62795 ?  172 ALA A N   1 
ATOM   746 C  CA  . ALA A 1 109 ? -9.44197  -1.60452  3.58777   1.000 20.74942 ?  172 ALA A CA  1 
ATOM   747 C  C   . ALA A 1 109 ? -8.74989  -0.75271  2.52609   1.000 17.73780 ?  172 ALA A C   1 
ATOM   748 O  O   . ALA A 1 109 ? -9.38654  -0.28520  1.57456   1.000 17.86681 ?  172 ALA A O   1 
ATOM   749 C  CB  . ALA A 1 109 ? -9.70450  -0.78607  4.85180   1.000 19.07468 ?  172 ALA A CB  1 
ATOM   750 N  N   . LEU A 1 110 ? -7.44841  -0.51002  2.70223   1.000 17.16618 ?  173 LEU A N   1 
ATOM   751 C  CA  . LEU A 1 110 ? -6.67667  0.22142   1.70337   1.000 14.40544 ?  173 LEU A CA  1 
ATOM   752 C  C   . LEU A 1 110 ? -6.85557  -0.40410  0.32387   1.000 14.30372 ?  173 LEU A C   1 
ATOM   753 O  O   . LEU A 1 110 ? -7.17316  0.28904   -0.64695  1.000 17.57871 ?  173 LEU A O   1 
ATOM   754 C  CB  . LEU A 1 110 ? -5.19502  0.24813   2.11490   1.000 13.25165 ?  173 LEU A CB  1 
ATOM   755 C  CG  . LEU A 1 110 ? -4.22494  1.15491   1.35367   1.000 17.01019 ?  173 LEU A CG  1 
ATOM   756 C  CD1 . LEU A 1 110 ? -2.89545  1.24885   2.12744   1.000 14.96681 ?  173 LEU A CD1 1 
ATOM   757 C  CD2 . LEU A 1 110 ? -3.95556  0.66209   -0.05494  1.000 17.49355 ?  173 LEU A CD2 1 
ATOM   758 N  N   . ALA A 1 111 ? -6.68619  -1.72403  0.21812   1.000 13.94681 ?  174 ALA A N   1 
ATOM   759 C  CA  . ALA A 1 111 ? -6.77704  -2.33160  -1.11016  1.000 12.95687 ?  174 ALA A CA  1 
ATOM   760 C  C   . ALA A 1 111 ? -8.20557  -2.27500  -1.65988  1.000 16.75737 ?  174 ALA A C   1 
ATOM   761 O  O   . ALA A 1 111 ? -8.41081  -1.94551  -2.83414  1.000 17.20175 ?  174 ALA A O   1 
ATOM   762 C  CB  . ALA A 1 111 ? -6.26716  -3.77214  -1.07579  1.000 13.10840 ?  174 ALA A CB  1 
ATOM   763 N  N   . LYS A 1 112 ? -9.20220  -2.56033  -0.81728  1.000 17.17387 ?  175 LYS A N   1 
ATOM   764 C  CA  . LYS A 1 112 ? -10.59075 -2.56941  -1.28615  1.000 17.42188 ?  175 LYS A CA  1 
ATOM   765 C  C   . LYS A 1 112 ? -11.06950 -1.17360  -1.65548  1.000 18.81890 ?  175 LYS A C   1 
ATOM   766 O  O   . LYS A 1 112 ? -11.78404 -1.00007  -2.64982  1.000 22.79426 ?  175 LYS A O   1 
ATOM   767 C  CB  . LYS A 1 112 ? -11.51041 -3.16456  -0.21979  1.000 19.13338 ?  175 LYS A CB  1 
ATOM   768 C  CG  . LYS A 1 112 ? -11.14372 -4.57513  0.20261   1.000 23.34830 ?  175 LYS A CG  1 
ATOM   769 C  CD  . LYS A 1 112 ? -11.64370 -5.63864  -0.72344  1.000 33.09081 ?  175 LYS A CD  1 
ATOM   770 C  CE  . LYS A 1 112 ? -12.47127 -6.66018  0.04688   1.000 36.60970 ?  175 LYS A CE  1 
ATOM   771 N  NZ  . LYS A 1 112 ? -13.30989 -7.48277  -0.87639  1.000 47.61469 ?  175 LYS A NZ  1 
ATOM   772 N  N   . PHE A 1 113 ? -10.69904 -0.16708  -0.88081  1.000 17.27332 ?  176 PHE A N   1 
ATOM   773 C  CA  . PHE A 1 113 ? -11.23323 1.16567   -1.13142  1.000 18.20298 ?  176 PHE A CA  1 
ATOM   774 C  C   . PHE A 1 113 ? -10.38416 1.96413   -2.10788  1.000 23.06856 ?  176 PHE A C   1 
ATOM   775 O  O   . PHE A 1 113 ? -10.76005 3.08441   -2.46757  1.000 24.03696 ?  176 PHE A O   1 
ATOM   776 C  CB  . PHE A 1 113 ? -11.37706 1.94246   0.17903   1.000 18.20945 ?  176 PHE A CB  1 
ATOM   777 C  CG  . PHE A 1 113 ? -12.47478 1.43163   1.08412   1.000 19.90128 ?  176 PHE A CG  1 
ATOM   778 C  CD1 . PHE A 1 113 ? -13.25034 0.33420   0.73706   1.000 22.19288 ?  176 PHE A CD1 1 
ATOM   779 C  CD2 . PHE A 1 113 ? -12.75137 2.08765   2.27686   1.000 23.00864 ?  176 PHE A CD2 1 
ATOM   780 C  CE1 . PHE A 1 113 ? -14.25223 -0.12737  1.58721   1.000 21.61224 ?  176 PHE A CE1 1 
ATOM   781 C  CE2 . PHE A 1 113 ? -13.76554 1.64560   3.11786   1.000 23.44199 ?  176 PHE A CE2 1 
ATOM   782 C  CZ  . PHE A 1 113 ? -14.50424 0.52564   2.77507   1.000 23.59396 ?  176 PHE A CZ  1 
ATOM   783 N  N   . SER A 1 114 ? -9.24592  1.41719   -2.53607  1.000 21.59588 ?  177 SER A N   1 
ATOM   784 C  CA  . SER A 1 114 ? -8.40968  2.09277   -3.52148  1.000 21.81974 ?  177 SER A CA  1 
ATOM   785 C  C   . SER A 1 114 ? -9.12404  2.26828   -4.84795  1.000 27.06456 ?  177 SER A C   1 
ATOM   786 O  O   . SER A 1 114 ? -8.75559  3.15769   -5.62385  1.000 28.37371 ?  177 SER A O   1 
ATOM   787 C  CB  . SER A 1 114 ? -7.12975  1.28924   -3.75516  1.000 21.28921 ?  177 SER A CB  1 
ATOM   788 O  OG  . SER A 1 114 ? -7.42775  0.06034   -4.39052  1.000 22.72846 ?  177 SER A OG  1 
ATOM   789 N  N   . GLU A 1 115 ? -10.12249 1.42534   -5.11913  1.000 27.88897 ?  178 GLU A N   1 
ATOM   790 C  CA  . GLU A 1 115 ? -10.86173 1.41245   -6.38063  1.000 37.31396 ?  178 GLU A CA  1 
ATOM   791 C  C   . GLU A 1 115 ? -9.95347  1.16514   -7.58070  1.000 39.66833 ?  178 GLU A C   1 
ATOM   792 O  O   . GLU A 1 115 ? -10.21397 1.64450   -8.68798  1.000 40.88473 ?  178 GLU A O   1 
ATOM   793 C  CB  . GLU A 1 115 ? -11.68893 2.68561   -6.55665  1.000 38.62251 ?  178 GLU A CB  1 
ATOM   794 C  CG  . GLU A 1 115 ? -13.02072 2.58902   -5.83005  1.000 42.46721 ?  178 GLU A CG  1 
ATOM   795 C  CD  . GLU A 1 115 ? -13.73104 3.91268   -5.70331  1.000 50.36691 ?  178 GLU A CD  1 
ATOM   796 O  OE1 . GLU A 1 115 ? -13.36610 4.85742   -6.43580  1.000 51.21358 ?  178 GLU A OE1 1 
ATOM   797 O  OE2 . GLU A 1 115 ? -14.67315 3.99538   -4.88482  1.000 53.32123 -1 178 GLU A OE2 1 
ATOM   798 N  N   . ILE A 1 116 ? -8.89496  0.39667   -7.36470  1.000 35.88004 ?  179 ILE A N   1 
ATOM   799 C  CA  . ILE A 1 116 ? -8.12286  -0.18253  -8.44274  1.000 38.27921 ?  179 ILE A CA  1 
ATOM   800 C  C   . ILE A 1 116 ? -8.65715  -1.58930  -8.70109  1.000 40.44673 ?  179 ILE A C   1 
ATOM   801 O  O   . ILE A 1 116 ? -9.43641  -2.12604  -7.92106  1.000 39.72752 ?  179 ILE A O   1 
ATOM   802 C  CB  . ILE A 1 116 ? -6.60787  -0.16245  -8.12391  1.000 33.81496 ?  179 ILE A CB  1 
ATOM   803 C  CG1 . ILE A 1 116 ? -6.17023  1.27223   -7.85051  1.000 31.66073 ?  179 ILE A CG1 1 
ATOM   804 C  CG2 . ILE A 1 116 ? -5.78034  -0.66068  -9.27353  1.000 36.44262 ?  179 ILE A CG2 1 
ATOM   805 C  CD1 . ILE A 1 116 ? -4.72489  1.40833   -7.57415  1.000 26.03103 ?  179 ILE A CD1 1 
ATOM   806 N  N   . ASP A 1 117 ? -8.23989  -2.18954  -9.82552  1.000 48.92691 ?  180 ASP A N   1 
ATOM   807 C  CA  . ASP A 1 117 ? -8.71649  -3.49003  -10.32992 1.000 45.95167 ?  180 ASP A CA  1 
ATOM   808 C  C   . ASP A 1 117 ? -10.09886 -3.30966  -10.93317 1.000 51.67629 ?  180 ASP A C   1 
ATOM   809 O  O   . ASP A 1 117 ? -10.52898 -2.18324  -11.17995 1.000 55.64257 ?  180 ASP A O   1 
ATOM   810 C  CB  . ASP A 1 117 ? -8.74818  -4.57632  -9.24023  1.000 42.29301 ?  180 ASP A CB  1 
ATOM   811 C  CG  . ASP A 1 117 ? -7.60166  -5.56005  -9.35073  1.000 47.50377 ?  180 ASP A CG  1 
ATOM   812 O  OD1 . ASP A 1 117 ? -7.22595  -5.91393  -10.49364 1.000 51.07728 ?  180 ASP A OD1 1 
ATOM   813 O  OD2 . ASP A 1 117 ? -7.08572  -5.99481  -8.29591  1.000 50.18002 -1 180 ASP A OD2 1 
HETATM 814 ZN ZN  . ZN  B 2 .   ? 6.81775   10.45086  0.94082   0.574 20.02112 ?  201 ZN  A ZN  1 
HETATM 815 ZN ZN  . ZN  C 2 .   ? 9.84871   0.15989   4.41361   0.598 16.90874 ?  202 ZN  A ZN  1 
HETATM 816 ZN ZN  . ZN  D 2 .   ? 0.20069   10.08824  13.72469  0.302 26.89629 ?  203 ZN  A ZN  1 
HETATM 817 ZN ZN  . ZN  E 2 .   ? 4.04714   6.79272   16.91676  0.617 16.24192 ?  204 ZN  A ZN  1 
HETATM 818 C  C1  . GOL F 3 .   ? 8.20120   -7.24955  -2.07402  1.000 20.13100 ?  205 GOL A C1  1 
HETATM 819 O  O1  . GOL F 3 .   ? 9.30793   -6.49373  -1.65216  1.000 19.34975 ?  205 GOL A O1  1 
HETATM 820 C  C2  . GOL F 3 .   ? 8.74100   -8.50734  -2.80336  1.000 18.20945 ?  205 GOL A C2  1 
HETATM 821 O  O2  . GOL F 3 .   ? 9.66337   -8.18238  -3.80929  1.000 21.37821 ?  205 GOL A O2  1 
HETATM 822 C  C3  . GOL F 3 .   ? 9.42224   -9.40826  -1.68172  1.000 17.96402 ?  205 GOL A C3  1 
HETATM 823 O  O3  . GOL F 3 .   ? 8.40925   -9.84680  -0.76513  1.000 16.22964 ?  205 GOL A O3  1 
HETATM 824 O  O   . HOH G 4 .   ? 11.09580  1.28947   2.73270   1.000 22.66325 ?  301 HOH A O   1 
HETATM 825 O  O   . HOH G 4 .   ? 11.50602  -4.86473  0.55647   1.000 26.58001 ?  302 HOH A O   1 
HETATM 826 O  O   . HOH G 4 .   ? 6.74453   6.67341   8.58961   1.000 17.86407 ?  303 HOH A O   1 
HETATM 827 O  O   . HOH G 4 .   ? 15.88863  0.35825   7.83012   1.000 20.50757 ?  304 HOH A O   1 
HETATM 828 O  O   . HOH G 4 .   ? -12.00731 3.60468   9.26394   1.000 26.89934 ?  305 HOH A O   1 
HETATM 829 O  O   . HOH G 4 .   ? 7.93251   9.78314   2.90395   1.000 26.18395 ?  306 HOH A O   1 
HETATM 830 O  O   . HOH G 4 .   ? 3.77077   -12.76453 -6.51774  1.000 25.59648 ?  307 HOH A O   1 
HETATM 831 O  O   . HOH G 4 .   ? -3.40006  -8.97037  7.90559   1.000 31.49292 ?  308 HOH A O   1 
HETATM 832 O  O   . HOH G 4 .   ? -0.66939  11.12799  1.24027   1.000 19.59154 ?  309 HOH A O   1 
HETATM 833 O  O   . HOH G 4 .   ? -6.23071  1.49421   17.17955  1.000 33.35934 ?  310 HOH A O   1 
HETATM 834 O  O   . HOH G 4 .   ? -12.57708 9.64532   5.92140   1.000 27.34467 ?  311 HOH A O   1 
HETATM 835 O  O   . HOH G 4 .   ? -7.08096  2.05599   12.92923  1.000 20.49466 ?  312 HOH A O   1 
HETATM 836 O  O   . HOH G 4 .   ? -4.35159  4.75655   -9.70033  1.000 28.38204 ?  313 HOH A O   1 
HETATM 837 O  O   . HOH G 4 .   ? 5.78383   3.56266   10.80873  1.000 20.92618 ?  314 HOH A O   1 
HETATM 838 O  O   . HOH G 4 .   ? 7.56947   -0.82014  10.68408  1.000 21.69295 ?  315 HOH A O   1 
HETATM 839 O  O   . HOH G 4 .   ? 1.15221   -0.17498  16.19043  1.000 25.45467 ?  316 HOH A O   1 
HETATM 840 O  O   . HOH G 4 .   ? 7.48823   12.64114  1.66578   1.000 25.95597 ?  317 HOH A O   1 
HETATM 841 O  O   . HOH G 4 .   ? 5.42876   0.69082   11.36718  1.000 20.54385 ?  318 HOH A O   1 
HETATM 842 O  O   . HOH G 4 .   ? 10.02404  3.30457   -3.55736  1.000 22.41492 ?  319 HOH A O   1 
HETATM 843 O  O   . HOH G 4 .   ? -1.57558  -11.88277 -5.34745  1.000 24.07325 ?  320 HOH A O   1 
HETATM 844 O  O   . HOH G 4 .   ? -6.26856  7.92527   8.62510   1.000 17.45907 ?  321 HOH A O   1 
HETATM 845 O  O   . HOH G 4 .   ? 10.70242  -0.09393  -4.03349  1.000 20.94982 ?  322 HOH A O   1 
HETATM 846 O  O   . HOH G 4 .   ? -0.45519  -7.07360  -19.08384 1.000 20.98864 ?  323 HOH A O   1 
HETATM 847 O  O   . HOH G 4 .   ? -4.04060  -7.93274  -12.86492 1.000 30.82002 ?  324 HOH A O   1 
HETATM 848 O  O   . HOH G 4 .   ? -6.70897  -10.81213 1.67082   1.000 27.03345 ?  325 HOH A O   1 
HETATM 849 O  O   . HOH G 4 .   ? 5.48566   10.55956  8.98941   1.000 27.69465 ?  326 HOH A O   1 
HETATM 850 O  O   . HOH G 4 .   ? 6.24945   -9.37418  4.63451   1.000 31.44928 ?  327 HOH A O   1 
HETATM 851 O  O   . HOH G 4 .   ? 2.80227   -1.67341  15.15109  1.000 29.97618 ?  328 HOH A O   1 
HETATM 852 O  O   . HOH G 4 .   ? 12.84380  -0.68009  -2.02634  1.000 33.02771 ?  329 HOH A O   1 
HETATM 853 O  O   . HOH G 4 .   ? -4.34982  3.43616   -17.27552 1.000 39.06519 ?  330 HOH A O   1 
HETATM 854 O  O   . HOH G 4 .   ? 2.02921   10.74330  12.67299  1.000 31.94785 ?  331 HOH A O   1 
HETATM 855 O  O   . HOH G 4 .   ? -6.98292  9.99902   10.26570  1.000 33.52619 ?  332 HOH A O   1 
# 
